data_2KCM
#
_entry.id   2KCM
#
_entity_poly.entity_id   1
_entity_poly.type   'polypeptide(L)'
_entity_poly.pdbx_seq_one_letter_code
;MKGKVVSYLAAKKYGFIQGDDGESYFLHFSELLDKKDEGKLVKGSMVHFDPTPTPKGLAAKAISLPLEHHHHHH
;
_entity_poly.pdbx_strand_id   A
#
# COMPACT_ATOMS: atom_id res chain seq x y z
N MET A 1 -0.68 -3.60 10.31
CA MET A 1 0.07 -4.73 9.68
C MET A 1 -0.60 -5.09 8.36
N LYS A 2 -1.69 -5.80 8.42
CA LYS A 2 -2.41 -6.23 7.18
C LYS A 2 -3.66 -5.35 6.97
N GLY A 3 -4.07 -5.23 5.74
CA GLY A 3 -5.28 -4.41 5.43
C GLY A 3 -5.62 -4.55 3.95
N LYS A 4 -6.56 -3.77 3.49
CA LYS A 4 -6.98 -3.82 2.05
C LYS A 4 -6.94 -2.43 1.45
N VAL A 5 -6.51 -2.33 0.21
CA VAL A 5 -6.45 -1.01 -0.46
C VAL A 5 -7.80 -0.70 -1.10
N VAL A 6 -8.41 0.37 -0.67
CA VAL A 6 -9.74 0.76 -1.22
C VAL A 6 -9.55 1.75 -2.37
N SER A 7 -8.50 2.53 -2.33
CA SER A 7 -8.27 3.52 -3.44
C SER A 7 -6.80 3.89 -3.55
N TYR A 8 -6.39 4.26 -4.74
CA TYR A 8 -4.97 4.67 -4.97
C TYR A 8 -4.91 5.57 -6.19
N LEU A 9 -4.57 6.82 -5.98
CA LEU A 9 -4.46 7.80 -7.10
C LEU A 9 -3.01 8.27 -7.25
N ALA A 10 -2.42 7.95 -8.38
CA ALA A 10 -1.00 8.35 -8.64
C ALA A 10 -0.91 9.86 -8.82
N ALA A 11 -1.90 10.46 -9.43
CA ALA A 11 -1.88 11.93 -9.67
C ALA A 11 -1.83 12.68 -8.34
N LYS A 12 -2.52 12.18 -7.35
CA LYS A 12 -2.53 12.85 -6.01
C LYS A 12 -1.48 12.18 -5.12
N LYS A 13 -0.66 11.34 -5.71
CA LYS A 13 0.41 10.60 -4.96
C LYS A 13 -0.07 10.25 -3.55
N TYR A 14 -1.36 10.09 -3.40
CA TYR A 14 -1.93 9.74 -2.07
C TYR A 14 -3.09 8.75 -2.26
N GLY A 15 -2.99 7.62 -1.64
CA GLY A 15 -4.06 6.57 -1.75
C GLY A 15 -4.74 6.38 -0.39
N PHE A 16 -5.47 5.30 -0.25
CA PHE A 16 -6.17 5.02 1.04
C PHE A 16 -6.22 3.51 1.29
N ILE A 17 -5.90 3.12 2.50
CA ILE A 17 -5.92 1.68 2.88
C ILE A 17 -6.69 1.51 4.18
N GLN A 18 -7.59 0.57 4.22
CA GLN A 18 -8.41 0.33 5.45
C GLN A 18 -7.84 -0.85 6.23
N GLY A 19 -7.39 -0.59 7.42
CA GLY A 19 -6.81 -1.67 8.27
C GLY A 19 -7.92 -2.60 8.76
N ASP A 20 -7.56 -3.77 9.19
CA ASP A 20 -8.57 -4.75 9.68
C ASP A 20 -9.25 -4.22 10.94
N ASP A 21 -8.52 -3.53 11.77
CA ASP A 21 -9.10 -2.97 13.03
C ASP A 21 -9.71 -1.60 12.74
N GLY A 22 -9.79 -1.24 11.49
CA GLY A 22 -10.37 0.09 11.10
C GLY A 22 -9.28 1.17 11.15
N GLU A 23 -8.04 0.78 11.12
CA GLU A 23 -6.93 1.77 11.17
C GLU A 23 -6.51 2.15 9.75
N SER A 24 -6.65 3.41 9.42
CA SER A 24 -6.28 3.90 8.06
C SER A 24 -4.77 4.13 7.97
N TYR A 25 -4.28 4.24 6.76
CA TYR A 25 -2.82 4.46 6.56
C TYR A 25 -2.61 5.37 5.35
N PHE A 26 -1.54 6.12 5.36
CA PHE A 26 -1.24 7.05 4.22
C PHE A 26 -0.25 6.40 3.27
N LEU A 27 -0.42 6.65 1.99
CA LEU A 27 0.50 6.07 0.97
C LEU A 27 1.35 7.18 0.35
N HIS A 28 2.64 7.00 0.35
CA HIS A 28 3.56 8.01 -0.23
C HIS A 28 4.70 7.31 -0.98
N PHE A 29 5.33 8.02 -1.86
CA PHE A 29 6.47 7.45 -2.64
C PHE A 29 7.63 7.16 -1.68
N SER A 30 7.79 7.99 -0.69
CA SER A 30 8.88 7.79 0.31
C SER A 30 8.67 6.46 1.03
N GLU A 31 7.47 5.93 0.95
CA GLU A 31 7.16 4.63 1.64
C GLU A 31 7.36 3.48 0.66
N LEU A 32 7.37 3.75 -0.62
CA LEU A 32 7.55 2.67 -1.63
C LEU A 32 9.04 2.34 -1.81
N LEU A 33 9.32 1.08 -1.95
CA LEU A 33 10.73 0.64 -2.14
C LEU A 33 11.27 1.23 -3.45
N ASP A 34 10.46 1.22 -4.47
CA ASP A 34 10.89 1.77 -5.80
C ASP A 34 9.74 2.58 -6.40
N LYS A 35 10.08 3.54 -7.22
CA LYS A 35 9.04 4.39 -7.87
C LYS A 35 8.23 3.54 -8.83
N LYS A 36 8.88 2.65 -9.53
CA LYS A 36 8.17 1.78 -10.50
C LYS A 36 7.20 0.87 -9.76
N ASP A 37 7.59 0.38 -8.61
CA ASP A 37 6.71 -0.52 -7.81
C ASP A 37 5.33 0.14 -7.65
N GLU A 38 5.21 1.38 -8.03
CA GLU A 38 3.91 2.08 -7.93
C GLU A 38 2.94 1.50 -8.96
N GLY A 39 3.46 1.15 -10.11
CA GLY A 39 2.61 0.59 -11.20
C GLY A 39 2.42 -0.90 -10.95
N LYS A 40 3.14 -1.45 -10.02
CA LYS A 40 3.01 -2.90 -9.72
C LYS A 40 2.00 -3.10 -8.58
N LEU A 41 1.44 -2.02 -8.09
CA LEU A 41 0.44 -2.11 -6.98
C LEU A 41 -0.85 -2.71 -7.51
N VAL A 42 -1.60 -3.35 -6.65
CA VAL A 42 -2.89 -3.99 -7.09
C VAL A 42 -4.07 -3.28 -6.44
N LYS A 43 -4.94 -2.75 -7.27
CA LYS A 43 -6.14 -2.03 -6.75
C LYS A 43 -7.32 -3.00 -6.61
N GLY A 44 -8.02 -2.90 -5.52
CA GLY A 44 -9.21 -3.77 -5.28
C GLY A 44 -8.78 -5.12 -4.70
N SER A 45 -7.67 -5.17 -4.00
CA SER A 45 -7.23 -6.47 -3.42
C SER A 45 -6.45 -6.25 -2.12
N MET A 46 -5.75 -7.27 -1.69
CA MET A 46 -4.96 -7.20 -0.44
C MET A 46 -3.56 -6.66 -0.70
N VAL A 47 -3.04 -5.92 0.24
CA VAL A 47 -1.67 -5.33 0.11
C VAL A 47 -0.91 -5.56 1.40
N HIS A 48 0.39 -5.46 1.36
CA HIS A 48 1.23 -5.66 2.59
C HIS A 48 2.01 -4.40 2.90
N PHE A 49 1.85 -3.91 4.10
CA PHE A 49 2.58 -2.68 4.53
C PHE A 49 2.84 -2.76 6.03
N ASP A 50 3.84 -2.03 6.49
CA ASP A 50 4.18 -2.04 7.95
C ASP A 50 3.68 -0.74 8.60
N PRO A 51 3.34 -0.79 9.86
CA PRO A 51 2.85 0.40 10.61
C PRO A 51 3.93 1.46 10.80
N THR A 52 3.51 2.70 10.92
CA THR A 52 4.47 3.80 11.12
C THR A 52 3.77 4.93 11.90
N PRO A 53 4.39 5.46 12.94
CA PRO A 53 3.79 6.57 13.75
C PRO A 53 3.82 7.91 13.00
N THR A 54 4.98 8.46 12.87
CA THR A 54 5.14 9.76 12.16
C THR A 54 4.30 10.85 12.86
N PRO A 55 4.74 12.08 12.82
CA PRO A 55 4.00 13.21 13.45
C PRO A 55 2.51 13.17 13.11
N LYS A 56 2.19 12.78 11.91
CA LYS A 56 0.76 12.72 11.47
C LYS A 56 0.01 11.70 12.33
N GLY A 57 0.63 10.57 12.59
CA GLY A 57 -0.03 9.52 13.41
C GLY A 57 -0.08 8.21 12.63
N LEU A 58 -0.98 8.14 11.69
CA LEU A 58 -1.13 6.88 10.88
C LEU A 58 -0.35 7.01 9.58
N ALA A 59 0.48 6.03 9.31
CA ALA A 59 1.29 6.06 8.07
C ALA A 59 1.82 4.66 7.77
N ALA A 60 2.04 4.37 6.52
CA ALA A 60 2.56 3.04 6.10
C ALA A 60 4.05 3.16 5.81
N LYS A 61 4.75 2.06 5.82
CA LYS A 61 6.22 2.08 5.55
C LYS A 61 6.65 0.77 4.90
N ALA A 62 7.51 0.87 3.91
CA ALA A 62 8.03 -0.34 3.20
C ALA A 62 6.87 -1.13 2.60
N ILE A 63 6.22 -0.58 1.61
CA ILE A 63 5.07 -1.26 0.97
C ILE A 63 5.56 -2.51 0.25
N SER A 64 4.83 -3.59 0.36
CA SER A 64 5.24 -4.88 -0.30
C SER A 64 4.06 -5.48 -1.04
N LEU A 65 4.35 -6.05 -2.19
CA LEU A 65 3.30 -6.69 -3.04
C LEU A 65 3.55 -8.21 -3.08
N PRO A 66 2.93 -8.96 -2.21
CA PRO A 66 3.10 -10.44 -2.14
C PRO A 66 2.30 -11.16 -3.23
N LEU A 67 1.65 -10.41 -4.08
CA LEU A 67 0.84 -11.02 -5.17
C LEU A 67 1.76 -11.56 -6.28
N GLU A 68 1.28 -12.54 -6.99
CA GLU A 68 2.08 -13.14 -8.10
C GLU A 68 2.80 -12.06 -8.89
N HIS A 69 4.03 -12.32 -9.25
CA HIS A 69 4.82 -11.33 -10.02
C HIS A 69 4.20 -11.13 -11.40
N HIS A 70 3.81 -12.21 -12.04
CA HIS A 70 3.20 -12.10 -13.40
C HIS A 70 1.75 -12.59 -13.34
N HIS A 71 0.83 -11.66 -13.30
CA HIS A 71 -0.60 -12.02 -13.25
C HIS A 71 -1.01 -12.65 -14.58
N HIS A 72 -0.52 -12.12 -15.67
CA HIS A 72 -0.88 -12.65 -17.02
C HIS A 72 0.05 -13.82 -17.37
N HIS A 73 -0.53 -14.88 -17.86
CA HIS A 73 0.27 -16.09 -18.24
C HIS A 73 0.20 -16.30 -19.76
N HIS A 74 1.27 -16.81 -20.32
CA HIS A 74 1.31 -17.05 -21.79
C HIS A 74 2.18 -18.29 -22.07
N MET A 1 -0.63 -6.66 10.67
CA MET A 1 -0.06 -7.73 9.79
C MET A 1 -0.23 -7.30 8.34
N LYS A 2 -1.39 -6.83 7.99
CA LYS A 2 -1.63 -6.38 6.58
C LYS A 2 -2.94 -5.62 6.50
N GLY A 3 -3.45 -5.44 5.31
CA GLY A 3 -4.72 -4.70 5.12
C GLY A 3 -5.13 -4.72 3.65
N LYS A 4 -6.09 -3.90 3.30
CA LYS A 4 -6.57 -3.85 1.88
C LYS A 4 -6.63 -2.39 1.43
N VAL A 5 -6.13 -2.14 0.25
CA VAL A 5 -6.14 -0.75 -0.29
C VAL A 5 -7.53 -0.45 -0.85
N VAL A 6 -8.24 0.43 -0.21
CA VAL A 6 -9.61 0.79 -0.67
C VAL A 6 -9.52 1.66 -1.93
N SER A 7 -8.50 2.47 -2.02
CA SER A 7 -8.36 3.35 -3.22
C SER A 7 -6.92 3.87 -3.35
N TYR A 8 -6.53 4.17 -4.56
CA TYR A 8 -5.16 4.69 -4.81
C TYR A 8 -5.19 5.55 -6.07
N LEU A 9 -5.20 6.84 -5.91
CA LEU A 9 -5.23 7.77 -7.07
C LEU A 9 -3.81 8.22 -7.41
N ALA A 10 -3.34 7.78 -8.54
CA ALA A 10 -1.97 8.14 -8.99
C ALA A 10 -1.91 9.63 -9.32
N ALA A 11 -2.97 10.17 -9.86
CA ALA A 11 -2.98 11.62 -10.22
C ALA A 11 -2.77 12.44 -8.96
N LYS A 12 -3.35 12.02 -7.87
CA LYS A 12 -3.20 12.76 -6.58
C LYS A 12 -2.03 12.13 -5.79
N LYS A 13 -1.38 11.16 -6.39
CA LYS A 13 -0.23 10.46 -5.75
C LYS A 13 -0.58 10.08 -4.32
N TYR A 14 -1.84 10.11 -3.97
CA TYR A 14 -2.25 9.72 -2.58
C TYR A 14 -3.61 9.01 -2.63
N GLY A 15 -3.90 8.27 -1.60
CA GLY A 15 -5.19 7.52 -1.54
C GLY A 15 -5.49 7.12 -0.08
N PHE A 16 -6.21 6.05 0.09
CA PHE A 16 -6.58 5.58 1.45
C PHE A 16 -6.46 4.06 1.53
N ILE A 17 -6.23 3.55 2.71
CA ILE A 17 -6.11 2.07 2.90
C ILE A 17 -6.92 1.66 4.13
N GLN A 18 -7.42 0.45 4.12
CA GLN A 18 -8.22 -0.06 5.28
C GLN A 18 -7.45 -1.18 5.98
N GLY A 19 -7.10 -0.96 7.21
CA GLY A 19 -6.35 -1.98 7.99
C GLY A 19 -7.28 -3.07 8.50
N ASP A 20 -6.73 -4.19 8.86
CA ASP A 20 -7.54 -5.32 9.37
C ASP A 20 -8.18 -4.91 10.70
N ASP A 21 -7.49 -4.15 11.49
CA ASP A 21 -8.04 -3.73 12.82
C ASP A 21 -8.86 -2.44 12.62
N GLY A 22 -9.10 -2.08 11.39
CA GLY A 22 -9.90 -0.86 11.09
C GLY A 22 -8.98 0.37 11.10
N GLU A 23 -7.70 0.15 11.21
CA GLU A 23 -6.74 1.29 11.24
C GLU A 23 -6.35 1.68 9.81
N SER A 24 -6.64 2.89 9.44
CA SER A 24 -6.31 3.38 8.08
C SER A 24 -4.82 3.67 7.97
N TYR A 25 -4.31 3.57 6.78
CA TYR A 25 -2.85 3.83 6.55
C TYR A 25 -2.68 4.71 5.31
N PHE A 26 -1.88 5.73 5.42
CA PHE A 26 -1.63 6.65 4.28
C PHE A 26 -0.67 6.02 3.28
N LEU A 27 -0.93 6.23 2.02
CA LEU A 27 -0.05 5.67 0.96
C LEU A 27 0.61 6.81 0.20
N HIS A 28 1.91 6.89 0.25
CA HIS A 28 2.65 7.96 -0.47
C HIS A 28 3.92 7.40 -1.10
N PHE A 29 4.52 8.16 -1.98
CA PHE A 29 5.75 7.72 -2.68
C PHE A 29 6.88 7.51 -1.66
N SER A 30 6.97 8.38 -0.70
CA SER A 30 8.04 8.26 0.33
C SER A 30 7.90 6.94 1.09
N GLU A 31 6.76 6.31 1.01
CA GLU A 31 6.55 5.01 1.71
C GLU A 31 6.89 3.86 0.76
N LEU A 32 7.13 4.17 -0.48
CA LEU A 32 7.46 3.11 -1.49
C LEU A 32 8.96 2.85 -1.50
N LEU A 33 9.33 1.61 -1.29
CA LEU A 33 10.78 1.24 -1.30
C LEU A 33 11.34 1.50 -2.68
N ASP A 34 10.59 1.16 -3.70
CA ASP A 34 11.06 1.38 -5.10
C ASP A 34 9.99 2.16 -5.87
N LYS A 35 10.40 3.19 -6.54
CA LYS A 35 9.45 4.05 -7.31
C LYS A 35 8.81 3.22 -8.42
N LYS A 36 9.56 2.33 -9.00
CA LYS A 36 9.01 1.49 -10.11
C LYS A 36 7.82 0.67 -9.58
N ASP A 37 7.89 0.23 -8.36
CA ASP A 37 6.79 -0.58 -7.77
C ASP A 37 5.51 0.26 -7.70
N GLU A 38 5.64 1.53 -7.94
CA GLU A 38 4.44 2.43 -7.89
C GLU A 38 3.49 2.08 -9.03
N GLY A 39 4.02 1.76 -10.18
CA GLY A 39 3.16 1.42 -11.35
C GLY A 39 2.72 -0.03 -11.27
N LYS A 40 3.26 -0.78 -10.35
CA LYS A 40 2.88 -2.22 -10.21
C LYS A 40 1.86 -2.35 -9.08
N LEU A 41 1.43 -1.26 -8.52
CA LEU A 41 0.44 -1.30 -7.41
C LEU A 41 -0.87 -1.91 -7.89
N VAL A 42 -1.63 -2.44 -6.97
CA VAL A 42 -2.94 -3.09 -7.34
C VAL A 42 -4.07 -2.46 -6.53
N LYS A 43 -5.11 -2.07 -7.23
CA LYS A 43 -6.29 -1.44 -6.58
C LYS A 43 -7.40 -2.46 -6.33
N GLY A 44 -7.99 -2.41 -5.18
CA GLY A 44 -9.11 -3.34 -4.82
C GLY A 44 -8.58 -4.70 -4.39
N SER A 45 -7.35 -4.76 -3.93
CA SER A 45 -6.78 -6.09 -3.50
C SER A 45 -6.03 -5.94 -2.17
N MET A 46 -5.60 -7.06 -1.65
CA MET A 46 -4.87 -7.09 -0.35
C MET A 46 -3.42 -6.67 -0.57
N VAL A 47 -2.89 -5.94 0.37
CA VAL A 47 -1.47 -5.48 0.27
C VAL A 47 -0.77 -5.73 1.60
N HIS A 48 0.54 -5.70 1.58
CA HIS A 48 1.33 -5.94 2.83
C HIS A 48 2.20 -4.73 3.13
N PHE A 49 2.22 -4.33 4.37
CA PHE A 49 3.04 -3.15 4.78
C PHE A 49 3.44 -3.30 6.25
N ASP A 50 4.51 -2.64 6.61
CA ASP A 50 5.01 -2.72 8.02
C ASP A 50 4.46 -1.53 8.82
N PRO A 51 4.39 -1.67 10.12
CA PRO A 51 3.90 -0.58 11.01
C PRO A 51 4.68 0.72 10.87
N THR A 52 4.02 1.83 11.07
CA THR A 52 4.70 3.16 10.95
C THR A 52 4.38 3.99 12.21
N PRO A 53 5.24 3.96 13.19
CA PRO A 53 5.03 4.73 14.46
C PRO A 53 4.73 6.20 14.23
N THR A 54 3.80 6.73 14.99
CA THR A 54 3.44 8.17 14.85
C THR A 54 2.37 8.54 15.89
N PRO A 55 2.42 9.73 16.42
CA PRO A 55 1.43 10.20 17.45
C PRO A 55 0.01 10.30 16.87
N LYS A 56 -0.08 10.64 15.61
CA LYS A 56 -1.41 10.77 14.96
C LYS A 56 -1.24 11.04 13.46
N GLY A 57 -1.95 10.29 12.66
CA GLY A 57 -1.86 10.47 11.17
C GLY A 57 -1.83 9.11 10.48
N LEU A 58 -1.25 8.13 11.12
CA LEU A 58 -1.15 6.76 10.52
C LEU A 58 -0.39 6.81 9.21
N ALA A 59 0.35 5.77 8.93
CA ALA A 59 1.13 5.70 7.67
C ALA A 59 1.61 4.27 7.42
N ALA A 60 1.89 3.96 6.18
CA ALA A 60 2.36 2.59 5.82
C ALA A 60 3.88 2.60 5.60
N LYS A 61 4.54 1.64 6.17
CA LYS A 61 6.04 1.55 6.02
C LYS A 61 6.41 0.29 5.25
N ALA A 62 7.33 0.44 4.33
CA ALA A 62 7.80 -0.70 3.49
C ALA A 62 6.62 -1.42 2.85
N ILE A 63 5.94 -0.76 1.96
CA ILE A 63 4.77 -1.38 1.28
C ILE A 63 5.26 -2.42 0.28
N SER A 64 4.60 -3.55 0.23
CA SER A 64 5.00 -4.63 -0.72
C SER A 64 3.77 -5.15 -1.46
N LEU A 65 3.99 -5.62 -2.67
CA LEU A 65 2.87 -6.16 -3.51
C LEU A 65 3.19 -7.62 -3.87
N PRO A 66 2.88 -8.54 -2.98
CA PRO A 66 3.13 -9.99 -3.20
C PRO A 66 2.05 -10.62 -4.07
N LEU A 67 1.14 -9.81 -4.56
CA LEU A 67 0.04 -10.33 -5.42
C LEU A 67 0.54 -10.39 -6.87
N GLU A 68 1.75 -9.94 -7.08
CA GLU A 68 2.33 -9.96 -8.46
C GLU A 68 2.67 -11.39 -8.87
N HIS A 69 3.65 -11.54 -9.72
CA HIS A 69 4.06 -12.88 -10.19
C HIS A 69 2.88 -13.56 -10.88
N HIS A 70 2.57 -13.11 -12.06
CA HIS A 70 1.43 -13.72 -12.82
C HIS A 70 1.51 -13.29 -14.29
N HIS A 71 2.41 -13.88 -15.01
CA HIS A 71 2.57 -13.54 -16.47
C HIS A 71 3.13 -14.75 -17.23
N HIS A 72 3.05 -14.70 -18.52
CA HIS A 72 3.57 -15.82 -19.36
C HIS A 72 3.69 -15.37 -20.82
N HIS A 73 4.88 -15.40 -21.34
CA HIS A 73 5.11 -14.99 -22.76
C HIS A 73 6.35 -15.67 -23.32
N HIS A 74 6.28 -16.08 -24.55
CA HIS A 74 7.45 -16.75 -25.20
C HIS A 74 7.22 -16.81 -26.72
N MET A 1 -1.89 -3.73 10.27
CA MET A 1 -0.72 -4.47 9.73
C MET A 1 -1.07 -5.01 8.35
N LYS A 2 -1.97 -5.95 8.27
CA LYS A 2 -2.36 -6.53 6.95
C LYS A 2 -3.84 -6.24 6.68
N GLY A 3 -4.15 -5.82 5.49
CA GLY A 3 -5.57 -5.51 5.15
C GLY A 3 -5.72 -5.39 3.63
N LYS A 4 -6.59 -4.52 3.18
CA LYS A 4 -6.82 -4.35 1.71
C LYS A 4 -6.79 -2.86 1.36
N VAL A 5 -6.30 -2.54 0.18
CA VAL A 5 -6.24 -1.12 -0.23
C VAL A 5 -7.64 -0.64 -0.62
N VAL A 6 -8.19 0.27 0.15
CA VAL A 6 -9.56 0.79 -0.16
C VAL A 6 -9.49 1.82 -1.28
N SER A 7 -8.44 2.59 -1.35
CA SER A 7 -8.33 3.61 -2.42
C SER A 7 -6.87 3.84 -2.81
N TYR A 8 -6.63 4.11 -4.06
CA TYR A 8 -5.24 4.37 -4.53
C TYR A 8 -5.29 5.07 -5.87
N LEU A 9 -5.08 6.37 -5.90
CA LEU A 9 -5.13 7.12 -7.19
C LEU A 9 -3.73 7.70 -7.48
N ALA A 10 -3.11 7.23 -8.51
CA ALA A 10 -1.76 7.71 -8.88
C ALA A 10 -1.83 9.19 -9.30
N ALA A 11 -2.99 9.65 -9.69
CA ALA A 11 -3.14 11.06 -10.13
C ALA A 11 -2.57 12.01 -9.06
N LYS A 12 -3.01 11.87 -7.84
CA LYS A 12 -2.49 12.77 -6.76
C LYS A 12 -1.38 12.04 -5.99
N LYS A 13 -1.06 10.85 -6.42
CA LYS A 13 0.02 10.07 -5.74
C LYS A 13 -0.32 9.87 -4.26
N TYR A 14 -1.57 9.64 -3.96
CA TYR A 14 -1.98 9.42 -2.53
C TYR A 14 -3.18 8.49 -2.47
N GLY A 15 -3.40 7.87 -1.35
CA GLY A 15 -4.56 6.94 -1.22
C GLY A 15 -4.72 6.52 0.23
N PHE A 16 -5.55 5.53 0.48
CA PHE A 16 -5.78 5.07 1.88
C PHE A 16 -5.85 3.55 1.90
N ILE A 17 -5.60 2.94 3.05
CA ILE A 17 -5.66 1.46 3.15
C ILE A 17 -6.51 1.06 4.36
N GLN A 18 -7.39 0.11 4.19
CA GLN A 18 -8.26 -0.32 5.32
C GLN A 18 -7.62 -1.51 6.04
N GLY A 19 -6.96 -1.24 7.14
CA GLY A 19 -6.29 -2.33 7.90
C GLY A 19 -7.32 -3.31 8.49
N ASP A 20 -6.87 -4.40 9.03
CA ASP A 20 -7.80 -5.41 9.61
C ASP A 20 -8.50 -4.79 10.82
N ASP A 21 -7.82 -3.96 11.56
CA ASP A 21 -8.45 -3.31 12.74
C ASP A 21 -9.26 -2.10 12.28
N GLY A 22 -9.27 -1.84 11.00
CA GLY A 22 -10.02 -0.67 10.47
C GLY A 22 -9.19 0.59 10.63
N GLU A 23 -7.89 0.45 10.71
CA GLU A 23 -7.01 1.64 10.88
C GLU A 23 -6.62 2.20 9.51
N SER A 24 -7.07 3.39 9.20
CA SER A 24 -6.75 3.99 7.88
C SER A 24 -5.29 4.46 7.86
N TYR A 25 -4.67 4.41 6.71
CA TYR A 25 -3.25 4.86 6.58
C TYR A 25 -3.15 5.96 5.52
N PHE A 26 -2.28 6.91 5.73
CA PHE A 26 -2.12 8.02 4.77
C PHE A 26 -1.68 7.46 3.41
N LEU A 27 -0.75 6.54 3.42
CA LEU A 27 -0.26 5.94 2.14
C LEU A 27 0.56 6.98 1.38
N HIS A 28 1.86 6.93 1.53
CA HIS A 28 2.75 7.91 0.82
C HIS A 28 3.65 7.16 -0.16
N PHE A 29 3.53 7.47 -1.42
CA PHE A 29 4.37 6.80 -2.45
C PHE A 29 5.85 7.02 -2.10
N SER A 30 6.14 8.02 -1.32
CA SER A 30 7.54 8.30 -0.94
C SER A 30 8.08 7.18 -0.05
N GLU A 31 7.20 6.40 0.53
CA GLU A 31 7.66 5.28 1.41
C GLU A 31 7.87 4.02 0.56
N LEU A 32 7.71 4.14 -0.72
CA LEU A 32 7.90 2.94 -1.59
C LEU A 32 9.39 2.66 -1.79
N LEU A 33 9.78 1.42 -1.66
CA LEU A 33 11.21 1.06 -1.84
C LEU A 33 11.62 1.36 -3.28
N ASP A 34 10.78 1.02 -4.22
CA ASP A 34 11.09 1.28 -5.66
C ASP A 34 10.01 2.17 -6.27
N LYS A 35 10.40 3.32 -6.76
CA LYS A 35 9.41 4.24 -7.38
C LYS A 35 8.78 3.57 -8.61
N LYS A 36 9.57 2.81 -9.34
CA LYS A 36 9.04 2.12 -10.54
C LYS A 36 7.93 1.15 -10.15
N ASP A 37 8.09 0.48 -9.03
CA ASP A 37 7.04 -0.49 -8.58
C ASP A 37 5.77 0.26 -8.17
N GLU A 38 5.83 1.57 -8.14
CA GLU A 38 4.63 2.35 -7.75
C GLU A 38 3.50 2.09 -8.75
N GLY A 39 3.83 1.95 -10.00
CA GLY A 39 2.80 1.68 -11.03
C GLY A 39 2.47 0.18 -11.05
N LYS A 40 3.21 -0.60 -10.31
CA LYS A 40 2.95 -2.07 -10.29
C LYS A 40 1.98 -2.40 -9.15
N LEU A 41 1.61 -1.41 -8.38
CA LEU A 41 0.69 -1.65 -7.24
C LEU A 41 -0.64 -2.18 -7.73
N VAL A 42 -1.47 -2.65 -6.83
CA VAL A 42 -2.80 -3.20 -7.22
C VAL A 42 -3.90 -2.50 -6.42
N LYS A 43 -5.03 -2.26 -7.03
CA LYS A 43 -6.16 -1.57 -6.33
C LYS A 43 -7.31 -2.56 -6.06
N GLY A 44 -7.79 -2.61 -4.85
CA GLY A 44 -8.92 -3.52 -4.51
C GLY A 44 -8.38 -4.85 -3.99
N SER A 45 -7.12 -5.12 -4.20
CA SER A 45 -6.53 -6.42 -3.72
C SER A 45 -5.82 -6.23 -2.38
N MET A 46 -5.19 -7.27 -1.91
CA MET A 46 -4.48 -7.20 -0.61
C MET A 46 -3.11 -6.52 -0.78
N VAL A 47 -2.66 -5.83 0.23
CA VAL A 47 -1.32 -5.15 0.14
C VAL A 47 -0.59 -5.33 1.47
N HIS A 48 0.72 -5.35 1.43
CA HIS A 48 1.51 -5.52 2.69
C HIS A 48 2.00 -4.16 3.17
N PHE A 49 1.72 -3.80 4.40
CA PHE A 49 2.19 -2.50 4.95
C PHE A 49 2.59 -2.70 6.41
N ASP A 50 3.56 -1.95 6.86
CA ASP A 50 4.03 -2.09 8.29
C ASP A 50 3.60 -0.84 9.08
N PRO A 51 3.41 -0.98 10.36
CA PRO A 51 2.99 0.15 11.24
C PRO A 51 4.07 1.24 11.32
N THR A 52 3.67 2.49 11.30
CA THR A 52 4.65 3.60 11.39
C THR A 52 3.95 4.83 11.97
N PRO A 53 3.94 4.97 13.27
CA PRO A 53 3.29 6.14 13.95
C PRO A 53 3.80 7.48 13.41
N THR A 54 2.92 8.43 13.24
CA THR A 54 3.34 9.77 12.72
C THR A 54 2.38 10.83 13.26
N PRO A 55 2.82 12.07 13.33
CA PRO A 55 1.98 13.20 13.84
C PRO A 55 0.74 13.43 12.95
N LYS A 56 0.76 12.93 11.75
CA LYS A 56 -0.41 13.12 10.85
C LYS A 56 -1.47 12.08 11.19
N GLY A 57 -1.21 11.26 12.17
CA GLY A 57 -2.20 10.21 12.58
C GLY A 57 -1.63 8.82 12.30
N LEU A 58 -1.81 8.32 11.11
CA LEU A 58 -1.28 6.96 10.76
C LEU A 58 -0.46 7.02 9.47
N ALA A 59 0.55 6.20 9.38
CA ALA A 59 1.41 6.19 8.15
C ALA A 59 1.92 4.77 7.94
N ALA A 60 2.24 4.43 6.71
CA ALA A 60 2.75 3.05 6.41
C ALA A 60 4.18 3.15 5.89
N LYS A 61 4.99 2.17 6.23
CA LYS A 61 6.42 2.18 5.77
C LYS A 61 6.76 0.84 5.12
N ALA A 62 7.56 0.88 4.10
CA ALA A 62 7.97 -0.38 3.40
C ALA A 62 6.74 -1.12 2.90
N ILE A 63 6.09 -0.59 1.89
CA ILE A 63 4.88 -1.26 1.33
C ILE A 63 5.30 -2.11 0.13
N SER A 64 4.90 -3.36 0.11
CA SER A 64 5.27 -4.26 -1.03
C SER A 64 4.04 -4.98 -1.56
N LEU A 65 4.08 -5.39 -2.80
CA LEU A 65 2.92 -6.10 -3.40
C LEU A 65 3.14 -7.62 -3.27
N PRO A 66 2.34 -8.31 -2.47
CA PRO A 66 2.48 -9.78 -2.28
C PRO A 66 1.86 -10.57 -3.45
N LEU A 67 1.35 -9.87 -4.41
CA LEU A 67 0.71 -10.57 -5.57
C LEU A 67 1.80 -11.17 -6.48
N GLU A 68 1.57 -12.38 -6.93
CA GLU A 68 2.53 -13.06 -7.85
C GLU A 68 3.93 -13.10 -7.22
N HIS A 69 4.81 -13.89 -7.77
CA HIS A 69 6.19 -13.98 -7.24
C HIS A 69 7.16 -14.38 -8.36
N HIS A 70 8.43 -14.11 -8.19
CA HIS A 70 9.43 -14.45 -9.25
C HIS A 70 10.28 -15.64 -8.79
N HIS A 71 10.26 -16.72 -9.52
CA HIS A 71 11.07 -17.92 -9.13
C HIS A 71 12.40 -17.93 -9.89
N HIS A 72 13.46 -18.29 -9.22
CA HIS A 72 14.79 -18.32 -9.89
C HIS A 72 14.77 -19.28 -11.08
N HIS A 73 14.13 -20.41 -10.95
CA HIS A 73 14.08 -21.41 -12.06
C HIS A 73 12.68 -21.43 -12.69
N HIS A 74 12.60 -21.27 -13.97
CA HIS A 74 11.28 -21.28 -14.67
C HIS A 74 10.62 -22.65 -14.51
N MET A 1 -0.73 -10.28 4.25
CA MET A 1 -1.97 -9.46 4.15
C MET A 1 -2.04 -8.53 5.36
N LYS A 2 -1.50 -7.34 5.22
CA LYS A 2 -1.52 -6.36 6.34
C LYS A 2 -2.77 -5.51 6.23
N GLY A 3 -3.59 -5.77 5.24
CA GLY A 3 -4.85 -4.99 5.09
C GLY A 3 -5.31 -5.01 3.63
N LYS A 4 -6.25 -4.17 3.30
CA LYS A 4 -6.78 -4.11 1.90
C LYS A 4 -6.79 -2.66 1.42
N VAL A 5 -6.38 -2.44 0.20
CA VAL A 5 -6.36 -1.06 -0.34
C VAL A 5 -7.75 -0.67 -0.84
N VAL A 6 -8.43 0.17 -0.10
CA VAL A 6 -9.79 0.62 -0.51
C VAL A 6 -9.68 1.54 -1.73
N SER A 7 -8.69 2.38 -1.75
CA SER A 7 -8.54 3.30 -2.91
C SER A 7 -7.07 3.71 -3.06
N TYR A 8 -6.71 4.16 -4.24
CA TYR A 8 -5.31 4.59 -4.48
C TYR A 8 -5.28 5.52 -5.69
N LEU A 9 -4.93 6.77 -5.48
CA LEU A 9 -4.86 7.75 -6.60
C LEU A 9 -3.40 8.14 -6.82
N ALA A 10 -2.78 7.55 -7.80
CA ALA A 10 -1.34 7.85 -8.11
C ALA A 10 -1.22 9.30 -8.57
N ALA A 11 -2.24 9.79 -9.21
CA ALA A 11 -2.21 11.20 -9.71
C ALA A 11 -2.04 12.17 -8.54
N LYS A 12 -2.65 11.87 -7.42
CA LYS A 12 -2.54 12.77 -6.24
C LYS A 12 -1.40 12.28 -5.35
N LYS A 13 -0.70 11.26 -5.80
CA LYS A 13 0.44 10.71 -5.00
C LYS A 13 -0.06 10.29 -3.62
N TYR A 14 -1.34 10.40 -3.38
CA TYR A 14 -1.91 10.03 -2.05
C TYR A 14 -3.12 9.11 -2.24
N GLY A 15 -3.40 8.31 -1.26
CA GLY A 15 -4.55 7.38 -1.36
C GLY A 15 -4.97 6.92 0.03
N PHE A 16 -5.82 5.92 0.10
CA PHE A 16 -6.30 5.42 1.43
C PHE A 16 -6.23 3.90 1.46
N ILE A 17 -6.03 3.34 2.63
CA ILE A 17 -5.96 1.86 2.77
C ILE A 17 -6.81 1.41 3.95
N GLN A 18 -7.19 0.16 3.97
CA GLN A 18 -8.03 -0.38 5.07
C GLN A 18 -7.22 -1.40 5.89
N GLY A 19 -6.85 -1.02 7.08
CA GLY A 19 -6.05 -1.93 7.95
C GLY A 19 -6.90 -3.10 8.45
N ASP A 20 -6.25 -4.14 8.90
CA ASP A 20 -6.98 -5.33 9.42
C ASP A 20 -7.77 -4.95 10.68
N ASP A 21 -7.24 -4.05 11.47
CA ASP A 21 -7.95 -3.63 12.71
C ASP A 21 -8.85 -2.44 12.38
N GLY A 22 -8.97 -2.12 11.12
CA GLY A 22 -9.83 -0.97 10.71
C GLY A 22 -9.02 0.32 10.77
N GLU A 23 -7.72 0.22 10.86
CA GLU A 23 -6.87 1.44 10.94
C GLU A 23 -6.42 1.84 9.53
N SER A 24 -6.79 3.02 9.11
CA SER A 24 -6.43 3.50 7.74
C SER A 24 -4.97 3.95 7.71
N TYR A 25 -4.36 3.88 6.56
CA TYR A 25 -2.94 4.32 6.42
C TYR A 25 -2.76 5.06 5.10
N PHE A 26 -2.08 6.18 5.13
CA PHE A 26 -1.87 6.98 3.90
C PHE A 26 -0.77 6.36 3.05
N LEU A 27 -0.91 6.43 1.75
CA LEU A 27 0.12 5.85 0.84
C LEU A 27 0.80 6.99 0.06
N HIS A 28 2.09 7.13 0.22
CA HIS A 28 2.83 8.20 -0.49
C HIS A 28 4.14 7.63 -1.07
N PHE A 29 4.82 8.42 -1.86
CA PHE A 29 6.11 7.97 -2.47
C PHE A 29 7.12 7.66 -1.37
N SER A 30 7.13 8.46 -0.35
CA SER A 30 8.10 8.27 0.75
C SER A 30 7.90 6.88 1.39
N GLU A 31 6.74 6.30 1.19
CA GLU A 31 6.47 4.96 1.78
C GLU A 31 6.82 3.87 0.76
N LEU A 32 7.07 4.26 -0.46
CA LEU A 32 7.41 3.25 -1.52
C LEU A 32 8.92 3.11 -1.63
N LEU A 33 9.42 1.91 -1.48
CA LEU A 33 10.88 1.67 -1.58
C LEU A 33 11.35 1.99 -2.99
N ASP A 34 10.59 1.59 -3.98
CA ASP A 34 10.97 1.84 -5.39
C ASP A 34 9.78 2.46 -6.13
N LYS A 35 9.92 3.69 -6.55
CA LYS A 35 8.81 4.37 -7.28
C LYS A 35 8.32 3.45 -8.41
N LYS A 36 9.20 2.61 -8.90
CA LYS A 36 8.82 1.66 -9.99
C LYS A 36 7.75 0.70 -9.48
N ASP A 37 7.85 0.30 -8.24
CA ASP A 37 6.85 -0.65 -7.67
C ASP A 37 5.49 0.05 -7.56
N GLU A 38 5.47 1.32 -7.83
CA GLU A 38 4.19 2.09 -7.75
C GLU A 38 3.25 1.58 -8.84
N GLY A 39 3.78 1.19 -9.96
CA GLY A 39 2.93 0.68 -11.07
C GLY A 39 2.63 -0.80 -10.83
N LYS A 40 3.26 -1.39 -9.85
CA LYS A 40 3.02 -2.83 -9.56
C LYS A 40 1.93 -2.94 -8.47
N LEU A 41 1.42 -1.82 -8.04
CA LEU A 41 0.36 -1.83 -6.99
C LEU A 41 -0.92 -2.40 -7.57
N VAL A 42 -1.73 -3.03 -6.75
CA VAL A 42 -3.01 -3.63 -7.24
C VAL A 42 -4.20 -3.02 -6.48
N LYS A 43 -5.15 -2.52 -7.22
CA LYS A 43 -6.35 -1.90 -6.59
C LYS A 43 -7.48 -2.92 -6.44
N GLY A 44 -8.16 -2.86 -5.32
CA GLY A 44 -9.31 -3.80 -5.08
C GLY A 44 -8.79 -5.15 -4.57
N SER A 45 -7.64 -5.18 -3.95
CA SER A 45 -7.11 -6.48 -3.44
C SER A 45 -6.31 -6.28 -2.15
N MET A 46 -5.55 -7.28 -1.78
CA MET A 46 -4.75 -7.20 -0.52
C MET A 46 -3.40 -6.54 -0.79
N VAL A 47 -2.95 -5.76 0.16
CA VAL A 47 -1.63 -5.06 0.00
C VAL A 47 -0.83 -5.20 1.30
N HIS A 48 0.44 -5.51 1.19
CA HIS A 48 1.28 -5.67 2.41
C HIS A 48 2.00 -4.36 2.71
N PHE A 49 1.87 -3.90 3.92
CA PHE A 49 2.56 -2.64 4.31
C PHE A 49 2.87 -2.70 5.81
N ASP A 50 3.93 -2.06 6.22
CA ASP A 50 4.30 -2.08 7.67
C ASP A 50 3.80 -0.80 8.34
N PRO A 51 3.50 -0.85 9.61
CA PRO A 51 3.00 0.32 10.38
C PRO A 51 4.09 1.36 10.61
N THR A 52 3.74 2.44 11.28
CA THR A 52 4.74 3.49 11.56
C THR A 52 4.52 4.04 12.98
N PRO A 53 5.55 4.52 13.63
CA PRO A 53 5.44 5.10 15.00
C PRO A 53 4.31 6.15 15.06
N THR A 54 4.19 6.94 14.03
CA THR A 54 3.13 8.01 13.99
C THR A 54 1.85 7.52 14.68
N PRO A 55 1.63 7.90 15.92
CA PRO A 55 0.43 7.47 16.69
C PRO A 55 -0.80 8.25 16.27
N LYS A 56 -0.60 9.38 15.62
CA LYS A 56 -1.74 10.23 15.16
C LYS A 56 -1.64 10.49 13.66
N GLY A 57 -2.62 10.03 12.92
CA GLY A 57 -2.62 10.23 11.43
C GLY A 57 -2.47 8.87 10.74
N LEU A 58 -1.81 7.95 11.39
CA LEU A 58 -1.61 6.59 10.80
C LEU A 58 -0.87 6.69 9.46
N ALA A 59 0.19 5.95 9.31
CA ALA A 59 0.96 6.01 8.03
C ALA A 59 1.55 4.63 7.72
N ALA A 60 1.59 4.28 6.47
CA ALA A 60 2.14 2.96 6.06
C ALA A 60 3.64 3.08 5.76
N LYS A 61 4.30 1.96 5.65
CA LYS A 61 5.76 1.98 5.36
C LYS A 61 6.16 0.73 4.55
N ALA A 62 7.06 0.90 3.63
CA ALA A 62 7.53 -0.23 2.78
C ALA A 62 6.34 -0.96 2.15
N ILE A 63 5.75 -0.36 1.16
CA ILE A 63 4.58 -0.99 0.49
C ILE A 63 5.07 -2.20 -0.31
N SER A 64 4.38 -3.31 -0.19
CA SER A 64 4.80 -4.54 -0.93
C SER A 64 3.59 -5.25 -1.51
N LEU A 65 3.71 -5.71 -2.72
CA LEU A 65 2.58 -6.41 -3.38
C LEU A 65 2.66 -7.92 -3.07
N PRO A 66 1.60 -8.51 -2.58
CA PRO A 66 1.58 -9.96 -2.26
C PRO A 66 1.53 -10.80 -3.54
N LEU A 67 1.31 -10.16 -4.65
CA LEU A 67 1.24 -10.88 -5.95
C LEU A 67 2.67 -11.13 -6.49
N GLU A 68 2.91 -12.30 -6.99
CA GLU A 68 4.25 -12.64 -7.52
C GLU A 68 4.47 -11.98 -8.89
N HIS A 69 5.65 -12.16 -9.44
CA HIS A 69 5.97 -11.57 -10.77
C HIS A 69 5.12 -12.20 -11.86
N HIS A 70 4.70 -11.40 -12.81
CA HIS A 70 3.85 -11.93 -13.91
C HIS A 70 4.69 -12.81 -14.84
N HIS A 71 4.21 -13.99 -15.12
CA HIS A 71 4.94 -14.91 -16.03
C HIS A 71 3.93 -15.86 -16.68
N HIS A 72 2.93 -16.26 -15.94
CA HIS A 72 1.91 -17.19 -16.51
C HIS A 72 0.97 -16.44 -17.47
N HIS A 73 0.65 -17.06 -18.56
CA HIS A 73 -0.26 -16.42 -19.57
C HIS A 73 -1.66 -16.28 -18.96
N HIS A 74 -2.10 -17.26 -18.23
CA HIS A 74 -3.45 -17.21 -17.61
C HIS A 74 -3.48 -16.13 -16.52
N MET A 1 1.08 -4.38 9.11
CA MET A 1 1.04 -5.87 8.94
C MET A 1 0.19 -6.21 7.72
N LYS A 2 -1.01 -6.66 7.94
CA LYS A 2 -1.92 -7.04 6.81
C LYS A 2 -3.04 -6.02 6.69
N GLY A 3 -3.42 -5.71 5.49
CA GLY A 3 -4.51 -4.73 5.26
C GLY A 3 -4.96 -4.80 3.81
N LYS A 4 -5.85 -3.91 3.42
CA LYS A 4 -6.35 -3.90 2.00
C LYS A 4 -6.32 -2.49 1.45
N VAL A 5 -5.98 -2.37 0.20
CA VAL A 5 -5.92 -1.03 -0.46
C VAL A 5 -7.33 -0.63 -0.90
N VAL A 6 -7.87 0.39 -0.29
CA VAL A 6 -9.23 0.87 -0.65
C VAL A 6 -9.15 1.71 -1.92
N SER A 7 -8.12 2.51 -2.05
CA SER A 7 -8.00 3.36 -3.27
C SER A 7 -6.56 3.83 -3.43
N TYR A 8 -6.22 4.29 -4.61
CA TYR A 8 -4.85 4.80 -4.88
C TYR A 8 -4.92 5.82 -6.01
N LEU A 9 -4.70 7.06 -5.69
CA LEU A 9 -4.76 8.14 -6.72
C LEU A 9 -3.35 8.50 -7.15
N ALA A 10 -2.99 8.10 -8.34
CA ALA A 10 -1.64 8.39 -8.90
C ALA A 10 -1.52 9.89 -9.17
N ALA A 11 -2.58 10.50 -9.63
CA ALA A 11 -2.56 11.96 -9.93
C ALA A 11 -2.30 12.76 -8.65
N LYS A 12 -2.81 12.29 -7.54
CA LYS A 12 -2.61 13.02 -6.26
C LYS A 12 -1.32 12.51 -5.60
N LYS A 13 -0.70 11.52 -6.19
CA LYS A 13 0.56 10.95 -5.64
C LYS A 13 0.25 10.19 -4.34
N TYR A 14 -0.89 10.45 -3.75
CA TYR A 14 -1.24 9.79 -2.46
C TYR A 14 -2.66 9.25 -2.55
N GLY A 15 -2.96 8.29 -1.72
CA GLY A 15 -4.32 7.69 -1.72
C GLY A 15 -4.72 7.27 -0.31
N PHE A 16 -5.32 6.13 -0.19
CA PHE A 16 -5.76 5.66 1.16
C PHE A 16 -5.72 4.13 1.22
N ILE A 17 -5.50 3.61 2.39
CA ILE A 17 -5.44 2.13 2.58
C ILE A 17 -6.29 1.74 3.79
N GLN A 18 -7.10 0.73 3.64
CA GLN A 18 -7.97 0.27 4.77
C GLN A 18 -7.39 -1.00 5.39
N GLY A 19 -7.01 -0.92 6.62
CA GLY A 19 -6.42 -2.09 7.34
C GLY A 19 -7.49 -3.11 7.70
N ASP A 20 -7.08 -4.32 7.96
CA ASP A 20 -8.04 -5.41 8.33
C ASP A 20 -8.64 -5.14 9.70
N ASP A 21 -7.95 -4.38 10.53
CA ASP A 21 -8.47 -4.07 11.90
C ASP A 21 -9.27 -2.77 11.85
N GLY A 22 -9.48 -2.24 10.67
CA GLY A 22 -10.25 -0.98 10.54
C GLY A 22 -9.32 0.22 10.70
N GLU A 23 -8.03 -0.03 10.69
CA GLU A 23 -7.04 1.09 10.84
C GLU A 23 -6.62 1.61 9.46
N SER A 24 -6.95 2.85 9.21
CA SER A 24 -6.60 3.46 7.89
C SER A 24 -5.14 3.93 7.91
N TYR A 25 -4.49 3.89 6.78
CA TYR A 25 -3.07 4.32 6.70
C TYR A 25 -2.86 5.22 5.46
N PHE A 26 -2.13 6.28 5.64
CA PHE A 26 -1.87 7.22 4.52
C PHE A 26 -0.88 6.61 3.54
N LEU A 27 -1.13 6.80 2.27
CA LEU A 27 -0.22 6.23 1.23
C LEU A 27 0.48 7.36 0.48
N HIS A 28 1.78 7.36 0.53
CA HIS A 28 2.58 8.42 -0.16
C HIS A 28 3.79 7.77 -0.84
N PHE A 29 4.39 8.47 -1.76
CA PHE A 29 5.57 7.94 -2.49
C PHE A 29 6.75 7.78 -1.54
N SER A 30 6.87 8.65 -0.59
CA SER A 30 8.00 8.57 0.39
C SER A 30 7.97 7.21 1.09
N GLU A 31 6.85 6.54 1.03
CA GLU A 31 6.73 5.20 1.69
C GLU A 31 7.03 4.11 0.66
N LEU A 32 7.13 4.48 -0.59
CA LEU A 32 7.43 3.48 -1.65
C LEU A 32 8.94 3.33 -1.81
N LEU A 33 9.45 2.19 -1.43
CA LEU A 33 10.91 1.93 -1.54
C LEU A 33 11.35 1.97 -3.00
N ASP A 34 10.55 1.40 -3.87
CA ASP A 34 10.90 1.40 -5.34
C ASP A 34 9.71 1.92 -6.13
N LYS A 35 9.81 3.11 -6.63
CA LYS A 35 8.70 3.70 -7.43
C LYS A 35 8.35 2.75 -8.58
N LYS A 36 9.12 1.72 -8.75
CA LYS A 36 8.84 0.74 -9.84
C LYS A 36 7.50 0.03 -9.58
N ASP A 37 7.22 -0.25 -8.34
CA ASP A 37 5.93 -0.93 -7.99
C ASP A 37 4.76 0.04 -8.16
N GLU A 38 5.07 1.28 -8.41
CA GLU A 38 4.01 2.32 -8.58
C GLU A 38 3.06 1.89 -9.71
N GLY A 39 3.61 1.45 -10.80
CA GLY A 39 2.76 1.02 -11.96
C GLY A 39 2.21 -0.38 -11.71
N LYS A 40 2.70 -1.05 -10.70
CA LYS A 40 2.21 -2.44 -10.39
C LYS A 40 1.51 -2.44 -9.03
N LEU A 41 1.17 -1.28 -8.55
CA LEU A 41 0.49 -1.19 -7.21
C LEU A 41 -0.75 -2.08 -7.21
N VAL A 42 -1.57 -1.93 -6.19
CA VAL A 42 -2.81 -2.76 -6.08
C VAL A 42 -4.02 -1.87 -5.88
N LYS A 43 -5.18 -2.43 -6.12
CA LYS A 43 -6.45 -1.67 -5.96
C LYS A 43 -7.54 -2.61 -5.47
N GLY A 44 -7.74 -2.65 -4.18
CA GLY A 44 -8.81 -3.52 -3.58
C GLY A 44 -8.20 -4.86 -3.15
N SER A 45 -7.02 -5.18 -3.61
CA SER A 45 -6.37 -6.46 -3.24
C SER A 45 -5.64 -6.33 -1.90
N MET A 46 -5.29 -7.45 -1.32
CA MET A 46 -4.58 -7.45 -0.01
C MET A 46 -3.18 -6.86 -0.15
N VAL A 47 -2.76 -6.15 0.86
CA VAL A 47 -1.40 -5.50 0.85
C VAL A 47 -0.69 -5.83 2.16
N HIS A 48 0.61 -5.67 2.16
CA HIS A 48 1.41 -5.96 3.40
C HIS A 48 2.33 -4.79 3.70
N PHE A 49 2.29 -4.32 4.92
CA PHE A 49 3.15 -3.17 5.33
C PHE A 49 3.61 -3.36 6.77
N ASP A 50 4.67 -2.68 7.16
CA ASP A 50 5.19 -2.80 8.54
C ASP A 50 4.80 -1.56 9.36
N PRO A 51 4.71 -1.70 10.66
CA PRO A 51 4.33 -0.57 11.58
C PRO A 51 5.15 0.68 11.31
N THR A 52 4.52 1.83 11.42
CA THR A 52 5.24 3.12 11.19
C THR A 52 5.04 4.05 12.40
N PRO A 53 6.01 4.87 12.70
CA PRO A 53 5.94 5.81 13.85
C PRO A 53 4.96 6.96 13.59
N THR A 54 3.73 6.62 13.31
CA THR A 54 2.70 7.66 13.04
C THR A 54 1.42 7.30 13.80
N PRO A 55 1.50 7.19 15.10
CA PRO A 55 0.32 6.87 15.95
C PRO A 55 -0.68 8.04 15.95
N LYS A 56 -0.22 9.19 15.54
CA LYS A 56 -1.10 10.40 15.49
C LYS A 56 -1.36 10.78 14.03
N GLY A 57 -1.71 9.81 13.23
CA GLY A 57 -1.99 10.10 11.79
C GLY A 57 -1.98 8.78 11.00
N LEU A 58 -1.35 7.78 11.55
CA LEU A 58 -1.27 6.44 10.86
C LEU A 58 -0.54 6.58 9.52
N ALA A 59 0.19 5.57 9.16
CA ALA A 59 0.93 5.63 7.86
C ALA A 59 1.40 4.23 7.47
N ALA A 60 1.60 4.01 6.20
CA ALA A 60 2.05 2.67 5.70
C ALA A 60 3.49 2.76 5.24
N LYS A 61 4.27 1.77 5.58
CA LYS A 61 5.72 1.74 5.19
C LYS A 61 6.08 0.37 4.63
N ALA A 62 6.91 0.36 3.63
CA ALA A 62 7.35 -0.91 3.00
C ALA A 62 6.14 -1.67 2.45
N ILE A 63 5.30 -0.98 1.72
CA ILE A 63 4.08 -1.63 1.14
C ILE A 63 4.50 -2.67 0.11
N SER A 64 3.83 -3.79 0.09
CA SER A 64 4.18 -4.87 -0.88
C SER A 64 2.91 -5.41 -1.53
N LEU A 65 3.04 -5.85 -2.75
CA LEU A 65 1.87 -6.41 -3.50
C LEU A 65 2.00 -7.95 -3.56
N PRO A 66 1.26 -8.67 -2.77
CA PRO A 66 1.30 -10.16 -2.74
C PRO A 66 0.45 -10.76 -3.86
N LEU A 67 -0.20 -9.92 -4.62
CA LEU A 67 -1.07 -10.40 -5.73
C LEU A 67 -0.24 -11.09 -6.81
N GLU A 68 -0.74 -12.18 -7.32
CA GLU A 68 -0.03 -12.94 -8.39
C GLU A 68 1.34 -13.39 -7.87
N HIS A 69 1.38 -14.52 -7.23
CA HIS A 69 2.66 -15.04 -6.68
C HIS A 69 3.50 -15.68 -7.79
N HIS A 70 4.79 -15.61 -7.65
CA HIS A 70 5.71 -16.19 -8.67
C HIS A 70 5.38 -15.63 -10.06
N HIS A 71 6.23 -14.79 -10.57
CA HIS A 71 6.00 -14.18 -11.91
C HIS A 71 6.02 -15.28 -12.97
N HIS A 72 5.12 -15.19 -13.92
CA HIS A 72 5.06 -16.22 -15.00
C HIS A 72 6.07 -15.85 -16.09
N HIS A 73 6.59 -14.65 -16.05
CA HIS A 73 7.58 -14.21 -17.08
C HIS A 73 8.53 -13.15 -16.49
N HIS A 74 9.64 -12.95 -17.14
CA HIS A 74 10.64 -11.94 -16.66
C HIS A 74 11.56 -11.56 -17.82
N MET A 1 -1.30 -8.35 10.75
CA MET A 1 -1.16 -6.88 10.76
C MET A 1 -1.30 -6.36 9.32
N LYS A 2 -1.95 -7.12 8.49
CA LYS A 2 -2.13 -6.72 7.06
C LYS A 2 -3.42 -5.91 6.88
N GLY A 3 -3.74 -5.60 5.66
CA GLY A 3 -4.98 -4.81 5.39
C GLY A 3 -5.33 -4.87 3.91
N LYS A 4 -6.18 -3.98 3.46
CA LYS A 4 -6.57 -3.98 2.02
C LYS A 4 -6.71 -2.54 1.52
N VAL A 5 -6.33 -2.30 0.29
CA VAL A 5 -6.43 -0.93 -0.28
C VAL A 5 -7.89 -0.62 -0.65
N VAL A 6 -8.41 0.47 -0.14
CA VAL A 6 -9.81 0.85 -0.46
C VAL A 6 -9.82 1.94 -1.52
N SER A 7 -8.87 2.83 -1.50
CA SER A 7 -8.84 3.92 -2.52
C SER A 7 -7.40 4.37 -2.79
N TYR A 8 -7.06 4.53 -4.03
CA TYR A 8 -5.68 4.99 -4.40
C TYR A 8 -5.71 5.63 -5.79
N LEU A 9 -5.44 6.91 -5.86
CA LEU A 9 -5.44 7.64 -7.15
C LEU A 9 -4.05 8.21 -7.42
N ALA A 10 -3.49 7.88 -8.56
CA ALA A 10 -2.14 8.38 -8.92
C ALA A 10 -2.17 9.90 -9.04
N ALA A 11 -3.33 10.46 -9.31
CA ALA A 11 -3.44 11.93 -9.45
C ALA A 11 -3.04 12.62 -8.15
N LYS A 12 -3.42 12.05 -7.03
CA LYS A 12 -3.07 12.66 -5.71
C LYS A 12 -1.82 11.98 -5.16
N LYS A 13 -1.34 10.97 -5.86
CA LYS A 13 -0.12 10.22 -5.40
C LYS A 13 -0.42 9.50 -4.10
N TYR A 14 -1.56 9.77 -3.52
CA TYR A 14 -1.94 9.09 -2.25
C TYR A 14 -3.46 8.97 -2.18
N GLY A 15 -3.96 8.10 -1.36
CA GLY A 15 -5.43 7.93 -1.22
C GLY A 15 -5.79 7.49 0.20
N PHE A 16 -6.39 6.34 0.33
CA PHE A 16 -6.78 5.84 1.68
C PHE A 16 -6.66 4.31 1.72
N ILE A 17 -6.43 3.78 2.88
CA ILE A 17 -6.29 2.30 3.03
C ILE A 17 -7.10 1.81 4.23
N GLN A 18 -7.66 0.64 4.14
CA GLN A 18 -8.46 0.08 5.26
C GLN A 18 -7.69 -1.06 5.92
N GLY A 19 -7.22 -0.82 7.11
CA GLY A 19 -6.43 -1.84 7.86
C GLY A 19 -7.35 -2.98 8.32
N ASP A 20 -6.76 -4.12 8.59
CA ASP A 20 -7.56 -5.30 9.05
C ASP A 20 -8.16 -5.01 10.43
N ASP A 21 -7.44 -4.28 11.25
CA ASP A 21 -7.94 -3.96 12.62
C ASP A 21 -8.77 -2.67 12.57
N GLY A 22 -9.07 -2.19 11.39
CA GLY A 22 -9.87 -0.95 11.25
C GLY A 22 -8.98 0.28 11.35
N GLU A 23 -7.69 0.10 11.22
CA GLU A 23 -6.75 1.25 11.30
C GLU A 23 -6.38 1.73 9.90
N SER A 24 -6.66 2.98 9.61
CA SER A 24 -6.36 3.53 8.26
C SER A 24 -4.87 3.86 8.13
N TYR A 25 -4.37 3.84 6.92
CA TYR A 25 -2.94 4.16 6.68
C TYR A 25 -2.79 4.96 5.38
N PHE A 26 -1.99 5.97 5.42
CA PHE A 26 -1.77 6.83 4.21
C PHE A 26 -0.87 6.12 3.22
N LEU A 27 -1.14 6.31 1.95
CA LEU A 27 -0.33 5.65 0.89
C LEU A 27 0.48 6.72 0.14
N HIS A 28 1.78 6.60 0.16
CA HIS A 28 2.66 7.58 -0.54
C HIS A 28 3.64 6.84 -1.45
N PHE A 29 3.86 7.35 -2.62
CA PHE A 29 4.80 6.72 -3.57
C PHE A 29 6.23 6.81 -3.02
N SER A 30 6.52 7.89 -2.35
CA SER A 30 7.89 8.09 -1.78
C SER A 30 8.17 7.01 -0.73
N GLU A 31 7.16 6.58 -0.03
CA GLU A 31 7.36 5.56 1.03
C GLU A 31 7.65 4.20 0.37
N LEU A 32 7.67 4.17 -0.94
CA LEU A 32 7.96 2.88 -1.64
C LEU A 32 9.47 2.63 -1.66
N LEU A 33 9.85 1.40 -1.45
CA LEU A 33 11.30 1.05 -1.45
C LEU A 33 11.88 1.31 -2.82
N ASP A 34 11.16 0.95 -3.85
CA ASP A 34 11.65 1.17 -5.25
C ASP A 34 10.58 1.91 -6.05
N LYS A 35 10.93 3.05 -6.56
CA LYS A 35 9.96 3.86 -7.36
C LYS A 35 9.22 2.96 -8.35
N LYS A 36 9.86 1.89 -8.76
CA LYS A 36 9.22 0.94 -9.73
C LYS A 36 8.00 0.29 -9.06
N ASP A 37 8.06 0.09 -7.78
CA ASP A 37 6.92 -0.54 -7.06
C ASP A 37 5.66 0.33 -7.22
N GLU A 38 5.86 1.55 -7.65
CA GLU A 38 4.71 2.48 -7.84
C GLU A 38 3.87 2.02 -9.04
N GLY A 39 4.51 1.41 -10.00
CA GLY A 39 3.78 0.92 -11.21
C GLY A 39 3.29 -0.51 -10.97
N LYS A 40 3.63 -1.08 -9.85
CA LYS A 40 3.20 -2.48 -9.54
C LYS A 40 2.08 -2.42 -8.49
N LEU A 41 1.62 -1.24 -8.19
CA LEU A 41 0.55 -1.08 -7.17
C LEU A 41 -0.76 -1.69 -7.68
N VAL A 42 -1.58 -2.15 -6.77
CA VAL A 42 -2.87 -2.79 -7.16
C VAL A 42 -4.03 -2.11 -6.42
N LYS A 43 -5.10 -1.88 -7.13
CA LYS A 43 -6.29 -1.21 -6.53
C LYS A 43 -7.43 -2.23 -6.33
N GLY A 44 -7.99 -2.25 -5.17
CA GLY A 44 -9.12 -3.17 -4.87
C GLY A 44 -8.59 -4.47 -4.27
N SER A 45 -7.35 -4.79 -4.52
CA SER A 45 -6.78 -6.05 -3.98
C SER A 45 -6.12 -5.83 -2.62
N MET A 46 -5.60 -6.88 -2.06
CA MET A 46 -4.93 -6.79 -0.72
C MET A 46 -3.49 -6.30 -0.88
N VAL A 47 -2.98 -5.67 0.14
CA VAL A 47 -1.57 -5.16 0.08
C VAL A 47 -0.84 -5.53 1.37
N HIS A 48 0.47 -5.50 1.34
CA HIS A 48 1.28 -5.85 2.55
C HIS A 48 2.15 -4.65 2.93
N PHE A 49 2.15 -4.30 4.18
CA PHE A 49 2.96 -3.14 4.66
C PHE A 49 3.37 -3.36 6.11
N ASP A 50 4.39 -2.67 6.53
CA ASP A 50 4.88 -2.80 7.93
C ASP A 50 4.34 -1.63 8.77
N PRO A 51 4.19 -1.82 10.06
CA PRO A 51 3.66 -0.78 10.98
C PRO A 51 4.58 0.45 11.09
N THR A 52 4.00 1.61 11.01
CA THR A 52 4.80 2.86 11.12
C THR A 52 3.87 3.99 11.64
N PRO A 53 3.85 4.23 12.93
CA PRO A 53 2.98 5.27 13.54
C PRO A 53 3.57 6.67 13.41
N THR A 54 3.25 7.34 12.33
CA THR A 54 3.77 8.72 12.11
C THR A 54 3.04 9.68 13.05
N PRO A 55 3.64 10.81 13.34
CA PRO A 55 3.04 11.83 14.24
C PRO A 55 1.74 12.40 13.64
N LYS A 56 1.54 12.20 12.36
CA LYS A 56 0.31 12.70 11.70
C LYS A 56 -0.86 11.75 11.97
N GLY A 57 -0.59 10.66 12.63
CA GLY A 57 -1.69 9.67 12.96
C GLY A 57 -1.26 8.26 12.59
N LEU A 58 -1.52 7.86 11.37
CA LEU A 58 -1.15 6.47 10.92
C LEU A 58 -0.61 6.51 9.49
N ALA A 59 0.51 5.89 9.29
CA ALA A 59 1.12 5.87 7.92
C ALA A 59 1.74 4.50 7.66
N ALA A 60 1.69 4.07 6.43
CA ALA A 60 2.26 2.74 6.06
C ALA A 60 3.72 2.91 5.63
N LYS A 61 4.49 1.86 5.75
CA LYS A 61 5.93 1.93 5.36
C LYS A 61 6.35 0.61 4.72
N ALA A 62 7.25 0.69 3.78
CA ALA A 62 7.76 -0.53 3.09
C ALA A 62 6.58 -1.31 2.49
N ILE A 63 5.74 -0.63 1.75
CA ILE A 63 4.57 -1.30 1.13
C ILE A 63 5.05 -2.28 0.05
N SER A 64 4.43 -3.43 -0.01
CA SER A 64 4.85 -4.45 -1.03
C SER A 64 3.62 -4.95 -1.80
N LEU A 65 3.85 -5.33 -3.03
CA LEU A 65 2.74 -5.83 -3.91
C LEU A 65 2.96 -7.32 -4.19
N PRO A 66 2.56 -8.17 -3.26
CA PRO A 66 2.73 -9.65 -3.41
C PRO A 66 1.74 -10.22 -4.43
N LEU A 67 1.56 -9.53 -5.51
CA LEU A 67 0.61 -10.01 -6.56
C LEU A 67 1.00 -11.40 -7.04
N GLU A 68 0.03 -12.23 -7.30
CA GLU A 68 0.30 -13.62 -7.77
C GLU A 68 -0.56 -13.92 -9.01
N HIS A 69 -0.06 -13.55 -10.16
CA HIS A 69 -0.82 -13.79 -11.43
C HIS A 69 -0.60 -15.22 -11.90
N HIS A 70 0.60 -15.53 -12.33
CA HIS A 70 0.91 -16.90 -12.80
C HIS A 70 0.84 -17.88 -11.63
N HIS A 71 1.40 -17.50 -10.51
CA HIS A 71 1.39 -18.40 -9.32
C HIS A 71 0.01 -18.37 -8.66
N HIS A 72 -0.38 -19.48 -8.12
CA HIS A 72 -1.70 -19.58 -7.44
C HIS A 72 -2.80 -19.00 -8.35
N HIS A 73 -4.01 -19.03 -7.87
CA HIS A 73 -5.16 -18.51 -8.66
C HIS A 73 -5.07 -19.00 -10.10
N HIS A 74 -5.53 -20.19 -10.36
CA HIS A 74 -5.48 -20.76 -11.74
C HIS A 74 -6.57 -20.11 -12.61
N MET A 1 -1.82 -7.65 10.91
CA MET A 1 -0.65 -6.81 10.52
C MET A 1 -0.82 -6.35 9.07
N LYS A 2 -1.65 -7.03 8.31
CA LYS A 2 -1.88 -6.64 6.89
C LYS A 2 -3.26 -6.00 6.74
N GLY A 3 -3.62 -5.60 5.56
CA GLY A 3 -4.96 -4.98 5.35
C GLY A 3 -5.30 -5.01 3.86
N LYS A 4 -6.20 -4.15 3.43
CA LYS A 4 -6.60 -4.12 1.99
C LYS A 4 -6.62 -2.68 1.49
N VAL A 5 -6.35 -2.47 0.23
CA VAL A 5 -6.35 -1.09 -0.30
C VAL A 5 -7.79 -0.63 -0.60
N VAL A 6 -8.22 0.46 -0.02
CA VAL A 6 -9.61 0.95 -0.27
C VAL A 6 -9.57 1.97 -1.42
N SER A 7 -8.50 2.70 -1.56
CA SER A 7 -8.42 3.71 -2.66
C SER A 7 -6.96 4.00 -2.99
N TYR A 8 -6.70 4.34 -4.22
CA TYR A 8 -5.30 4.68 -4.64
C TYR A 8 -5.37 5.50 -5.92
N LEU A 9 -5.11 6.78 -5.81
CA LEU A 9 -5.15 7.65 -7.03
C LEU A 9 -3.71 7.91 -7.50
N ALA A 10 -3.35 7.36 -8.62
CA ALA A 10 -1.98 7.56 -9.16
C ALA A 10 -1.77 9.02 -9.54
N ALA A 11 -2.78 9.66 -10.07
CA ALA A 11 -2.64 11.09 -10.48
C ALA A 11 -2.34 11.94 -9.25
N LYS A 12 -2.96 11.64 -8.15
CA LYS A 12 -2.73 12.43 -6.89
C LYS A 12 -1.74 11.68 -6.00
N LYS A 13 -1.16 10.60 -6.51
CA LYS A 13 -0.18 9.80 -5.73
C LYS A 13 -0.57 9.77 -4.25
N TYR A 14 -1.85 9.84 -3.97
CA TYR A 14 -2.34 9.83 -2.56
C TYR A 14 -3.59 8.97 -2.46
N GLY A 15 -3.72 8.21 -1.41
CA GLY A 15 -4.93 7.35 -1.26
C GLY A 15 -5.05 6.87 0.19
N PHE A 16 -5.82 5.83 0.42
CA PHE A 16 -6.00 5.31 1.81
C PHE A 16 -5.99 3.78 1.77
N ILE A 17 -5.69 3.17 2.89
CA ILE A 17 -5.65 1.68 2.96
C ILE A 17 -6.50 1.22 4.15
N GLN A 18 -7.35 0.26 3.96
CA GLN A 18 -8.21 -0.23 5.07
C GLN A 18 -7.45 -1.29 5.88
N GLY A 19 -6.95 -0.92 7.03
CA GLY A 19 -6.18 -1.89 7.86
C GLY A 19 -7.12 -2.98 8.39
N ASP A 20 -6.56 -4.10 8.76
CA ASP A 20 -7.41 -5.21 9.29
C ASP A 20 -8.03 -4.77 10.61
N ASP A 21 -7.33 -3.96 11.38
CA ASP A 21 -7.88 -3.47 12.68
C ASP A 21 -8.69 -2.21 12.42
N GLY A 22 -8.89 -1.86 11.19
CA GLY A 22 -9.69 -0.64 10.86
C GLY A 22 -8.80 0.61 10.97
N GLU A 23 -7.51 0.45 10.98
CA GLU A 23 -6.61 1.63 11.09
C GLU A 23 -6.20 2.09 9.69
N SER A 24 -6.56 3.30 9.33
CA SER A 24 -6.20 3.83 7.99
C SER A 24 -4.71 4.17 7.96
N TYR A 25 -4.08 4.07 6.81
CA TYR A 25 -2.62 4.39 6.70
C TYR A 25 -2.39 5.36 5.54
N PHE A 26 -1.52 6.32 5.73
CA PHE A 26 -1.23 7.30 4.66
C PHE A 26 -0.37 6.64 3.57
N LEU A 27 -0.58 6.99 2.33
CA LEU A 27 0.23 6.38 1.23
C LEU A 27 0.89 7.50 0.41
N HIS A 28 2.20 7.55 0.41
CA HIS A 28 2.91 8.62 -0.37
C HIS A 28 4.15 8.01 -1.03
N PHE A 29 4.79 8.74 -1.90
CA PHE A 29 6.01 8.21 -2.58
C PHE A 29 7.11 7.92 -1.54
N SER A 30 7.31 8.81 -0.62
CA SER A 30 8.38 8.60 0.41
C SER A 30 8.15 7.26 1.12
N GLU A 31 6.94 6.75 1.06
CA GLU A 31 6.66 5.44 1.73
C GLU A 31 6.89 4.28 0.76
N LEU A 32 7.15 4.58 -0.49
CA LEU A 32 7.39 3.48 -1.48
C LEU A 32 8.88 3.15 -1.53
N LEU A 33 9.20 1.89 -1.44
CA LEU A 33 10.63 1.48 -1.48
C LEU A 33 11.23 1.87 -2.83
N ASP A 34 10.49 1.66 -3.89
CA ASP A 34 10.99 2.02 -5.26
C ASP A 34 9.84 2.58 -6.09
N LYS A 35 10.04 3.70 -6.72
CA LYS A 35 8.96 4.31 -7.54
C LYS A 35 8.58 3.34 -8.68
N LYS A 36 9.52 2.57 -9.14
CA LYS A 36 9.21 1.62 -10.24
C LYS A 36 8.12 0.65 -9.77
N ASP A 37 8.15 0.29 -8.51
CA ASP A 37 7.11 -0.64 -7.99
C ASP A 37 5.76 0.07 -7.97
N GLU A 38 5.74 1.35 -8.24
CA GLU A 38 4.46 2.10 -8.25
C GLU A 38 3.52 1.49 -9.30
N GLY A 39 4.05 1.16 -10.45
CA GLY A 39 3.20 0.57 -11.52
C GLY A 39 2.70 -0.82 -11.09
N LYS A 40 3.38 -1.43 -10.16
CA LYS A 40 2.96 -2.79 -9.70
C LYS A 40 1.88 -2.67 -8.64
N LEU A 41 1.49 -1.47 -8.29
CA LEU A 41 0.44 -1.29 -7.25
C LEU A 41 -0.90 -1.81 -7.80
N VAL A 42 -1.74 -2.33 -6.94
CA VAL A 42 -3.07 -2.87 -7.40
C VAL A 42 -4.19 -2.23 -6.58
N LYS A 43 -5.25 -1.83 -7.22
CA LYS A 43 -6.41 -1.20 -6.50
C LYS A 43 -7.54 -2.22 -6.29
N GLY A 44 -8.14 -2.22 -5.13
CA GLY A 44 -9.27 -3.17 -4.87
C GLY A 44 -8.75 -4.50 -4.34
N SER A 45 -7.51 -4.83 -4.62
CA SER A 45 -6.96 -6.13 -4.12
C SER A 45 -6.35 -5.96 -2.73
N MET A 46 -5.86 -7.04 -2.18
CA MET A 46 -5.25 -6.99 -0.83
C MET A 46 -3.78 -6.57 -0.94
N VAL A 47 -3.26 -5.92 0.07
CA VAL A 47 -1.84 -5.47 0.05
C VAL A 47 -1.19 -5.81 1.39
N HIS A 48 0.11 -5.78 1.46
CA HIS A 48 0.83 -6.10 2.74
C HIS A 48 1.75 -4.94 3.13
N PHE A 49 1.75 -4.57 4.38
CA PHE A 49 2.61 -3.44 4.83
C PHE A 49 3.08 -3.70 6.27
N ASP A 50 4.17 -3.10 6.67
CA ASP A 50 4.68 -3.32 8.06
C ASP A 50 4.13 -2.23 8.99
N PRO A 51 4.00 -2.51 10.27
CA PRO A 51 3.48 -1.53 11.26
C PRO A 51 4.43 -0.35 11.48
N THR A 52 3.89 0.83 11.65
CA THR A 52 4.75 2.03 11.88
C THR A 52 3.95 3.08 12.66
N PRO A 53 3.98 3.04 13.97
CA PRO A 53 3.23 4.03 14.81
C PRO A 53 3.57 5.47 14.42
N THR A 54 4.85 5.77 14.28
CA THR A 54 5.30 7.14 13.90
C THR A 54 4.69 8.21 14.83
N PRO A 55 5.31 9.37 14.95
CA PRO A 55 4.75 10.46 15.80
C PRO A 55 3.29 10.76 15.44
N LYS A 56 2.97 10.72 14.17
CA LYS A 56 1.57 11.00 13.74
C LYS A 56 0.63 9.95 14.33
N GLY A 57 1.03 8.70 14.30
CA GLY A 57 0.16 7.60 14.85
C GLY A 57 0.06 6.47 13.84
N LEU A 58 -0.55 6.73 12.69
CA LEU A 58 -0.72 5.67 11.65
C LEU A 58 0.21 5.94 10.46
N ALA A 59 0.93 4.95 10.01
CA ALA A 59 1.84 5.13 8.85
C ALA A 59 2.04 3.80 8.12
N ALA A 60 2.35 3.85 6.86
CA ALA A 60 2.55 2.60 6.06
C ALA A 60 4.06 2.32 5.93
N LYS A 61 4.69 2.94 4.98
CA LYS A 61 6.15 2.73 4.78
C LYS A 61 6.45 1.26 4.47
N ALA A 62 7.42 1.02 3.64
CA ALA A 62 7.79 -0.38 3.29
C ALA A 62 6.55 -1.15 2.82
N ILE A 63 5.73 -0.53 2.00
CA ILE A 63 4.52 -1.22 1.50
C ILE A 63 4.94 -2.32 0.53
N SER A 64 4.29 -3.45 0.58
CA SER A 64 4.65 -4.59 -0.33
C SER A 64 3.42 -4.96 -1.16
N LEU A 65 3.65 -5.51 -2.33
CA LEU A 65 2.52 -5.89 -3.23
C LEU A 65 2.78 -7.32 -3.77
N PRO A 66 2.45 -8.33 -3.00
CA PRO A 66 2.66 -9.74 -3.43
C PRO A 66 1.59 -10.19 -4.43
N LEU A 67 0.69 -9.30 -4.76
CA LEU A 67 -0.38 -9.65 -5.73
C LEU A 67 0.07 -9.31 -7.15
N GLU A 68 0.10 -10.28 -8.02
CA GLU A 68 0.51 -10.02 -9.42
C GLU A 68 -0.33 -10.91 -10.34
N HIS A 69 -1.35 -11.53 -9.81
CA HIS A 69 -2.21 -12.42 -10.65
C HIS A 69 -3.35 -11.61 -11.26
N HIS A 70 -3.30 -11.39 -12.54
CA HIS A 70 -4.37 -10.60 -13.21
C HIS A 70 -5.69 -11.39 -13.17
N HIS A 71 -5.63 -12.69 -13.33
CA HIS A 71 -6.88 -13.52 -13.31
C HIS A 71 -6.71 -14.71 -12.37
N HIS A 72 -7.79 -15.30 -11.95
CA HIS A 72 -7.73 -16.47 -11.01
C HIS A 72 -8.05 -17.76 -11.78
N HIS A 73 -7.41 -18.84 -11.42
CA HIS A 73 -7.68 -20.12 -12.12
C HIS A 73 -7.52 -21.28 -11.13
N HIS A 74 -8.42 -22.23 -11.18
CA HIS A 74 -8.32 -23.40 -10.24
C HIS A 74 -7.66 -24.58 -10.95
N MET A 1 0.66 -4.86 8.88
CA MET A 1 0.85 -6.30 8.55
C MET A 1 -0.03 -6.65 7.36
N LYS A 2 -1.32 -6.77 7.60
CA LYS A 2 -2.28 -7.12 6.49
C LYS A 2 -3.40 -6.08 6.42
N GLY A 3 -3.87 -5.82 5.23
CA GLY A 3 -4.96 -4.83 5.05
C GLY A 3 -5.41 -4.82 3.58
N LYS A 4 -6.29 -3.91 3.24
CA LYS A 4 -6.79 -3.82 1.84
C LYS A 4 -6.83 -2.35 1.41
N VAL A 5 -6.35 -2.08 0.23
CA VAL A 5 -6.34 -0.68 -0.28
C VAL A 5 -7.75 -0.29 -0.71
N VAL A 6 -8.28 0.73 -0.09
CA VAL A 6 -9.66 1.20 -0.43
C VAL A 6 -9.58 2.27 -1.51
N SER A 7 -8.60 3.14 -1.44
CA SER A 7 -8.47 4.22 -2.47
C SER A 7 -7.01 4.33 -2.94
N TYR A 8 -6.84 4.68 -4.18
CA TYR A 8 -5.47 4.83 -4.75
C TYR A 8 -5.53 5.69 -6.01
N LEU A 9 -4.87 6.81 -5.99
CA LEU A 9 -4.87 7.73 -7.18
C LEU A 9 -3.44 7.89 -7.69
N ALA A 10 -3.16 7.34 -8.84
CA ALA A 10 -1.80 7.44 -9.44
C ALA A 10 -1.52 8.89 -9.85
N ALA A 11 -2.51 9.58 -10.34
CA ALA A 11 -2.33 10.99 -10.77
C ALA A 11 -1.92 11.85 -9.57
N LYS A 12 -2.50 11.59 -8.43
CA LYS A 12 -2.15 12.38 -7.20
C LYS A 12 -1.19 11.56 -6.33
N LYS A 13 -0.82 10.40 -6.81
CA LYS A 13 0.12 9.51 -6.04
C LYS A 13 -0.27 9.49 -4.56
N TYR A 14 -1.55 9.46 -4.30
CA TYR A 14 -2.02 9.43 -2.88
C TYR A 14 -3.33 8.64 -2.78
N GLY A 15 -3.62 8.15 -1.61
CA GLY A 15 -4.88 7.37 -1.42
C GLY A 15 -5.02 6.98 0.05
N PHE A 16 -5.86 6.03 0.31
CA PHE A 16 -6.08 5.56 1.71
C PHE A 16 -6.06 4.03 1.75
N ILE A 17 -5.76 3.48 2.89
CA ILE A 17 -5.70 2.00 3.04
C ILE A 17 -6.45 1.59 4.30
N GLN A 18 -7.21 0.53 4.21
CA GLN A 18 -7.99 0.06 5.39
C GLN A 18 -7.20 -1.04 6.12
N GLY A 19 -6.70 -0.72 7.27
CA GLY A 19 -5.91 -1.71 8.06
C GLY A 19 -6.83 -2.81 8.57
N ASP A 20 -6.29 -3.99 8.73
CA ASP A 20 -7.10 -5.14 9.23
C ASP A 20 -7.46 -4.90 10.69
N ASP A 21 -6.69 -4.09 11.36
CA ASP A 21 -6.96 -3.80 12.79
C ASP A 21 -8.14 -2.83 12.89
N GLY A 22 -8.65 -2.40 11.77
CA GLY A 22 -9.81 -1.46 11.75
C GLY A 22 -9.31 -0.03 11.55
N GLU A 23 -8.05 0.21 11.81
CA GLU A 23 -7.48 1.58 11.65
C GLU A 23 -6.99 1.79 10.22
N SER A 24 -7.39 2.88 9.63
CA SER A 24 -6.98 3.19 8.24
C SER A 24 -5.53 3.68 8.22
N TYR A 25 -4.81 3.36 7.16
CA TYR A 25 -3.38 3.79 7.04
C TYR A 25 -3.22 4.70 5.83
N PHE A 26 -2.42 5.73 5.99
CA PHE A 26 -2.18 6.69 4.88
C PHE A 26 -1.29 6.06 3.82
N LEU A 27 -1.56 6.38 2.58
CA LEU A 27 -0.74 5.80 1.47
C LEU A 27 0.15 6.88 0.88
N HIS A 28 1.44 6.67 0.94
CA HIS A 28 2.41 7.66 0.37
C HIS A 28 3.39 6.93 -0.56
N PHE A 29 3.52 7.44 -1.75
CA PHE A 29 4.44 6.83 -2.75
C PHE A 29 5.90 6.94 -2.27
N SER A 30 6.21 8.00 -1.59
CA SER A 30 7.59 8.21 -1.09
C SER A 30 7.99 7.13 -0.10
N GLU A 31 7.04 6.64 0.67
CA GLU A 31 7.38 5.58 1.68
C GLU A 31 7.62 4.25 0.98
N LEU A 32 7.57 4.24 -0.32
CA LEU A 32 7.82 2.98 -1.09
C LEU A 32 9.32 2.72 -1.19
N LEU A 33 9.70 1.48 -1.12
CA LEU A 33 11.14 1.13 -1.23
C LEU A 33 11.65 1.52 -2.61
N ASP A 34 10.84 1.30 -3.62
CA ASP A 34 11.25 1.66 -5.02
C ASP A 34 10.06 2.31 -5.72
N LYS A 35 10.07 3.61 -5.83
CA LYS A 35 8.95 4.35 -6.47
C LYS A 35 8.68 3.76 -7.87
N LYS A 36 9.52 2.85 -8.31
CA LYS A 36 9.31 2.23 -9.64
C LYS A 36 8.06 1.34 -9.59
N ASP A 37 7.77 0.80 -8.44
CA ASP A 37 6.58 -0.10 -8.30
C ASP A 37 5.33 0.75 -8.19
N GLU A 38 5.49 2.04 -8.17
CA GLU A 38 4.31 2.95 -8.05
C GLU A 38 3.25 2.55 -9.07
N GLY A 39 3.65 2.25 -10.27
CA GLY A 39 2.68 1.85 -11.33
C GLY A 39 2.39 0.35 -11.23
N LYS A 40 3.11 -0.35 -10.39
CA LYS A 40 2.89 -1.81 -10.23
C LYS A 40 1.94 -2.06 -9.05
N LEU A 41 1.48 -1.02 -8.43
CA LEU A 41 0.55 -1.19 -7.27
C LEU A 41 -0.77 -1.78 -7.74
N VAL A 42 -1.45 -2.47 -6.86
CA VAL A 42 -2.76 -3.10 -7.23
C VAL A 42 -3.89 -2.46 -6.42
N LYS A 43 -4.89 -2.00 -7.12
CA LYS A 43 -6.05 -1.35 -6.45
C LYS A 43 -7.23 -2.33 -6.33
N GLY A 44 -7.90 -2.29 -5.20
CA GLY A 44 -9.08 -3.17 -4.97
C GLY A 44 -8.63 -4.57 -4.52
N SER A 45 -7.47 -4.67 -3.92
CA SER A 45 -6.99 -6.02 -3.46
C SER A 45 -6.22 -5.90 -2.15
N MET A 46 -5.74 -7.02 -1.67
CA MET A 46 -4.98 -7.05 -0.38
C MET A 46 -3.55 -6.57 -0.60
N VAL A 47 -3.00 -5.92 0.40
CA VAL A 47 -1.60 -5.41 0.29
C VAL A 47 -0.84 -5.73 1.57
N HIS A 48 0.45 -5.68 1.50
CA HIS A 48 1.31 -5.98 2.70
C HIS A 48 2.14 -4.75 3.05
N PHE A 49 2.03 -4.34 4.28
CA PHE A 49 2.80 -3.15 4.75
C PHE A 49 3.09 -3.27 6.24
N ASP A 50 4.12 -2.62 6.69
CA ASP A 50 4.49 -2.69 8.13
C ASP A 50 4.12 -1.37 8.82
N PRO A 51 4.07 -1.38 10.13
CA PRO A 51 3.74 -0.16 10.92
C PRO A 51 4.69 1.02 10.66
N THR A 52 4.19 2.21 10.73
CA THR A 52 5.04 3.41 10.47
C THR A 52 4.51 4.60 11.29
N PRO A 53 4.95 4.75 12.51
CA PRO A 53 4.51 5.89 13.38
C PRO A 53 4.73 7.25 12.73
N THR A 54 3.74 8.08 12.75
CA THR A 54 3.87 9.44 12.14
C THR A 54 3.00 10.44 12.91
N PRO A 55 3.38 11.69 12.90
CA PRO A 55 2.62 12.78 13.59
C PRO A 55 1.28 13.05 12.90
N LYS A 56 1.13 12.57 11.69
CA LYS A 56 -0.13 12.80 10.94
C LYS A 56 -1.16 11.76 11.36
N GLY A 57 -0.79 10.86 12.23
CA GLY A 57 -1.75 9.82 12.72
C GLY A 57 -1.21 8.42 12.41
N LEU A 58 -1.49 7.92 11.24
CA LEU A 58 -1.03 6.55 10.85
C LEU A 58 -0.38 6.59 9.47
N ALA A 59 0.50 5.66 9.21
CA ALA A 59 1.19 5.62 7.89
C ALA A 59 1.65 4.20 7.59
N ALA A 60 1.81 3.90 6.33
CA ALA A 60 2.25 2.53 5.90
C ALA A 60 3.61 2.62 5.21
N LYS A 61 4.53 1.80 5.64
CA LYS A 61 5.90 1.80 5.02
C LYS A 61 6.22 0.39 4.52
N ALA A 62 7.18 0.32 3.63
CA ALA A 62 7.59 -0.99 3.05
C ALA A 62 6.37 -1.68 2.44
N ILE A 63 5.62 -0.96 1.65
CA ILE A 63 4.41 -1.57 1.01
C ILE A 63 4.86 -2.52 -0.09
N SER A 64 4.30 -3.70 -0.11
CA SER A 64 4.71 -4.70 -1.15
C SER A 64 3.49 -5.39 -1.74
N LEU A 65 3.64 -5.88 -2.94
CA LEU A 65 2.51 -6.57 -3.64
C LEU A 65 2.87 -8.08 -3.74
N PRO A 66 2.35 -8.89 -2.85
CA PRO A 66 2.62 -10.35 -2.84
C PRO A 66 1.75 -11.08 -3.86
N LEU A 67 0.93 -10.35 -4.56
CA LEU A 67 0.03 -10.97 -5.58
C LEU A 67 0.75 -11.03 -6.92
N GLU A 68 0.86 -12.21 -7.46
CA GLU A 68 1.56 -12.42 -8.77
C GLU A 68 0.52 -12.66 -9.87
N HIS A 69 0.95 -13.22 -10.96
CA HIS A 69 0.01 -13.48 -12.09
C HIS A 69 -0.87 -14.69 -11.77
N HIS A 70 -2.14 -14.54 -11.99
CA HIS A 70 -3.10 -15.64 -11.72
C HIS A 70 -2.84 -16.81 -12.68
N HIS A 71 -2.56 -16.51 -13.91
CA HIS A 71 -2.30 -17.58 -14.93
C HIS A 71 -1.11 -18.44 -14.48
N HIS A 72 -0.10 -17.82 -13.95
CA HIS A 72 1.11 -18.58 -13.49
C HIS A 72 1.48 -19.64 -14.51
N HIS A 73 0.93 -20.82 -14.37
CA HIS A 73 1.25 -21.92 -15.32
C HIS A 73 0.57 -21.68 -16.66
N HIS A 74 1.32 -21.78 -17.72
CA HIS A 74 0.77 -21.57 -19.08
C HIS A 74 1.69 -22.24 -20.11
N MET A 1 0.05 -5.02 9.87
CA MET A 1 0.83 -5.95 9.00
C MET A 1 0.02 -6.23 7.73
N LYS A 2 -1.17 -6.75 7.89
CA LYS A 2 -2.03 -7.08 6.70
C LYS A 2 -3.19 -6.08 6.61
N GLY A 3 -3.65 -5.85 5.41
CA GLY A 3 -4.78 -4.89 5.22
C GLY A 3 -5.26 -4.95 3.78
N LYS A 4 -6.15 -4.05 3.41
CA LYS A 4 -6.69 -4.03 2.03
C LYS A 4 -6.72 -2.59 1.51
N VAL A 5 -6.26 -2.40 0.30
CA VAL A 5 -6.25 -1.04 -0.30
C VAL A 5 -7.65 -0.67 -0.78
N VAL A 6 -8.29 0.20 -0.06
CA VAL A 6 -9.67 0.64 -0.46
C VAL A 6 -9.59 1.52 -1.70
N SER A 7 -8.60 2.37 -1.77
CA SER A 7 -8.47 3.27 -2.96
C SER A 7 -7.04 3.77 -3.11
N TYR A 8 -6.66 4.16 -4.29
CA TYR A 8 -5.29 4.67 -4.53
C TYR A 8 -5.31 5.59 -5.76
N LEU A 9 -5.14 6.88 -5.54
CA LEU A 9 -5.15 7.84 -6.67
C LEU A 9 -3.74 8.46 -6.81
N ALA A 10 -3.12 8.21 -7.93
CA ALA A 10 -1.75 8.75 -8.19
C ALA A 10 -1.84 10.26 -8.36
N ALA A 11 -2.98 10.75 -8.78
CA ALA A 11 -3.16 12.21 -8.99
C ALA A 11 -3.00 12.94 -7.65
N LYS A 12 -3.45 12.33 -6.59
CA LYS A 12 -3.33 12.96 -5.24
C LYS A 12 -2.01 12.51 -4.61
N LYS A 13 -1.20 11.82 -5.38
CA LYS A 13 0.11 11.32 -4.86
C LYS A 13 -0.13 10.37 -3.69
N TYR A 14 -1.36 10.26 -3.26
CA TYR A 14 -1.66 9.34 -2.13
C TYR A 14 -3.16 9.04 -2.10
N GLY A 15 -3.54 8.01 -1.39
CA GLY A 15 -4.98 7.63 -1.31
C GLY A 15 -5.31 7.15 0.10
N PHE A 16 -5.99 6.03 0.20
CA PHE A 16 -6.37 5.49 1.54
C PHE A 16 -6.28 3.97 1.54
N ILE A 17 -6.03 3.39 2.69
CA ILE A 17 -5.93 1.91 2.80
C ILE A 17 -6.75 1.44 4.00
N GLN A 18 -7.54 0.41 3.80
CA GLN A 18 -8.38 -0.13 4.91
C GLN A 18 -7.66 -1.30 5.58
N GLY A 19 -7.15 -1.07 6.76
CA GLY A 19 -6.44 -2.13 7.50
C GLY A 19 -7.42 -3.16 8.06
N ASP A 20 -6.92 -4.30 8.45
CA ASP A 20 -7.79 -5.37 9.01
C ASP A 20 -8.43 -4.88 10.31
N ASP A 21 -7.67 -4.18 11.12
CA ASP A 21 -8.21 -3.66 12.41
C ASP A 21 -9.01 -2.37 12.16
N GLY A 22 -9.09 -1.96 10.92
CA GLY A 22 -9.85 -0.71 10.58
C GLY A 22 -8.94 0.51 10.70
N GLU A 23 -7.66 0.31 10.76
CA GLU A 23 -6.72 1.46 10.88
C GLU A 23 -6.34 1.99 9.49
N SER A 24 -6.66 3.23 9.23
CA SER A 24 -6.34 3.84 7.91
C SER A 24 -4.85 4.19 7.83
N TYR A 25 -4.30 4.10 6.65
CA TYR A 25 -2.85 4.41 6.45
C TYR A 25 -2.68 5.27 5.20
N PHE A 26 -1.84 6.27 5.28
CA PHE A 26 -1.60 7.16 4.11
C PHE A 26 -0.55 6.52 3.20
N LEU A 27 -0.73 6.64 1.91
CA LEU A 27 0.25 6.04 0.96
C LEU A 27 0.98 7.15 0.21
N HIS A 28 2.28 7.23 0.41
CA HIS A 28 3.10 8.26 -0.28
C HIS A 28 4.16 7.55 -1.12
N PHE A 29 4.50 8.14 -2.23
CA PHE A 29 5.52 7.53 -3.14
C PHE A 29 6.88 7.45 -2.43
N SER A 30 7.21 8.46 -1.67
CA SER A 30 8.52 8.47 -0.95
C SER A 30 8.61 7.23 -0.03
N GLU A 31 7.50 6.62 0.27
CA GLU A 31 7.53 5.42 1.17
C GLU A 31 7.68 4.14 0.34
N LEU A 32 7.60 4.24 -0.95
CA LEU A 32 7.75 3.01 -1.81
C LEU A 32 9.22 2.63 -1.91
N LEU A 33 9.50 1.36 -1.82
CA LEU A 33 10.91 0.87 -1.91
C LEU A 33 11.46 1.16 -3.30
N ASP A 34 10.67 0.97 -4.32
CA ASP A 34 11.13 1.25 -5.71
C ASP A 34 10.02 1.99 -6.46
N LYS A 35 10.35 3.12 -7.01
CA LYS A 35 9.35 3.93 -7.76
C LYS A 35 8.86 3.15 -8.98
N LYS A 36 9.53 2.08 -9.30
CA LYS A 36 9.12 1.25 -10.45
C LYS A 36 7.97 0.33 -10.02
N ASP A 37 7.78 0.20 -8.74
CA ASP A 37 6.67 -0.66 -8.21
C ASP A 37 5.34 0.06 -8.37
N GLU A 38 5.37 1.29 -8.82
CA GLU A 38 4.11 2.06 -9.00
C GLU A 38 3.16 1.27 -9.91
N GLY A 39 3.66 0.76 -11.00
CA GLY A 39 2.81 -0.01 -11.94
C GLY A 39 2.57 -1.42 -11.38
N LYS A 40 3.19 -1.73 -10.27
CA LYS A 40 3.01 -3.07 -9.66
C LYS A 40 1.90 -2.99 -8.60
N LEU A 41 1.40 -1.80 -8.37
CA LEU A 41 0.34 -1.63 -7.34
C LEU A 41 -0.97 -2.24 -7.83
N VAL A 42 -1.77 -2.72 -6.91
CA VAL A 42 -3.06 -3.35 -7.29
C VAL A 42 -4.20 -2.70 -6.49
N LYS A 43 -5.26 -2.39 -7.17
CA LYS A 43 -6.42 -1.73 -6.51
C LYS A 43 -7.51 -2.75 -6.14
N GLY A 44 -8.00 -2.65 -4.94
CA GLY A 44 -9.09 -3.55 -4.47
C GLY A 44 -8.52 -4.86 -3.90
N SER A 45 -7.26 -5.12 -4.09
CA SER A 45 -6.68 -6.39 -3.56
C SER A 45 -5.98 -6.16 -2.23
N MET A 46 -5.48 -7.22 -1.65
CA MET A 46 -4.78 -7.11 -0.33
C MET A 46 -3.35 -6.65 -0.53
N VAL A 47 -2.84 -5.91 0.42
CA VAL A 47 -1.44 -5.41 0.33
C VAL A 47 -0.75 -5.59 1.68
N HIS A 48 0.55 -5.63 1.69
CA HIS A 48 1.30 -5.82 2.98
C HIS A 48 2.11 -4.57 3.31
N PHE A 49 2.00 -4.13 4.53
CA PHE A 49 2.75 -2.93 4.98
C PHE A 49 2.97 -3.01 6.49
N ASP A 50 3.97 -2.31 6.99
CA ASP A 50 4.26 -2.33 8.45
C ASP A 50 3.73 -1.04 9.10
N PRO A 51 3.36 -1.11 10.36
CA PRO A 51 2.83 0.05 11.13
C PRO A 51 3.89 1.10 11.45
N THR A 52 3.45 2.28 11.81
CA THR A 52 4.40 3.38 12.17
C THR A 52 4.08 3.88 13.59
N PRO A 53 5.08 4.34 14.31
CA PRO A 53 4.88 4.86 15.70
C PRO A 53 3.75 5.88 15.77
N THR A 54 3.77 6.85 14.89
CA THR A 54 2.72 7.92 14.88
C THR A 54 1.35 7.33 15.25
N PRO A 55 0.94 7.49 16.49
CA PRO A 55 -0.37 6.95 16.96
C PRO A 55 -1.52 7.85 16.52
N LYS A 56 -1.20 9.05 16.11
CA LYS A 56 -2.25 10.01 15.65
C LYS A 56 -1.98 10.45 14.22
N GLY A 57 -2.59 9.79 13.27
CA GLY A 57 -2.39 10.15 11.83
C GLY A 57 -2.17 8.86 11.03
N LEU A 58 -1.55 7.89 11.64
CA LEU A 58 -1.28 6.59 10.97
C LEU A 58 -0.44 6.81 9.71
N ALA A 59 0.41 5.86 9.41
CA ALA A 59 1.29 5.98 8.20
C ALA A 59 1.80 4.59 7.81
N ALA A 60 2.20 4.44 6.59
CA ALA A 60 2.71 3.11 6.11
C ALA A 60 4.14 3.26 5.59
N LYS A 61 5.00 2.39 6.05
CA LYS A 61 6.42 2.39 5.63
C LYS A 61 6.81 0.99 5.14
N ALA A 62 7.72 0.92 4.22
CA ALA A 62 8.16 -0.40 3.67
C ALA A 62 6.93 -1.15 3.15
N ILE A 63 6.21 -0.53 2.25
CA ILE A 63 4.99 -1.17 1.68
C ILE A 63 5.36 -2.25 0.67
N SER A 64 4.70 -3.37 0.73
CA SER A 64 5.00 -4.50 -0.21
C SER A 64 3.71 -4.96 -0.87
N LEU A 65 3.84 -5.50 -2.06
CA LEU A 65 2.67 -5.97 -2.84
C LEU A 65 3.00 -7.36 -3.42
N PRO A 66 2.77 -8.40 -2.66
CA PRO A 66 3.08 -9.78 -3.11
C PRO A 66 1.94 -10.38 -3.95
N LEU A 67 0.91 -9.60 -4.19
CA LEU A 67 -0.24 -10.09 -5.02
C LEU A 67 -0.12 -9.58 -6.45
N GLU A 68 -0.16 -10.48 -7.39
CA GLU A 68 -0.03 -10.10 -8.83
C GLU A 68 -1.42 -9.94 -9.46
N HIS A 69 -1.53 -9.04 -10.40
CA HIS A 69 -2.83 -8.78 -11.07
C HIS A 69 -3.19 -9.95 -11.99
N HIS A 70 -4.41 -10.42 -11.89
CA HIS A 70 -4.86 -11.55 -12.75
C HIS A 70 -6.36 -11.38 -13.06
N HIS A 71 -7.12 -12.42 -12.84
CA HIS A 71 -8.58 -12.36 -13.12
C HIS A 71 -8.82 -11.82 -14.53
N HIS A 72 -8.67 -12.67 -15.50
CA HIS A 72 -8.87 -12.24 -16.92
C HIS A 72 -10.36 -12.22 -17.26
N HIS A 73 -10.79 -11.19 -17.94
CA HIS A 73 -12.23 -11.08 -18.33
C HIS A 73 -12.58 -12.16 -19.34
N HIS A 74 -11.71 -12.39 -20.29
CA HIS A 74 -11.98 -13.43 -21.33
C HIS A 74 -11.54 -14.80 -20.81
N MET A 1 -1.38 -6.65 10.45
CA MET A 1 -0.30 -6.02 9.65
C MET A 1 -0.74 -5.92 8.19
N LYS A 2 -1.62 -6.81 7.78
CA LYS A 2 -2.11 -6.82 6.37
C LYS A 2 -3.54 -6.31 6.31
N GLY A 3 -3.92 -5.72 5.20
CA GLY A 3 -5.30 -5.19 5.06
C GLY A 3 -5.67 -5.09 3.58
N LYS A 4 -6.52 -4.15 3.25
CA LYS A 4 -6.96 -3.97 1.83
C LYS A 4 -6.86 -2.50 1.45
N VAL A 5 -6.43 -2.23 0.24
CA VAL A 5 -6.30 -0.82 -0.22
C VAL A 5 -7.67 -0.29 -0.67
N VAL A 6 -8.16 0.72 0.00
CA VAL A 6 -9.49 1.29 -0.38
C VAL A 6 -9.32 2.38 -1.44
N SER A 7 -8.22 3.09 -1.42
CA SER A 7 -8.01 4.16 -2.44
C SER A 7 -6.53 4.46 -2.62
N TYR A 8 -6.17 4.96 -3.78
CA TYR A 8 -4.75 5.30 -4.06
C TYR A 8 -4.70 6.28 -5.25
N LEU A 9 -4.92 5.77 -6.43
CA LEU A 9 -4.90 6.63 -7.65
C LEU A 9 -3.55 7.34 -7.77
N ALA A 10 -2.83 7.03 -8.82
CA ALA A 10 -1.50 7.67 -9.04
C ALA A 10 -1.68 9.18 -9.20
N ALA A 11 -2.84 9.59 -9.66
CA ALA A 11 -3.12 11.04 -9.84
C ALA A 11 -3.06 11.76 -8.49
N LYS A 12 -3.48 11.11 -7.45
CA LYS A 12 -3.46 11.75 -6.10
C LYS A 12 -2.16 11.36 -5.40
N LYS A 13 -1.40 10.46 -6.00
CA LYS A 13 -0.12 10.01 -5.40
C LYS A 13 -0.35 9.45 -4.00
N TYR A 14 -1.56 9.50 -3.52
CA TYR A 14 -1.85 8.95 -2.18
C TYR A 14 -3.36 8.71 -2.03
N GLY A 15 -3.74 7.94 -1.05
CA GLY A 15 -5.18 7.64 -0.83
C GLY A 15 -5.39 7.14 0.59
N PHE A 16 -6.06 6.04 0.75
CA PHE A 16 -6.32 5.49 2.11
C PHE A 16 -6.26 3.97 2.06
N ILE A 17 -5.96 3.35 3.17
CA ILE A 17 -5.86 1.86 3.23
C ILE A 17 -6.74 1.34 4.37
N GLN A 18 -7.52 0.32 4.11
CA GLN A 18 -8.41 -0.24 5.16
C GLN A 18 -7.67 -1.34 5.92
N GLY A 19 -7.11 -1.00 7.04
CA GLY A 19 -6.35 -1.99 7.85
C GLY A 19 -7.27 -3.08 8.40
N ASP A 20 -6.71 -4.17 8.83
CA ASP A 20 -7.52 -5.29 9.38
C ASP A 20 -8.18 -4.85 10.69
N ASP A 21 -7.52 -4.03 11.45
CA ASP A 21 -8.11 -3.57 12.74
C ASP A 21 -9.04 -2.38 12.46
N GLY A 22 -9.19 -2.02 11.22
CA GLY A 22 -10.06 -0.87 10.87
C GLY A 22 -9.27 0.43 11.02
N GLU A 23 -7.97 0.32 11.11
CA GLU A 23 -7.12 1.53 11.27
C GLU A 23 -6.67 2.03 9.89
N SER A 24 -6.97 3.26 9.59
CA SER A 24 -6.59 3.84 8.28
C SER A 24 -5.11 4.19 8.26
N TYR A 25 -4.49 4.13 7.10
CA TYR A 25 -3.04 4.45 6.99
C TYR A 25 -2.81 5.29 5.72
N PHE A 26 -2.00 6.29 5.82
CA PHE A 26 -1.73 7.17 4.64
C PHE A 26 -0.75 6.48 3.71
N LEU A 27 -0.98 6.60 2.42
CA LEU A 27 -0.07 5.97 1.42
C LEU A 27 0.64 7.05 0.60
N HIS A 28 1.95 7.09 0.68
CA HIS A 28 2.73 8.08 -0.09
C HIS A 28 3.80 7.36 -0.92
N PHE A 29 3.97 7.78 -2.15
CA PHE A 29 4.98 7.13 -3.03
C PHE A 29 6.37 7.25 -2.40
N SER A 30 6.59 8.27 -1.62
CA SER A 30 7.92 8.45 -0.98
C SER A 30 8.18 7.30 -0.01
N GLU A 31 7.13 6.70 0.49
CA GLU A 31 7.31 5.57 1.45
C GLU A 31 7.63 4.28 0.67
N LEU A 32 7.69 4.37 -0.64
CA LEU A 32 7.99 3.15 -1.44
C LEU A 32 9.50 2.94 -1.50
N LEU A 33 9.95 1.74 -1.23
CA LEU A 33 11.41 1.44 -1.27
C LEU A 33 11.92 1.62 -2.69
N ASP A 34 11.15 1.21 -3.66
CA ASP A 34 11.56 1.36 -5.09
C ASP A 34 10.39 1.99 -5.87
N LYS A 35 10.46 3.28 -6.09
CA LYS A 35 9.37 3.98 -6.83
C LYS A 35 9.00 3.18 -8.09
N LYS A 36 9.84 2.24 -8.46
CA LYS A 36 9.57 1.41 -9.66
C LYS A 36 8.32 0.56 -9.43
N ASP A 37 8.11 0.11 -8.22
CA ASP A 37 6.92 -0.73 -7.93
C ASP A 37 5.66 0.14 -7.91
N GLU A 38 5.83 1.42 -8.10
CA GLU A 38 4.67 2.35 -8.12
C GLU A 38 3.76 2.00 -9.30
N GLY A 39 4.33 1.53 -10.38
CA GLY A 39 3.51 1.19 -11.57
C GLY A 39 2.97 -0.24 -11.44
N LYS A 40 3.42 -0.96 -10.44
CA LYS A 40 2.94 -2.36 -10.24
C LYS A 40 1.95 -2.40 -9.07
N LEU A 41 1.46 -1.25 -8.68
CA LEU A 41 0.49 -1.20 -7.55
C LEU A 41 -0.86 -1.77 -7.98
N VAL A 42 -1.60 -2.32 -7.06
CA VAL A 42 -2.93 -2.93 -7.38
C VAL A 42 -4.04 -2.23 -6.59
N LYS A 43 -5.10 -1.87 -7.26
CA LYS A 43 -6.23 -1.16 -6.58
C LYS A 43 -7.38 -2.12 -6.26
N GLY A 44 -7.83 -2.08 -5.03
CA GLY A 44 -8.98 -2.94 -4.61
C GLY A 44 -8.48 -4.26 -4.03
N SER A 45 -7.25 -4.62 -4.31
CA SER A 45 -6.72 -5.93 -3.80
C SER A 45 -5.98 -5.76 -2.47
N MET A 46 -5.44 -6.84 -1.97
CA MET A 46 -4.70 -6.81 -0.68
C MET A 46 -3.32 -6.20 -0.87
N VAL A 47 -2.90 -5.41 0.07
CA VAL A 47 -1.55 -4.76 0.00
C VAL A 47 -0.79 -5.05 1.28
N HIS A 48 0.44 -5.50 1.16
CA HIS A 48 1.25 -5.82 2.36
C HIS A 48 2.02 -4.58 2.82
N PHE A 49 1.88 -4.23 4.06
CA PHE A 49 2.60 -3.04 4.59
C PHE A 49 3.05 -3.30 6.02
N ASP A 50 4.11 -2.66 6.43
CA ASP A 50 4.64 -2.84 7.82
C ASP A 50 4.22 -1.64 8.66
N PRO A 51 4.08 -1.81 9.95
CA PRO A 51 3.67 -0.70 10.86
C PRO A 51 4.70 0.44 10.88
N THR A 52 4.23 1.66 10.98
CA THR A 52 5.15 2.82 11.01
C THR A 52 4.49 3.98 11.79
N PRO A 53 4.66 4.02 13.09
CA PRO A 53 4.07 5.08 13.95
C PRO A 53 4.92 6.34 13.95
N THR A 54 4.66 7.24 13.02
CA THR A 54 5.45 8.49 12.93
C THR A 54 4.73 9.61 13.70
N PRO A 55 5.32 10.77 13.78
CA PRO A 55 4.73 11.94 14.50
C PRO A 55 3.32 12.27 13.98
N LYS A 56 3.09 12.05 12.71
CA LYS A 56 1.77 12.32 12.12
C LYS A 56 0.72 11.43 12.77
N GLY A 57 1.05 10.17 12.98
CA GLY A 57 0.10 9.23 13.62
C GLY A 57 0.11 7.90 12.89
N LEU A 58 -0.69 7.77 11.85
CA LEU A 58 -0.74 6.48 11.09
C LEU A 58 -0.01 6.64 9.76
N ALA A 59 0.87 5.72 9.45
CA ALA A 59 1.61 5.80 8.16
C ALA A 59 2.06 4.39 7.75
N ALA A 60 2.24 4.18 6.47
CA ALA A 60 2.67 2.83 5.98
C ALA A 60 4.10 2.90 5.47
N LYS A 61 4.89 1.89 5.79
CA LYS A 61 6.31 1.86 5.33
C LYS A 61 6.62 0.48 4.75
N ALA A 62 7.34 0.46 3.65
CA ALA A 62 7.71 -0.83 3.00
C ALA A 62 6.44 -1.50 2.45
N ILE A 63 5.77 -0.85 1.54
CA ILE A 63 4.52 -1.43 0.96
C ILE A 63 4.89 -2.31 -0.24
N SER A 64 4.34 -3.49 -0.29
CA SER A 64 4.64 -4.41 -1.43
C SER A 64 3.37 -5.11 -1.89
N LEU A 65 3.34 -5.50 -3.14
CA LEU A 65 2.14 -6.17 -3.68
C LEU A 65 2.25 -7.69 -3.43
N PRO A 66 1.18 -8.32 -3.00
CA PRO A 66 1.18 -9.79 -2.75
C PRO A 66 1.13 -10.59 -4.06
N LEU A 67 1.00 -9.90 -5.16
CA LEU A 67 0.95 -10.59 -6.48
C LEU A 67 2.32 -11.17 -6.83
N GLU A 68 2.34 -12.35 -7.41
CA GLU A 68 3.60 -13.01 -7.80
C GLU A 68 4.59 -12.98 -6.64
N HIS A 69 4.69 -14.07 -5.91
CA HIS A 69 5.63 -14.13 -4.75
C HIS A 69 5.99 -15.58 -4.44
N HIS A 70 6.66 -15.80 -3.34
CA HIS A 70 7.07 -17.18 -2.95
C HIS A 70 7.84 -17.84 -4.10
N HIS A 71 9.07 -17.46 -4.30
CA HIS A 71 9.89 -18.05 -5.39
C HIS A 71 11.38 -17.93 -5.06
N HIS A 72 12.18 -18.84 -5.57
CA HIS A 72 13.65 -18.80 -5.30
C HIS A 72 14.38 -19.52 -6.43
N HIS A 73 13.89 -20.67 -6.83
CA HIS A 73 14.55 -21.44 -7.92
C HIS A 73 14.55 -20.64 -9.22
N HIS A 74 13.46 -20.01 -9.54
CA HIS A 74 13.37 -19.22 -10.80
C HIS A 74 13.92 -17.82 -10.56
N MET A 1 -0.97 -4.59 10.22
CA MET A 1 0.07 -5.36 9.49
C MET A 1 -0.32 -5.49 8.03
N LYS A 2 -1.53 -5.94 7.76
CA LYS A 2 -1.98 -6.08 6.35
C LYS A 2 -3.47 -5.74 6.24
N GLY A 3 -3.90 -5.32 5.08
CA GLY A 3 -5.34 -4.97 4.91
C GLY A 3 -5.69 -4.95 3.42
N LYS A 4 -6.62 -4.10 3.04
CA LYS A 4 -7.02 -4.01 1.60
C LYS A 4 -7.02 -2.55 1.16
N VAL A 5 -6.59 -2.30 -0.04
CA VAL A 5 -6.56 -0.89 -0.55
C VAL A 5 -7.95 -0.50 -1.05
N VAL A 6 -8.64 0.34 -0.31
CA VAL A 6 -9.99 0.76 -0.73
C VAL A 6 -9.90 1.79 -1.85
N SER A 7 -8.93 2.67 -1.80
CA SER A 7 -8.80 3.69 -2.87
C SER A 7 -7.34 4.05 -3.09
N TYR A 8 -7.00 4.36 -4.32
CA TYR A 8 -5.60 4.77 -4.63
C TYR A 8 -5.60 5.56 -5.92
N LEU A 9 -5.44 6.85 -5.84
CA LEU A 9 -5.43 7.70 -7.06
C LEU A 9 -4.01 8.20 -7.31
N ALA A 10 -3.40 7.74 -8.36
CA ALA A 10 -2.00 8.17 -8.67
C ALA A 10 -1.99 9.66 -8.99
N ALA A 11 -3.06 10.17 -9.51
CA ALA A 11 -3.13 11.62 -9.86
C ALA A 11 -2.99 12.46 -8.59
N LYS A 12 -3.57 12.01 -7.50
CA LYS A 12 -3.48 12.78 -6.24
C LYS A 12 -2.26 12.27 -5.44
N LYS A 13 -1.60 11.26 -5.96
CA LYS A 13 -0.42 10.71 -5.26
C LYS A 13 -0.80 10.31 -3.83
N TYR A 14 -2.07 10.39 -3.51
CA TYR A 14 -2.53 10.02 -2.13
C TYR A 14 -3.71 9.06 -2.22
N GLY A 15 -3.90 8.25 -1.22
CA GLY A 15 -5.02 7.28 -1.24
C GLY A 15 -5.30 6.80 0.18
N PHE A 16 -6.13 5.78 0.33
CA PHE A 16 -6.44 5.26 1.69
C PHE A 16 -6.44 3.74 1.68
N ILE A 17 -6.10 3.13 2.79
CA ILE A 17 -6.07 1.65 2.87
C ILE A 17 -6.82 1.19 4.13
N GLN A 18 -7.68 0.21 4.00
CA GLN A 18 -8.46 -0.26 5.19
C GLN A 18 -7.65 -1.28 5.97
N GLY A 19 -7.16 -0.89 7.13
CA GLY A 19 -6.35 -1.82 7.96
C GLY A 19 -7.21 -2.95 8.52
N ASP A 20 -6.59 -4.04 8.89
CA ASP A 20 -7.35 -5.18 9.46
C ASP A 20 -7.96 -4.79 10.81
N ASP A 21 -7.30 -3.94 11.55
CA ASP A 21 -7.84 -3.50 12.87
C ASP A 21 -8.71 -2.26 12.67
N GLY A 22 -8.97 -1.89 11.43
CA GLY A 22 -9.82 -0.70 11.17
C GLY A 22 -8.95 0.56 11.20
N GLU A 23 -7.66 0.41 11.09
CA GLU A 23 -6.75 1.60 11.11
C GLU A 23 -6.41 2.01 9.68
N SER A 24 -6.70 3.24 9.33
CA SER A 24 -6.40 3.71 7.95
C SER A 24 -4.92 4.05 7.81
N TYR A 25 -4.37 3.88 6.63
CA TYR A 25 -2.93 4.21 6.39
C TYR A 25 -2.82 5.06 5.12
N PHE A 26 -2.08 6.13 5.18
CA PHE A 26 -1.92 7.00 4.00
C PHE A 26 -0.85 6.43 3.07
N LEU A 27 -1.03 6.57 1.78
CA LEU A 27 -0.01 6.04 0.82
C LEU A 27 0.65 7.21 0.09
N HIS A 28 1.96 7.29 0.17
CA HIS A 28 2.70 8.40 -0.52
C HIS A 28 3.97 7.84 -1.16
N PHE A 29 4.60 8.61 -2.00
CA PHE A 29 5.86 8.15 -2.66
C PHE A 29 6.95 7.97 -1.60
N SER A 30 7.02 8.84 -0.65
CA SER A 30 8.07 8.73 0.41
C SER A 30 7.88 7.43 1.17
N GLU A 31 6.72 6.83 1.06
CA GLU A 31 6.46 5.55 1.78
C GLU A 31 6.84 4.38 0.87
N LEU A 32 7.12 4.66 -0.39
CA LEU A 32 7.51 3.57 -1.33
C LEU A 32 9.03 3.54 -1.49
N LEU A 33 9.67 2.57 -0.91
CA LEU A 33 11.14 2.46 -1.02
C LEU A 33 11.53 2.23 -2.48
N ASP A 34 10.80 1.38 -3.16
CA ASP A 34 11.11 1.09 -4.59
C ASP A 34 10.14 1.87 -5.49
N LYS A 35 10.63 2.86 -6.16
CA LYS A 35 9.76 3.67 -7.06
C LYS A 35 9.22 2.79 -8.18
N LYS A 36 10.00 1.81 -8.60
CA LYS A 36 9.54 0.92 -9.69
C LYS A 36 8.29 0.15 -9.24
N ASP A 37 8.20 -0.18 -7.98
CA ASP A 37 7.01 -0.93 -7.49
C ASP A 37 5.80 0.00 -7.53
N GLU A 38 6.01 1.26 -7.83
CA GLU A 38 4.89 2.22 -7.88
C GLU A 38 3.86 1.76 -8.91
N GLY A 39 4.31 1.29 -10.05
CA GLY A 39 3.36 0.84 -11.11
C GLY A 39 2.98 -0.62 -10.87
N LYS A 40 3.55 -1.24 -9.88
CA LYS A 40 3.24 -2.67 -9.60
C LYS A 40 2.16 -2.75 -8.52
N LEU A 41 1.72 -1.62 -8.03
CA LEU A 41 0.67 -1.63 -6.97
C LEU A 41 -0.62 -2.23 -7.53
N VAL A 42 -1.36 -2.95 -6.70
CA VAL A 42 -2.63 -3.57 -7.17
C VAL A 42 -3.81 -2.95 -6.44
N LYS A 43 -4.72 -2.38 -7.18
CA LYS A 43 -5.92 -1.72 -6.57
C LYS A 43 -7.12 -2.68 -6.53
N GLY A 44 -7.90 -2.61 -5.47
CA GLY A 44 -9.10 -3.48 -5.38
C GLY A 44 -8.72 -4.88 -4.86
N SER A 45 -7.64 -4.98 -4.12
CA SER A 45 -7.25 -6.34 -3.61
C SER A 45 -6.45 -6.22 -2.31
N MET A 46 -5.82 -7.30 -1.90
CA MET A 46 -5.03 -7.29 -0.64
C MET A 46 -3.63 -6.72 -0.89
N VAL A 47 -3.10 -6.00 0.08
CA VAL A 47 -1.73 -5.43 -0.04
C VAL A 47 -0.98 -5.64 1.26
N HIS A 48 0.33 -5.55 1.24
CA HIS A 48 1.14 -5.77 2.48
C HIS A 48 2.02 -4.55 2.74
N PHE A 49 2.08 -4.10 3.97
CA PHE A 49 2.92 -2.93 4.31
C PHE A 49 3.47 -3.11 5.73
N ASP A 50 4.59 -2.49 6.02
CA ASP A 50 5.18 -2.63 7.39
C ASP A 50 4.78 -1.40 8.22
N PRO A 51 4.75 -1.55 9.53
CA PRO A 51 4.41 -0.43 10.47
C PRO A 51 5.45 0.69 10.45
N THR A 52 5.06 1.90 10.79
CA THR A 52 6.02 3.03 10.78
C THR A 52 6.45 3.34 12.23
N PRO A 53 7.60 3.93 12.42
CA PRO A 53 8.12 4.30 13.78
C PRO A 53 7.22 5.34 14.45
N THR A 54 6.44 6.03 13.67
CA THR A 54 5.53 7.08 14.24
C THR A 54 4.90 6.58 15.54
N PRO A 55 4.54 7.48 16.44
CA PRO A 55 3.90 7.10 17.73
C PRO A 55 2.90 5.95 17.54
N LYS A 56 2.43 5.78 16.33
CA LYS A 56 1.46 4.68 16.04
C LYS A 56 1.71 4.14 14.63
N GLY A 57 1.28 4.86 13.63
CA GLY A 57 1.49 4.39 12.23
C GLY A 57 0.67 5.25 11.28
N LEU A 58 -0.60 4.93 11.13
CA LEU A 58 -1.49 5.72 10.22
C LEU A 58 -0.75 6.05 8.93
N ALA A 59 0.28 5.31 8.62
CA ALA A 59 1.03 5.57 7.38
C ALA A 59 1.64 4.26 6.86
N ALA A 60 1.65 4.07 5.58
CA ALA A 60 2.21 2.83 5.01
C ALA A 60 3.73 2.92 4.94
N LYS A 61 4.41 1.81 5.07
CA LYS A 61 5.90 1.84 4.99
C LYS A 61 6.39 0.56 4.32
N ALA A 62 7.21 0.68 3.32
CA ALA A 62 7.73 -0.53 2.61
C ALA A 62 6.54 -1.34 2.10
N ILE A 63 5.74 -0.77 1.25
CA ILE A 63 4.57 -1.48 0.69
C ILE A 63 5.03 -2.54 -0.30
N SER A 64 4.42 -3.69 -0.29
CA SER A 64 4.83 -4.79 -1.22
C SER A 64 3.59 -5.45 -1.81
N LEU A 65 3.78 -6.16 -2.90
CA LEU A 65 2.63 -6.85 -3.57
C LEU A 65 2.94 -8.36 -3.66
N PRO A 66 2.73 -9.08 -2.59
CA PRO A 66 2.99 -10.55 -2.53
C PRO A 66 1.80 -11.36 -3.06
N LEU A 67 1.04 -10.78 -3.95
CA LEU A 67 -0.16 -11.47 -4.49
C LEU A 67 0.24 -12.63 -5.41
N GLU A 68 0.07 -12.46 -6.71
CA GLU A 68 0.40 -13.55 -7.66
C GLU A 68 1.75 -13.30 -8.34
N HIS A 69 2.63 -14.27 -8.27
CA HIS A 69 3.98 -14.12 -8.91
C HIS A 69 4.39 -15.45 -9.56
N HIS A 70 5.05 -15.38 -10.69
CA HIS A 70 5.49 -16.62 -11.39
C HIS A 70 6.78 -17.11 -10.77
N HIS A 71 7.43 -16.29 -9.99
CA HIS A 71 8.72 -16.70 -9.38
C HIS A 71 8.45 -17.68 -8.22
N HIS A 72 9.28 -18.68 -8.08
CA HIS A 72 9.09 -19.67 -7.00
C HIS A 72 9.32 -19.00 -5.64
N HIS A 73 10.28 -18.12 -5.55
CA HIS A 73 10.55 -17.43 -4.26
C HIS A 73 11.18 -16.06 -4.50
N HIS A 74 11.03 -15.15 -3.56
CA HIS A 74 11.62 -13.79 -3.71
C HIS A 74 11.15 -13.17 -5.03
N MET A 1 0.92 -3.64 9.05
CA MET A 1 0.72 -5.12 8.98
C MET A 1 0.11 -5.48 7.62
N LYS A 2 -1.08 -6.03 7.62
CA LYS A 2 -1.74 -6.42 6.35
C LYS A 2 -3.16 -5.85 6.31
N GLY A 3 -3.58 -5.34 5.19
CA GLY A 3 -4.95 -4.77 5.09
C GLY A 3 -5.43 -4.77 3.64
N LYS A 4 -6.31 -3.87 3.30
CA LYS A 4 -6.84 -3.80 1.90
C LYS A 4 -6.81 -2.35 1.43
N VAL A 5 -6.44 -2.14 0.19
CA VAL A 5 -6.38 -0.75 -0.35
C VAL A 5 -7.77 -0.32 -0.80
N VAL A 6 -8.27 0.76 -0.24
CA VAL A 6 -9.62 1.25 -0.62
C VAL A 6 -9.47 2.27 -1.76
N SER A 7 -8.41 3.01 -1.78
CA SER A 7 -8.22 4.01 -2.86
C SER A 7 -6.73 4.31 -3.07
N TYR A 8 -6.34 4.53 -4.29
CA TYR A 8 -4.91 4.85 -4.58
C TYR A 8 -4.82 5.57 -5.92
N LEU A 9 -4.76 6.88 -5.89
CA LEU A 9 -4.68 7.65 -7.17
C LEU A 9 -3.23 8.09 -7.41
N ALA A 10 -2.69 7.74 -8.54
CA ALA A 10 -1.29 8.12 -8.86
C ALA A 10 -1.21 9.64 -9.02
N ALA A 11 -2.23 10.23 -9.56
CA ALA A 11 -2.22 11.71 -9.76
C ALA A 11 -2.10 12.40 -8.39
N LYS A 12 -2.61 11.78 -7.37
CA LYS A 12 -2.52 12.41 -6.01
C LYS A 12 -1.28 11.86 -5.29
N LYS A 13 -0.62 10.90 -5.89
CA LYS A 13 0.59 10.30 -5.25
C LYS A 13 0.23 9.71 -3.88
N TYR A 14 -0.99 9.89 -3.45
CA TYR A 14 -1.40 9.32 -2.14
C TYR A 14 -2.89 9.02 -2.16
N GLY A 15 -3.35 8.20 -1.27
CA GLY A 15 -4.81 7.86 -1.23
C GLY A 15 -5.19 7.40 0.17
N PHE A 16 -5.92 6.32 0.28
CA PHE A 16 -6.33 5.81 1.61
C PHE A 16 -6.27 4.29 1.63
N ILE A 17 -6.17 3.70 2.80
CA ILE A 17 -6.10 2.22 2.91
C ILE A 17 -7.00 1.76 4.06
N GLN A 18 -7.47 0.54 4.00
CA GLN A 18 -8.35 0.00 5.08
C GLN A 18 -7.58 -1.05 5.89
N GLY A 19 -7.18 -0.71 7.07
CA GLY A 19 -6.41 -1.67 7.93
C GLY A 19 -7.30 -2.84 8.37
N ASP A 20 -6.68 -3.91 8.78
CA ASP A 20 -7.46 -5.10 9.25
C ASP A 20 -8.24 -4.72 10.51
N ASP A 21 -7.68 -3.90 11.36
CA ASP A 21 -8.39 -3.50 12.61
C ASP A 21 -9.21 -2.24 12.34
N GLY A 22 -9.33 -1.85 11.10
CA GLY A 22 -10.12 -0.62 10.77
C GLY A 22 -9.23 0.61 10.93
N GLU A 23 -7.94 0.42 10.97
CA GLU A 23 -7.01 1.59 11.10
C GLU A 23 -6.49 1.99 9.72
N SER A 24 -6.85 3.16 9.26
CA SER A 24 -6.41 3.62 7.92
C SER A 24 -4.94 4.03 7.95
N TYR A 25 -4.24 3.81 6.86
CA TYR A 25 -2.79 4.17 6.79
C TYR A 25 -2.57 5.13 5.61
N PHE A 26 -1.75 6.12 5.80
CA PHE A 26 -1.49 7.09 4.71
C PHE A 26 -0.50 6.48 3.71
N LEU A 27 -0.82 6.55 2.44
CA LEU A 27 0.09 5.97 1.40
C LEU A 27 0.80 7.12 0.68
N HIS A 28 2.11 7.11 0.69
CA HIS A 28 2.88 8.18 0.01
C HIS A 28 4.01 7.55 -0.83
N PHE A 29 4.42 8.22 -1.86
CA PHE A 29 5.52 7.68 -2.72
C PHE A 29 6.81 7.60 -1.90
N SER A 30 7.00 8.53 -1.03
CA SER A 30 8.23 8.53 -0.19
C SER A 30 8.27 7.25 0.66
N GLU A 31 7.15 6.63 0.86
CA GLU A 31 7.12 5.38 1.68
C GLU A 31 7.41 4.17 0.78
N LEU A 32 7.55 4.39 -0.49
CA LEU A 32 7.84 3.25 -1.41
C LEU A 32 9.35 3.11 -1.63
N LEU A 33 9.89 1.95 -1.39
CA LEU A 33 11.35 1.74 -1.58
C LEU A 33 11.70 1.94 -3.05
N ASP A 34 10.87 1.43 -3.93
CA ASP A 34 11.12 1.57 -5.39
C ASP A 34 9.87 2.16 -6.03
N LYS A 35 9.80 3.47 -6.09
CA LYS A 35 8.61 4.14 -6.69
C LYS A 35 8.22 3.45 -8.00
N LYS A 36 9.10 2.65 -8.53
CA LYS A 36 8.80 1.93 -9.80
C LYS A 36 7.68 0.92 -9.56
N ASP A 37 7.66 0.34 -8.39
CA ASP A 37 6.60 -0.66 -8.07
C ASP A 37 5.27 0.03 -7.84
N GLU A 38 5.26 1.33 -7.89
CA GLU A 38 3.99 2.09 -7.67
C GLU A 38 2.99 1.74 -8.78
N GLY A 39 3.47 1.54 -9.98
CA GLY A 39 2.56 1.22 -11.12
C GLY A 39 2.22 -0.28 -11.09
N LYS A 40 2.93 -1.03 -10.30
CA LYS A 40 2.64 -2.50 -10.22
C LYS A 40 1.71 -2.76 -9.03
N LEU A 41 1.24 -1.74 -8.39
CA LEU A 41 0.34 -1.92 -7.23
C LEU A 41 -1.00 -2.48 -7.68
N VAL A 42 -1.71 -3.14 -6.79
CA VAL A 42 -3.03 -3.74 -7.14
C VAL A 42 -4.15 -2.96 -6.44
N LYS A 43 -5.14 -2.55 -7.19
CA LYS A 43 -6.28 -1.77 -6.59
C LYS A 43 -7.48 -2.68 -6.33
N GLY A 44 -8.11 -2.51 -5.19
CA GLY A 44 -9.32 -3.32 -4.86
C GLY A 44 -8.90 -4.71 -4.38
N SER A 45 -7.71 -4.84 -3.85
CA SER A 45 -7.27 -6.19 -3.37
C SER A 45 -6.45 -6.06 -2.07
N MET A 46 -5.92 -7.16 -1.62
CA MET A 46 -5.13 -7.16 -0.36
C MET A 46 -3.71 -6.63 -0.62
N VAL A 47 -3.13 -6.00 0.37
CA VAL A 47 -1.75 -5.47 0.22
C VAL A 47 -0.95 -5.84 1.47
N HIS A 48 0.36 -5.73 1.40
CA HIS A 48 1.20 -6.08 2.60
C HIS A 48 2.15 -4.93 2.91
N PHE A 49 2.23 -4.55 4.15
CA PHE A 49 3.14 -3.44 4.55
C PHE A 49 3.61 -3.66 5.98
N ASP A 50 4.65 -2.98 6.39
CA ASP A 50 5.17 -3.15 7.79
C ASP A 50 4.57 -2.04 8.68
N PRO A 51 4.43 -2.30 9.95
CA PRO A 51 3.86 -1.31 10.91
C PRO A 51 4.73 -0.06 11.06
N THR A 52 4.12 1.06 11.34
CA THR A 52 4.88 2.33 11.51
C THR A 52 4.15 3.20 12.54
N PRO A 53 4.44 3.05 13.80
CA PRO A 53 3.79 3.85 14.88
C PRO A 53 3.75 5.34 14.55
N THR A 54 2.71 5.78 13.87
CA THR A 54 2.59 7.21 13.49
C THR A 54 1.14 7.66 13.74
N PRO A 55 0.74 7.72 14.99
CA PRO A 55 -0.65 8.16 15.36
C PRO A 55 -0.89 9.63 15.01
N LYS A 56 0.00 10.20 14.23
CA LYS A 56 -0.16 11.63 13.83
C LYS A 56 -0.60 11.70 12.36
N GLY A 57 -0.93 10.57 11.79
CA GLY A 57 -1.36 10.53 10.37
C GLY A 57 -1.38 9.08 9.89
N LEU A 58 -0.71 8.21 10.60
CA LEU A 58 -0.67 6.76 10.22
C LEU A 58 0.00 6.58 8.87
N ALA A 59 0.70 5.48 8.68
CA ALA A 59 1.39 5.24 7.39
C ALA A 59 1.51 3.73 7.15
N ALA A 60 1.93 3.36 5.96
CA ALA A 60 2.09 1.91 5.64
C ALA A 60 3.57 1.55 5.70
N LYS A 61 4.41 2.36 5.11
CA LYS A 61 5.88 2.11 5.13
C LYS A 61 6.20 0.75 4.49
N ALA A 62 7.12 0.75 3.57
CA ALA A 62 7.52 -0.51 2.88
C ALA A 62 6.26 -1.27 2.42
N ILE A 63 5.78 -0.95 1.25
CA ILE A 63 4.57 -1.63 0.71
C ILE A 63 4.96 -2.66 -0.34
N SER A 64 4.36 -3.82 -0.30
CA SER A 64 4.69 -4.88 -1.30
C SER A 64 3.41 -5.51 -1.85
N LEU A 65 3.52 -6.15 -2.98
CA LEU A 65 2.35 -6.80 -3.63
C LEU A 65 2.60 -8.30 -3.76
N PRO A 66 2.38 -9.05 -2.71
CA PRO A 66 2.60 -10.53 -2.71
C PRO A 66 1.40 -11.27 -3.29
N LEU A 67 0.37 -10.55 -3.66
CA LEU A 67 -0.85 -11.21 -4.21
C LEU A 67 -0.80 -11.25 -5.75
N GLU A 68 -1.00 -12.40 -6.31
CA GLU A 68 -0.98 -12.56 -7.80
C GLU A 68 0.33 -11.98 -8.36
N HIS A 69 1.17 -12.85 -8.85
CA HIS A 69 2.48 -12.39 -9.41
C HIS A 69 2.39 -12.27 -10.93
N HIS A 70 2.87 -11.18 -11.46
CA HIS A 70 2.82 -10.97 -12.93
C HIS A 70 3.87 -11.85 -13.62
N HIS A 71 3.45 -12.60 -14.61
CA HIS A 71 4.41 -13.49 -15.33
C HIS A 71 5.17 -12.68 -16.40
N HIS A 72 6.42 -13.00 -16.60
CA HIS A 72 7.22 -12.29 -17.62
C HIS A 72 6.96 -12.92 -19.00
N HIS A 73 6.34 -14.07 -19.02
CA HIS A 73 6.05 -14.75 -20.31
C HIS A 73 4.91 -14.06 -21.04
N HIS A 74 4.87 -14.19 -22.33
CA HIS A 74 3.78 -13.55 -23.13
C HIS A 74 3.50 -14.41 -24.37
N MET A 1 -0.11 -8.27 9.91
CA MET A 1 -0.76 -6.93 10.03
C MET A 1 -1.04 -6.39 8.65
N LYS A 2 -1.77 -7.12 7.84
CA LYS A 2 -2.09 -6.68 6.46
C LYS A 2 -3.58 -6.33 6.34
N GLY A 3 -3.97 -5.76 5.25
CA GLY A 3 -5.41 -5.39 5.07
C GLY A 3 -5.72 -5.31 3.58
N LYS A 4 -6.60 -4.41 3.20
CA LYS A 4 -6.97 -4.25 1.76
C LYS A 4 -6.91 -2.78 1.36
N VAL A 5 -6.46 -2.51 0.17
CA VAL A 5 -6.36 -1.09 -0.29
C VAL A 5 -7.73 -0.60 -0.78
N VAL A 6 -8.33 0.31 -0.06
CA VAL A 6 -9.66 0.82 -0.47
C VAL A 6 -9.51 1.69 -1.73
N SER A 7 -8.45 2.45 -1.85
CA SER A 7 -8.28 3.28 -3.07
C SER A 7 -6.85 3.80 -3.16
N TYR A 8 -6.41 4.14 -4.35
CA TYR A 8 -5.04 4.67 -4.52
C TYR A 8 -5.01 5.55 -5.77
N LEU A 9 -4.91 6.85 -5.59
CA LEU A 9 -4.89 7.78 -6.76
C LEU A 9 -3.51 8.43 -6.87
N ALA A 10 -2.88 8.31 -8.00
CA ALA A 10 -1.54 8.92 -8.20
C ALA A 10 -1.65 10.44 -8.20
N ALA A 11 -2.73 10.96 -8.72
CA ALA A 11 -2.90 12.44 -8.78
C ALA A 11 -2.81 13.03 -7.36
N LYS A 12 -3.32 12.34 -6.38
CA LYS A 12 -3.27 12.86 -5.00
C LYS A 12 -1.95 12.42 -4.37
N LYS A 13 -1.10 11.82 -5.15
CA LYS A 13 0.22 11.34 -4.65
C LYS A 13 0.00 10.23 -3.62
N TYR A 14 -1.18 10.13 -3.08
CA TYR A 14 -1.46 9.06 -2.07
C TYR A 14 -2.97 8.84 -1.96
N GLY A 15 -3.38 7.76 -1.37
CA GLY A 15 -4.84 7.49 -1.22
C GLY A 15 -5.13 6.96 0.19
N PHE A 16 -5.94 5.93 0.29
CA PHE A 16 -6.28 5.37 1.63
C PHE A 16 -6.15 3.85 1.61
N ILE A 17 -5.87 3.26 2.75
CA ILE A 17 -5.73 1.78 2.83
C ILE A 17 -6.51 1.26 4.04
N GLN A 18 -7.21 0.17 3.89
CA GLN A 18 -7.99 -0.39 5.03
C GLN A 18 -7.14 -1.42 5.78
N GLY A 19 -6.58 -1.02 6.88
CA GLY A 19 -5.73 -1.96 7.67
C GLY A 19 -6.60 -3.02 8.37
N ASP A 20 -5.97 -3.97 9.00
CA ASP A 20 -6.74 -5.04 9.70
C ASP A 20 -7.55 -4.43 10.84
N ASP A 21 -6.99 -3.48 11.55
CA ASP A 21 -7.72 -2.85 12.68
C ASP A 21 -8.68 -1.79 12.13
N GLY A 22 -8.68 -1.61 10.82
CA GLY A 22 -9.59 -0.60 10.21
C GLY A 22 -8.93 0.78 10.29
N GLU A 23 -7.66 0.83 10.61
CA GLU A 23 -6.97 2.15 10.70
C GLU A 23 -6.48 2.57 9.31
N SER A 24 -6.80 3.77 8.90
CA SER A 24 -6.38 4.23 7.56
C SER A 24 -4.89 4.57 7.56
N TYR A 25 -4.23 4.39 6.43
CA TYR A 25 -2.78 4.71 6.34
C TYR A 25 -2.51 5.48 5.05
N PHE A 26 -1.71 6.51 5.12
CA PHE A 26 -1.42 7.31 3.90
C PHE A 26 -0.37 6.59 3.05
N LEU A 27 -0.56 6.58 1.75
CA LEU A 27 0.42 5.90 0.85
C LEU A 27 1.17 6.97 0.04
N HIS A 28 2.26 7.46 0.56
CA HIS A 28 3.04 8.51 -0.15
C HIS A 28 4.18 7.88 -0.95
N PHE A 29 4.76 8.61 -1.85
CA PHE A 29 5.88 8.09 -2.68
C PHE A 29 7.08 7.76 -1.77
N SER A 30 7.35 8.61 -0.82
CA SER A 30 8.50 8.39 0.09
C SER A 30 8.32 7.09 0.87
N GLU A 31 7.12 6.58 0.94
CA GLU A 31 6.89 5.32 1.69
C GLU A 31 7.19 4.12 0.79
N LEU A 32 7.49 4.37 -0.46
CA LEU A 32 7.81 3.26 -1.40
C LEU A 32 9.33 3.14 -1.58
N LEU A 33 9.87 1.97 -1.34
CA LEU A 33 11.34 1.79 -1.51
C LEU A 33 11.68 2.00 -2.98
N ASP A 34 10.87 1.50 -3.87
CA ASP A 34 11.12 1.66 -5.34
C ASP A 34 9.83 2.15 -6.01
N LYS A 35 9.85 3.34 -6.55
CA LYS A 35 8.63 3.88 -7.22
C LYS A 35 8.31 3.03 -8.45
N LYS A 36 9.23 2.18 -8.84
CA LYS A 36 8.98 1.30 -10.03
C LYS A 36 7.82 0.35 -9.73
N ASP A 37 7.73 -0.14 -8.53
CA ASP A 37 6.63 -1.07 -8.16
C ASP A 37 5.31 -0.30 -8.13
N GLU A 38 5.36 0.99 -8.30
CA GLU A 38 4.11 1.80 -8.27
C GLU A 38 3.14 1.28 -9.34
N GLY A 39 3.64 0.92 -10.49
CA GLY A 39 2.74 0.43 -11.56
C GLY A 39 2.37 -1.04 -11.30
N LYS A 40 3.00 -1.66 -10.35
CA LYS A 40 2.69 -3.09 -10.03
C LYS A 40 1.69 -3.14 -8.87
N LEU A 41 1.30 -2.01 -8.35
CA LEU A 41 0.34 -1.99 -7.22
C LEU A 41 -1.00 -2.57 -7.68
N VAL A 42 -1.71 -3.24 -6.81
CA VAL A 42 -3.03 -3.83 -7.19
C VAL A 42 -4.14 -3.16 -6.39
N LYS A 43 -5.06 -2.53 -7.09
CA LYS A 43 -6.19 -1.81 -6.41
C LYS A 43 -7.40 -2.74 -6.27
N GLY A 44 -8.08 -2.67 -5.16
CA GLY A 44 -9.30 -3.51 -4.97
C GLY A 44 -8.90 -4.91 -4.50
N SER A 45 -7.77 -5.06 -3.86
CA SER A 45 -7.34 -6.41 -3.39
C SER A 45 -6.54 -6.32 -2.09
N MET A 46 -5.86 -7.36 -1.74
CA MET A 46 -5.06 -7.37 -0.47
C MET A 46 -3.70 -6.72 -0.72
N VAL A 47 -3.24 -5.94 0.23
CA VAL A 47 -1.91 -5.26 0.09
C VAL A 47 -1.10 -5.46 1.38
N HIS A 48 0.16 -5.79 1.23
CA HIS A 48 1.01 -6.01 2.43
C HIS A 48 1.75 -4.72 2.79
N PHE A 49 1.68 -4.29 4.02
CA PHE A 49 2.38 -3.04 4.44
C PHE A 49 2.90 -3.20 5.86
N ASP A 50 3.92 -2.45 6.21
CA ASP A 50 4.48 -2.54 7.60
C ASP A 50 4.14 -1.26 8.37
N PRO A 51 3.28 -1.34 9.37
CA PRO A 51 2.90 -0.14 10.19
C PRO A 51 4.11 0.62 10.73
N THR A 52 4.00 1.92 10.85
CA THR A 52 5.14 2.73 11.37
C THR A 52 4.80 3.25 12.77
N PRO A 53 5.80 3.45 13.60
CA PRO A 53 5.59 3.96 14.99
C PRO A 53 5.07 5.39 15.00
N THR A 54 3.78 5.56 14.95
CA THR A 54 3.18 6.92 14.97
C THR A 54 1.66 6.82 15.14
N PRO A 55 1.20 6.66 16.36
CA PRO A 55 -0.25 6.54 16.66
C PRO A 55 -1.04 7.71 16.08
N LYS A 56 -0.42 8.87 16.02
CA LYS A 56 -1.11 10.08 15.46
C LYS A 56 -0.49 10.45 14.12
N GLY A 57 -1.18 10.19 13.05
CA GLY A 57 -0.68 10.51 11.69
C GLY A 57 -0.78 9.25 10.82
N LEU A 58 -0.39 8.12 11.35
CA LEU A 58 -0.46 6.84 10.59
C LEU A 58 0.35 6.96 9.29
N ALA A 59 1.22 6.01 9.04
CA ALA A 59 2.04 6.06 7.80
C ALA A 59 2.47 4.64 7.43
N ALA A 60 2.64 4.38 6.16
CA ALA A 60 3.06 3.02 5.71
C ALA A 60 4.55 2.99 5.40
N LYS A 61 5.18 1.86 5.55
CA LYS A 61 6.64 1.76 5.25
C LYS A 61 6.94 0.42 4.58
N ALA A 62 7.70 0.44 3.52
CA ALA A 62 8.06 -0.82 2.82
C ALA A 62 6.78 -1.57 2.41
N ILE A 63 6.03 -1.00 1.52
CA ILE A 63 4.77 -1.66 1.06
C ILE A 63 5.09 -2.67 -0.03
N SER A 64 4.53 -3.86 0.04
CA SER A 64 4.80 -4.90 -0.99
C SER A 64 3.49 -5.50 -1.49
N LEU A 65 3.46 -5.90 -2.73
CA LEU A 65 2.21 -6.49 -3.29
C LEU A 65 2.30 -8.02 -3.16
N PRO A 66 1.19 -8.69 -2.92
CA PRO A 66 1.16 -10.18 -2.79
C PRO A 66 1.37 -10.88 -4.14
N LEU A 67 0.30 -11.03 -4.88
CA LEU A 67 0.38 -11.71 -6.21
C LEU A 67 1.29 -12.95 -6.11
N GLU A 68 1.46 -13.44 -4.92
CA GLU A 68 2.31 -14.66 -4.71
C GLU A 68 3.68 -14.44 -5.35
N HIS A 69 3.97 -15.14 -6.42
CA HIS A 69 5.30 -14.99 -7.06
C HIS A 69 5.17 -15.23 -8.57
N HIS A 70 5.95 -14.54 -9.35
CA HIS A 70 5.86 -14.71 -10.83
C HIS A 70 6.44 -16.06 -11.26
N HIS A 71 5.92 -16.62 -12.32
CA HIS A 71 6.42 -17.94 -12.79
C HIS A 71 7.83 -17.81 -13.36
N HIS A 72 8.68 -18.74 -13.04
CA HIS A 72 10.08 -18.70 -13.55
C HIS A 72 10.66 -17.29 -13.41
N HIS A 73 11.26 -17.02 -12.28
CA HIS A 73 11.85 -15.67 -12.05
C HIS A 73 13.26 -15.60 -12.67
N HIS A 74 13.54 -14.52 -13.36
CA HIS A 74 14.87 -14.36 -14.01
C HIS A 74 15.93 -14.03 -12.95
N MET A 1 0.66 -4.94 9.94
CA MET A 1 0.99 -6.31 9.44
C MET A 1 0.47 -6.47 8.01
N LYS A 2 -0.82 -6.60 7.86
CA LYS A 2 -1.43 -6.74 6.50
C LYS A 2 -2.74 -5.98 6.43
N GLY A 3 -3.16 -5.61 5.26
CA GLY A 3 -4.43 -4.85 5.10
C GLY A 3 -4.93 -4.91 3.66
N LYS A 4 -5.89 -4.07 3.35
CA LYS A 4 -6.46 -4.04 1.97
C LYS A 4 -6.54 -2.60 1.47
N VAL A 5 -6.18 -2.40 0.23
CA VAL A 5 -6.21 -1.02 -0.35
C VAL A 5 -7.64 -0.61 -0.68
N VAL A 6 -8.08 0.46 -0.12
CA VAL A 6 -9.47 0.95 -0.37
C VAL A 6 -9.45 1.96 -1.51
N SER A 7 -8.40 2.74 -1.61
CA SER A 7 -8.33 3.75 -2.71
C SER A 7 -6.86 4.11 -2.98
N TYR A 8 -6.61 4.66 -4.15
CA TYR A 8 -5.24 5.05 -4.51
C TYR A 8 -5.29 6.02 -5.70
N LEU A 9 -5.28 7.30 -5.40
CA LEU A 9 -5.32 8.34 -6.49
C LEU A 9 -3.91 8.91 -6.67
N ALA A 10 -3.34 8.64 -7.80
CA ALA A 10 -1.96 9.14 -8.11
C ALA A 10 -2.01 10.62 -8.46
N ALA A 11 -3.19 11.13 -8.72
CA ALA A 11 -3.34 12.58 -9.09
C ALA A 11 -2.48 13.44 -8.16
N LYS A 12 -2.81 13.48 -6.90
CA LYS A 12 -2.03 14.30 -5.93
C LYS A 12 -0.99 13.40 -5.25
N LYS A 13 -0.72 12.27 -5.83
CA LYS A 13 0.27 11.32 -5.25
C LYS A 13 -0.12 10.96 -3.82
N TYR A 14 -1.31 10.43 -3.66
CA TYR A 14 -1.79 10.05 -2.30
C TYR A 14 -2.79 8.89 -2.40
N GLY A 15 -3.07 8.27 -1.29
CA GLY A 15 -4.04 7.14 -1.28
C GLY A 15 -4.32 6.70 0.15
N PHE A 16 -5.24 5.80 0.31
CA PHE A 16 -5.60 5.30 1.68
C PHE A 16 -5.68 3.78 1.64
N ILE A 17 -5.39 3.16 2.77
CA ILE A 17 -5.43 1.68 2.86
C ILE A 17 -6.21 1.26 4.10
N GLN A 18 -7.11 0.31 3.93
CA GLN A 18 -7.95 -0.17 5.07
C GLN A 18 -7.27 -1.37 5.74
N GLY A 19 -6.88 -1.21 6.96
CA GLY A 19 -6.21 -2.30 7.72
C GLY A 19 -7.24 -3.33 8.17
N ASP A 20 -6.78 -4.52 8.44
CA ASP A 20 -7.69 -5.61 8.88
C ASP A 20 -8.28 -5.29 10.26
N ASP A 21 -7.61 -4.47 11.02
CA ASP A 21 -8.13 -4.12 12.39
C ASP A 21 -9.03 -2.90 12.28
N GLY A 22 -9.29 -2.44 11.08
CA GLY A 22 -10.18 -1.25 10.90
C GLY A 22 -9.34 0.03 11.02
N GLU A 23 -8.05 -0.09 10.95
CA GLU A 23 -7.16 1.10 11.07
C GLU A 23 -6.72 1.57 9.69
N SER A 24 -7.04 2.78 9.36
CA SER A 24 -6.66 3.33 8.02
C SER A 24 -5.20 3.74 8.04
N TYR A 25 -4.58 3.77 6.89
CA TYR A 25 -3.14 4.16 6.79
C TYR A 25 -2.93 5.07 5.58
N PHE A 26 -2.18 6.11 5.79
CA PHE A 26 -1.89 7.08 4.68
C PHE A 26 -0.87 6.49 3.74
N LEU A 27 -1.03 6.74 2.47
CA LEU A 27 -0.10 6.21 1.45
C LEU A 27 0.77 7.34 0.91
N HIS A 28 2.05 7.11 0.86
CA HIS A 28 3.00 8.14 0.33
C HIS A 28 3.99 7.49 -0.65
N PHE A 29 4.37 8.24 -1.65
CA PHE A 29 5.34 7.73 -2.67
C PHE A 29 6.66 7.40 -1.99
N SER A 30 7.10 8.25 -1.10
CA SER A 30 8.39 8.05 -0.41
C SER A 30 8.32 6.76 0.41
N GLU A 31 7.14 6.29 0.68
CA GLU A 31 6.98 5.05 1.50
C GLU A 31 6.98 3.84 0.57
N LEU A 32 7.10 4.07 -0.71
CA LEU A 32 7.12 2.94 -1.69
C LEU A 32 8.58 2.50 -1.88
N LEU A 33 9.48 3.18 -1.25
CA LEU A 33 10.94 2.85 -1.36
C LEU A 33 11.36 2.95 -2.83
N ASP A 34 10.90 2.03 -3.64
CA ASP A 34 11.24 2.05 -5.10
C ASP A 34 9.99 2.41 -5.90
N LYS A 35 9.94 3.61 -6.40
CA LYS A 35 8.76 4.07 -7.18
C LYS A 35 8.52 3.13 -8.36
N LYS A 36 9.46 2.28 -8.63
CA LYS A 36 9.33 1.33 -9.78
C LYS A 36 8.16 0.37 -9.52
N ASP A 37 7.96 -0.02 -8.30
CA ASP A 37 6.84 -0.96 -7.97
C ASP A 37 5.52 -0.20 -7.96
N GLU A 38 5.59 1.10 -8.11
CA GLU A 38 4.36 1.95 -8.10
C GLU A 38 3.40 1.47 -9.19
N GLY A 39 3.93 1.08 -10.31
CA GLY A 39 3.06 0.60 -11.44
C GLY A 39 2.69 -0.87 -11.23
N LYS A 40 3.27 -1.51 -10.25
CA LYS A 40 2.96 -2.95 -9.99
C LYS A 40 1.90 -3.03 -8.89
N LEU A 41 1.47 -1.90 -8.39
CA LEU A 41 0.45 -1.88 -7.30
C LEU A 41 -0.87 -2.41 -7.83
N VAL A 42 -1.67 -2.97 -6.95
CA VAL A 42 -2.99 -3.52 -7.35
C VAL A 42 -4.09 -2.88 -6.54
N LYS A 43 -5.10 -2.39 -7.21
CA LYS A 43 -6.25 -1.72 -6.53
C LYS A 43 -7.38 -2.72 -6.32
N GLY A 44 -7.99 -2.66 -5.16
CA GLY A 44 -9.14 -3.56 -4.85
C GLY A 44 -8.65 -4.93 -4.42
N SER A 45 -7.46 -5.03 -3.90
CA SER A 45 -6.93 -6.36 -3.46
C SER A 45 -6.17 -6.23 -2.15
N MET A 46 -5.81 -7.36 -1.59
CA MET A 46 -5.07 -7.37 -0.31
C MET A 46 -3.62 -7.00 -0.54
N VAL A 47 -3.07 -6.24 0.38
CA VAL A 47 -1.65 -5.79 0.26
C VAL A 47 -0.96 -5.96 1.61
N HIS A 48 0.35 -5.97 1.58
CA HIS A 48 1.14 -6.14 2.84
C HIS A 48 2.06 -4.94 3.04
N PHE A 49 2.02 -4.37 4.20
CA PHE A 49 2.88 -3.19 4.51
C PHE A 49 3.18 -3.16 6.01
N ASP A 50 4.24 -2.48 6.37
CA ASP A 50 4.64 -2.37 7.79
C ASP A 50 4.10 -1.06 8.39
N PRO A 51 3.69 -1.08 9.64
CA PRO A 51 3.16 0.13 10.32
C PRO A 51 4.24 1.19 10.53
N THR A 52 3.88 2.43 10.38
CA THR A 52 4.88 3.53 10.56
C THR A 52 4.14 4.82 10.97
N PRO A 53 3.99 5.05 12.26
CA PRO A 53 3.29 6.27 12.77
C PRO A 53 3.96 7.55 12.25
N THR A 54 3.14 8.51 11.93
CA THR A 54 3.67 9.79 11.39
C THR A 54 2.85 10.96 11.98
N PRO A 55 3.41 12.15 11.93
CA PRO A 55 2.74 13.38 12.46
C PRO A 55 1.27 13.48 12.00
N LYS A 56 1.00 13.08 10.78
CA LYS A 56 -0.39 13.14 10.25
C LYS A 56 -1.27 12.19 11.06
N GLY A 57 -0.77 11.02 11.36
CA GLY A 57 -1.57 10.04 12.16
C GLY A 57 -1.20 8.61 11.77
N LEU A 58 -1.83 8.08 10.75
CA LEU A 58 -1.55 6.67 10.31
C LEU A 58 -0.91 6.68 8.92
N ALA A 59 0.12 5.90 8.75
CA ALA A 59 0.81 5.84 7.44
C ALA A 59 1.40 4.44 7.22
N ALA A 60 1.46 4.02 6.00
CA ALA A 60 2.02 2.66 5.68
C ALA A 60 3.40 2.81 5.06
N LYS A 61 4.32 2.01 5.54
CA LYS A 61 5.73 2.07 5.02
C LYS A 61 6.11 0.73 4.39
N ALA A 62 6.88 0.81 3.32
CA ALA A 62 7.36 -0.41 2.61
C ALA A 62 6.16 -1.23 2.14
N ILE A 63 5.36 -0.65 1.29
CA ILE A 63 4.17 -1.37 0.75
C ILE A 63 4.60 -2.39 -0.28
N SER A 64 4.01 -3.56 -0.22
CA SER A 64 4.38 -4.63 -1.19
C SER A 64 3.11 -5.28 -1.75
N LEU A 65 3.26 -5.93 -2.88
CA LEU A 65 2.11 -6.60 -3.55
C LEU A 65 2.30 -8.12 -3.46
N PRO A 66 1.66 -8.77 -2.52
CA PRO A 66 1.77 -10.24 -2.34
C PRO A 66 1.51 -10.99 -3.64
N LEU A 67 0.60 -10.49 -4.44
CA LEU A 67 0.28 -11.17 -5.72
C LEU A 67 1.36 -10.86 -6.75
N GLU A 68 1.89 -11.88 -7.36
CA GLU A 68 2.97 -11.70 -8.38
C GLU A 68 2.38 -11.72 -9.78
N HIS A 69 2.68 -10.71 -10.55
CA HIS A 69 2.14 -10.61 -11.94
C HIS A 69 3.14 -11.21 -12.93
N HIS A 70 2.72 -12.21 -13.66
CA HIS A 70 3.62 -12.86 -14.67
C HIS A 70 2.80 -13.39 -15.84
N HIS A 71 3.46 -13.71 -16.92
CA HIS A 71 2.75 -14.22 -18.12
C HIS A 71 2.30 -15.66 -17.90
N HIS A 72 1.06 -15.91 -18.18
CA HIS A 72 0.49 -17.28 -17.98
C HIS A 72 0.77 -18.16 -19.20
N HIS A 73 0.92 -19.44 -18.97
CA HIS A 73 1.21 -20.39 -20.08
C HIS A 73 -0.01 -20.52 -20.98
N HIS A 74 0.22 -20.64 -22.25
CA HIS A 74 -0.89 -20.76 -23.23
C HIS A 74 -0.41 -21.52 -24.48
N MET A 1 0.44 -5.93 9.97
CA MET A 1 0.99 -7.05 9.16
C MET A 1 0.34 -7.06 7.79
N LYS A 2 -0.87 -7.54 7.69
CA LYS A 2 -1.59 -7.58 6.37
C LYS A 2 -2.61 -6.45 6.29
N GLY A 3 -3.10 -6.18 5.12
CA GLY A 3 -4.09 -5.08 4.97
C GLY A 3 -4.79 -5.20 3.61
N LYS A 4 -5.60 -4.24 3.26
CA LYS A 4 -6.31 -4.29 1.95
C LYS A 4 -6.38 -2.88 1.36
N VAL A 5 -5.98 -2.71 0.14
CA VAL A 5 -6.02 -1.36 -0.48
C VAL A 5 -7.47 -1.00 -0.85
N VAL A 6 -7.90 0.17 -0.47
CA VAL A 6 -9.29 0.61 -0.80
C VAL A 6 -9.25 1.59 -1.97
N SER A 7 -8.24 2.43 -2.03
CA SER A 7 -8.17 3.40 -3.16
C SER A 7 -6.73 3.89 -3.35
N TYR A 8 -6.44 4.44 -4.50
CA TYR A 8 -5.08 4.96 -4.77
C TYR A 8 -5.15 5.84 -6.02
N LEU A 9 -5.31 7.14 -5.84
CA LEU A 9 -5.39 8.05 -7.01
C LEU A 9 -4.03 8.76 -7.19
N ALA A 10 -3.44 8.60 -8.34
CA ALA A 10 -2.13 9.25 -8.61
C ALA A 10 -2.34 10.73 -8.91
N ALA A 11 -3.57 11.12 -9.14
CA ALA A 11 -3.87 12.55 -9.46
C ALA A 11 -3.07 13.48 -8.56
N LYS A 12 -3.38 13.49 -7.28
CA LYS A 12 -2.65 14.38 -6.34
C LYS A 12 -1.58 13.57 -5.61
N LYS A 13 -1.21 12.44 -6.16
CA LYS A 13 -0.17 11.58 -5.51
C LYS A 13 -0.59 11.23 -4.09
N TYR A 14 -1.65 10.47 -3.94
CA TYR A 14 -2.12 10.08 -2.58
C TYR A 14 -2.91 8.79 -2.68
N GLY A 15 -3.25 8.20 -1.57
CA GLY A 15 -4.04 6.94 -1.59
C GLY A 15 -4.41 6.53 -0.18
N PHE A 16 -5.32 5.60 -0.04
CA PHE A 16 -5.74 5.14 1.32
C PHE A 16 -5.75 3.62 1.36
N ILE A 17 -5.52 3.05 2.52
CA ILE A 17 -5.51 1.56 2.65
C ILE A 17 -6.32 1.17 3.88
N GLN A 18 -6.97 0.03 3.83
CA GLN A 18 -7.78 -0.42 5.00
C GLN A 18 -6.95 -1.34 5.88
N GLY A 19 -6.71 -0.94 7.09
CA GLY A 19 -5.91 -1.81 8.01
C GLY A 19 -6.77 -2.98 8.48
N ASP A 20 -6.13 -4.03 8.94
CA ASP A 20 -6.90 -5.21 9.43
C ASP A 20 -7.72 -4.82 10.66
N ASP A 21 -7.20 -3.96 11.48
CA ASP A 21 -7.94 -3.54 12.71
C ASP A 21 -8.97 -2.48 12.33
N GLY A 22 -9.04 -2.10 11.08
CA GLY A 22 -10.03 -1.07 10.65
C GLY A 22 -9.33 0.29 10.59
N GLU A 23 -8.11 0.36 11.01
CA GLU A 23 -7.37 1.67 10.98
C GLU A 23 -6.86 1.97 9.58
N SER A 24 -7.06 3.17 9.10
CA SER A 24 -6.59 3.55 7.73
C SER A 24 -5.12 3.94 7.76
N TYR A 25 -4.47 3.95 6.61
CA TYR A 25 -3.03 4.34 6.53
C TYR A 25 -2.82 5.30 5.37
N PHE A 26 -1.91 6.23 5.51
CA PHE A 26 -1.66 7.21 4.41
C PHE A 26 -0.61 6.64 3.45
N LEU A 27 -0.92 6.58 2.19
CA LEU A 27 0.06 6.02 1.20
C LEU A 27 0.69 7.18 0.43
N HIS A 28 1.98 7.29 0.47
CA HIS A 28 2.69 8.40 -0.26
C HIS A 28 3.91 7.84 -0.98
N PHE A 29 4.48 8.60 -1.87
CA PHE A 29 5.69 8.14 -2.62
C PHE A 29 6.84 7.88 -1.64
N SER A 30 6.99 8.72 -0.67
CA SER A 30 8.09 8.56 0.32
C SER A 30 7.94 7.22 1.04
N GLU A 31 6.77 6.66 1.06
CA GLU A 31 6.57 5.37 1.76
C GLU A 31 6.80 4.21 0.78
N LEU A 32 7.00 4.51 -0.47
CA LEU A 32 7.24 3.43 -1.47
C LEU A 32 8.73 3.10 -1.52
N LEU A 33 9.11 1.97 -0.99
CA LEU A 33 10.54 1.59 -1.02
C LEU A 33 10.95 1.38 -2.47
N ASP A 34 10.09 0.77 -3.25
CA ASP A 34 10.37 0.54 -4.69
C ASP A 34 9.39 1.37 -5.52
N LYS A 35 9.80 2.53 -5.96
CA LYS A 35 8.90 3.39 -6.76
C LYS A 35 8.57 2.70 -8.08
N LYS A 36 9.45 1.85 -8.54
CA LYS A 36 9.20 1.13 -9.82
C LYS A 36 7.91 0.32 -9.68
N ASP A 37 7.58 -0.09 -8.49
CA ASP A 37 6.35 -0.89 -8.27
C ASP A 37 5.13 0.04 -8.41
N GLU A 38 5.36 1.32 -8.49
CA GLU A 38 4.23 2.28 -8.61
C GLU A 38 3.50 2.06 -9.94
N GLY A 39 4.21 1.71 -10.98
CA GLY A 39 3.56 1.50 -12.30
C GLY A 39 2.75 0.20 -12.28
N LYS A 40 2.74 -0.48 -11.16
CA LYS A 40 1.96 -1.76 -11.08
C LYS A 40 1.48 -1.95 -9.63
N LEU A 41 0.73 -1.00 -9.12
CA LEU A 41 0.23 -1.10 -7.73
C LEU A 41 -1.01 -1.99 -7.67
N VAL A 42 -1.72 -1.95 -6.57
CA VAL A 42 -2.95 -2.77 -6.39
C VAL A 42 -4.16 -1.86 -6.14
N LYS A 43 -5.33 -2.39 -6.37
CA LYS A 43 -6.56 -1.59 -6.16
C LYS A 43 -7.69 -2.53 -5.72
N GLY A 44 -7.88 -2.68 -4.43
CA GLY A 44 -8.95 -3.58 -3.92
C GLY A 44 -8.35 -4.93 -3.53
N SER A 45 -7.14 -5.22 -3.92
CA SER A 45 -6.52 -6.54 -3.56
C SER A 45 -5.85 -6.48 -2.20
N MET A 46 -5.23 -7.57 -1.79
CA MET A 46 -4.55 -7.61 -0.47
C MET A 46 -3.16 -6.98 -0.57
N VAL A 47 -2.73 -6.33 0.49
CA VAL A 47 -1.37 -5.69 0.50
C VAL A 47 -0.66 -6.05 1.79
N HIS A 48 0.64 -5.86 1.85
CA HIS A 48 1.38 -6.18 3.11
C HIS A 48 2.35 -5.04 3.42
N PHE A 49 2.40 -4.63 4.66
CA PHE A 49 3.33 -3.53 5.04
C PHE A 49 3.72 -3.70 6.51
N ASP A 50 4.76 -3.03 6.94
CA ASP A 50 5.20 -3.15 8.36
C ASP A 50 4.73 -1.91 9.15
N PRO A 51 4.52 -2.04 10.44
CA PRO A 51 4.09 -0.89 11.29
C PRO A 51 4.98 0.35 11.12
N THR A 52 4.39 1.51 11.08
CA THR A 52 5.18 2.76 10.94
C THR A 52 4.39 3.93 11.55
N PRO A 53 4.55 4.16 12.83
CA PRO A 53 3.83 5.27 13.53
C PRO A 53 4.04 6.61 12.82
N THR A 54 5.25 6.87 12.43
CA THR A 54 5.60 8.14 11.73
C THR A 54 5.13 9.36 12.54
N PRO A 55 5.67 10.52 12.26
CA PRO A 55 5.28 11.79 12.97
C PRO A 55 3.77 12.02 12.93
N LYS A 56 3.14 11.77 11.80
CA LYS A 56 1.68 11.99 11.70
C LYS A 56 0.94 11.05 12.64
N GLY A 57 1.35 9.82 12.72
CA GLY A 57 0.68 8.83 13.63
C GLY A 57 0.42 7.52 12.88
N LEU A 58 -0.40 7.55 11.86
CA LEU A 58 -0.71 6.31 11.09
C LEU A 58 -0.07 6.38 9.69
N ALA A 59 0.71 5.39 9.34
CA ALA A 59 1.35 5.39 8.00
C ALA A 59 1.75 3.96 7.63
N ALA A 60 1.78 3.65 6.36
CA ALA A 60 2.15 2.27 5.91
C ALA A 60 3.53 2.33 5.25
N LYS A 61 4.50 1.62 5.78
CA LYS A 61 5.87 1.62 5.19
C LYS A 61 6.23 0.24 4.68
N ALA A 62 7.01 0.18 3.63
CA ALA A 62 7.41 -1.14 3.06
C ALA A 62 6.18 -1.84 2.48
N ILE A 63 5.41 -1.14 1.68
CA ILE A 63 4.20 -1.75 1.07
C ILE A 63 4.62 -2.76 0.00
N SER A 64 3.99 -3.91 -0.01
CA SER A 64 4.34 -4.96 -1.02
C SER A 64 3.07 -5.40 -1.75
N LEU A 65 3.21 -5.79 -2.99
CA LEU A 65 2.03 -6.23 -3.80
C LEU A 65 2.15 -7.76 -4.07
N PRO A 66 1.48 -8.57 -3.29
CA PRO A 66 1.54 -10.05 -3.45
C PRO A 66 0.54 -10.55 -4.50
N LEU A 67 -0.13 -9.67 -5.19
CA LEU A 67 -1.11 -10.12 -6.23
C LEU A 67 -0.36 -10.47 -7.51
N GLU A 68 0.94 -10.31 -7.51
CA GLU A 68 1.74 -10.62 -8.72
C GLU A 68 1.52 -12.07 -9.15
N HIS A 69 1.45 -12.32 -10.43
CA HIS A 69 1.24 -13.71 -10.94
C HIS A 69 2.54 -14.23 -11.56
N HIS A 70 3.11 -15.25 -10.97
CA HIS A 70 4.38 -15.84 -11.51
C HIS A 70 5.44 -14.77 -11.69
N HIS A 71 6.66 -15.17 -11.92
CA HIS A 71 7.76 -14.19 -12.11
C HIS A 71 7.54 -13.41 -13.41
N HIS A 72 7.18 -14.10 -14.46
CA HIS A 72 6.95 -13.42 -15.77
C HIS A 72 5.72 -14.03 -16.45
N HIS A 73 5.92 -14.76 -17.52
CA HIS A 73 4.78 -15.39 -18.25
C HIS A 73 3.64 -14.38 -18.39
N HIS A 74 3.67 -13.60 -19.43
CA HIS A 74 2.59 -12.60 -19.64
C HIS A 74 2.55 -12.19 -21.11
N MET A 1 -5.00 -9.55 9.27
CA MET A 1 -3.53 -9.78 9.33
C MET A 1 -2.81 -8.70 8.54
N LYS A 2 -2.67 -8.89 7.27
CA LYS A 2 -1.97 -7.90 6.40
C LYS A 2 -2.84 -6.65 6.24
N GLY A 3 -3.80 -6.71 5.35
CA GLY A 3 -4.70 -5.54 5.14
C GLY A 3 -5.13 -5.48 3.67
N LYS A 4 -5.99 -4.55 3.35
CA LYS A 4 -6.46 -4.41 1.95
C LYS A 4 -6.47 -2.94 1.55
N VAL A 5 -6.18 -2.68 0.31
CA VAL A 5 -6.17 -1.28 -0.20
C VAL A 5 -7.57 -0.90 -0.67
N VAL A 6 -8.20 0.01 0.01
CA VAL A 6 -9.57 0.43 -0.37
C VAL A 6 -9.51 1.25 -1.66
N SER A 7 -8.55 2.12 -1.78
CA SER A 7 -8.45 2.94 -3.03
C SER A 7 -7.05 3.51 -3.18
N TYR A 8 -6.72 3.90 -4.38
CA TYR A 8 -5.37 4.48 -4.65
C TYR A 8 -5.44 5.36 -5.90
N LEU A 9 -5.29 6.65 -5.72
CA LEU A 9 -5.31 7.60 -6.87
C LEU A 9 -3.89 8.10 -7.11
N ALA A 10 -3.26 7.56 -8.12
CA ALA A 10 -1.86 7.96 -8.47
C ALA A 10 -1.86 9.40 -8.96
N ALA A 11 -2.98 9.87 -9.46
CA ALA A 11 -3.07 11.26 -9.99
C ALA A 11 -2.75 12.26 -8.86
N LYS A 12 -3.26 12.03 -7.69
CA LYS A 12 -3.00 12.97 -6.54
C LYS A 12 -1.85 12.42 -5.69
N LYS A 13 -1.25 11.33 -6.12
CA LYS A 13 -0.11 10.70 -5.38
C LYS A 13 -0.56 10.33 -3.97
N TYR A 14 -1.81 10.53 -3.66
CA TYR A 14 -2.35 10.19 -2.31
C TYR A 14 -3.45 9.14 -2.44
N GLY A 15 -3.63 8.34 -1.41
CA GLY A 15 -4.69 7.28 -1.45
C GLY A 15 -5.06 6.85 -0.04
N PHE A 16 -5.80 5.78 0.06
CA PHE A 16 -6.24 5.26 1.39
C PHE A 16 -6.11 3.74 1.44
N ILE A 17 -5.85 3.21 2.62
CA ILE A 17 -5.71 1.73 2.81
C ILE A 17 -6.51 1.29 4.04
N GLN A 18 -7.19 0.18 3.94
CA GLN A 18 -7.99 -0.32 5.09
C GLN A 18 -7.23 -1.41 5.82
N GLY A 19 -6.70 -1.07 6.97
CA GLY A 19 -5.93 -2.06 7.78
C GLY A 19 -6.87 -3.14 8.32
N ASP A 20 -6.30 -4.26 8.70
CA ASP A 20 -7.12 -5.38 9.24
C ASP A 20 -7.75 -4.98 10.57
N ASP A 21 -7.06 -4.16 11.33
CA ASP A 21 -7.59 -3.73 12.66
C ASP A 21 -8.44 -2.47 12.48
N GLY A 22 -8.67 -2.08 11.25
CA GLY A 22 -9.51 -0.88 10.99
C GLY A 22 -8.63 0.38 11.05
N GLU A 23 -7.34 0.21 10.97
CA GLU A 23 -6.41 1.37 11.04
C GLU A 23 -6.09 1.85 9.63
N SER A 24 -6.44 3.07 9.33
CA SER A 24 -6.17 3.63 7.98
C SER A 24 -4.71 4.01 7.85
N TYR A 25 -4.20 4.01 6.65
CA TYR A 25 -2.78 4.38 6.42
C TYR A 25 -2.67 5.18 5.12
N PHE A 26 -1.91 6.25 5.16
CA PHE A 26 -1.75 7.10 3.96
C PHE A 26 -0.73 6.48 3.01
N LEU A 27 -1.00 6.56 1.74
CA LEU A 27 -0.07 5.98 0.71
C LEU A 27 0.55 7.11 -0.10
N HIS A 28 1.84 7.27 0.02
CA HIS A 28 2.55 8.34 -0.74
C HIS A 28 3.91 7.83 -1.23
N PHE A 29 4.53 8.56 -2.11
CA PHE A 29 5.85 8.17 -2.68
C PHE A 29 6.90 8.10 -1.56
N SER A 30 6.80 8.98 -0.60
CA SER A 30 7.79 8.99 0.52
C SER A 30 7.72 7.67 1.29
N GLU A 31 6.63 6.96 1.18
CA GLU A 31 6.49 5.67 1.91
C GLU A 31 6.93 4.51 1.01
N LEU A 32 7.13 4.78 -0.26
CA LEU A 32 7.56 3.69 -1.20
C LEU A 32 9.08 3.74 -1.35
N LEU A 33 9.75 2.70 -0.93
CA LEU A 33 11.22 2.63 -1.04
C LEU A 33 11.63 2.62 -2.50
N ASP A 34 10.92 1.88 -3.31
CA ASP A 34 11.24 1.79 -4.76
C ASP A 34 10.07 2.33 -5.59
N LYS A 35 10.37 3.13 -6.56
CA LYS A 35 9.30 3.72 -7.42
C LYS A 35 8.83 2.66 -8.43
N LYS A 36 9.58 1.58 -8.54
CA LYS A 36 9.21 0.50 -9.50
C LYS A 36 7.89 -0.15 -9.09
N ASP A 37 7.71 -0.39 -7.81
CA ASP A 37 6.46 -1.06 -7.33
C ASP A 37 5.32 -0.03 -7.29
N GLU A 38 5.64 1.23 -7.49
CA GLU A 38 4.58 2.28 -7.48
C GLU A 38 3.67 2.10 -8.70
N GLY A 39 4.24 1.71 -9.80
CA GLY A 39 3.44 1.51 -11.04
C GLY A 39 2.82 0.12 -11.05
N LYS A 40 3.22 -0.72 -10.13
CA LYS A 40 2.65 -2.11 -10.07
C LYS A 40 1.55 -2.16 -9.01
N LEU A 41 1.30 -1.06 -8.35
CA LEU A 41 0.25 -1.04 -7.30
C LEU A 41 -1.07 -1.55 -7.85
N VAL A 42 -1.83 -2.23 -7.03
CA VAL A 42 -3.14 -2.79 -7.47
C VAL A 42 -4.24 -2.27 -6.55
N LYS A 43 -5.24 -1.68 -7.15
CA LYS A 43 -6.38 -1.13 -6.36
C LYS A 43 -7.54 -2.13 -6.30
N GLY A 44 -8.11 -2.26 -5.14
CA GLY A 44 -9.27 -3.18 -4.95
C GLY A 44 -8.80 -4.61 -4.67
N SER A 45 -7.61 -4.76 -4.13
CA SER A 45 -7.12 -6.16 -3.85
C SER A 45 -6.34 -6.20 -2.53
N MET A 46 -5.62 -7.28 -2.34
CA MET A 46 -4.83 -7.48 -1.08
C MET A 46 -3.44 -6.87 -1.22
N VAL A 47 -2.98 -6.25 -0.16
CA VAL A 47 -1.63 -5.62 -0.17
C VAL A 47 -0.92 -5.92 1.15
N HIS A 48 0.38 -5.81 1.16
CA HIS A 48 1.17 -6.09 2.41
C HIS A 48 2.02 -4.87 2.77
N PHE A 49 1.97 -4.49 4.02
CA PHE A 49 2.75 -3.33 4.50
C PHE A 49 3.02 -3.46 5.99
N ASP A 50 3.99 -2.74 6.48
CA ASP A 50 4.33 -2.80 7.93
C ASP A 50 3.77 -1.55 8.63
N PRO A 51 3.45 -1.67 9.89
CA PRO A 51 2.89 -0.54 10.68
C PRO A 51 3.93 0.53 10.98
N THR A 52 3.49 1.72 11.30
CA THR A 52 4.44 2.81 11.61
C THR A 52 3.81 3.75 12.66
N PRO A 53 4.61 4.36 13.49
CA PRO A 53 4.13 5.28 14.56
C PRO A 53 3.59 6.59 13.97
N THR A 54 4.45 7.33 13.33
CA THR A 54 4.04 8.62 12.71
C THR A 54 3.41 9.55 13.77
N PRO A 55 3.61 10.84 13.63
CA PRO A 55 3.04 11.85 14.58
C PRO A 55 1.52 11.98 14.41
N LYS A 56 0.79 11.00 14.86
CA LYS A 56 -0.69 11.02 14.75
C LYS A 56 -1.12 11.14 13.30
N GLY A 57 -1.27 10.03 12.63
CA GLY A 57 -1.70 10.06 11.21
C GLY A 57 -1.51 8.67 10.60
N LEU A 58 -0.60 7.90 11.15
CA LEU A 58 -0.33 6.52 10.64
C LEU A 58 0.14 6.56 9.21
N ALA A 59 0.92 5.59 8.82
CA ALA A 59 1.44 5.54 7.42
C ALA A 59 1.78 4.11 7.05
N ALA A 60 1.78 3.82 5.78
CA ALA A 60 2.08 2.44 5.29
C ALA A 60 3.47 2.45 4.66
N LYS A 61 4.49 2.23 5.45
CA LYS A 61 5.88 2.22 4.91
C LYS A 61 6.26 0.81 4.47
N ALA A 62 7.09 0.74 3.46
CA ALA A 62 7.56 -0.57 2.92
C ALA A 62 6.37 -1.35 2.37
N ILE A 63 5.68 -0.76 1.43
CA ILE A 63 4.50 -1.45 0.83
C ILE A 63 4.95 -2.43 -0.25
N SER A 64 4.48 -3.64 -0.16
CA SER A 64 4.85 -4.68 -1.17
C SER A 64 3.60 -5.46 -1.58
N LEU A 65 3.36 -5.53 -2.86
CA LEU A 65 2.15 -6.25 -3.37
C LEU A 65 2.52 -7.73 -3.61
N PRO A 66 1.71 -8.65 -3.13
CA PRO A 66 1.96 -10.11 -3.31
C PRO A 66 1.62 -10.55 -4.74
N LEU A 67 1.00 -9.69 -5.50
CA LEU A 67 0.62 -10.05 -6.89
C LEU A 67 1.67 -9.51 -7.86
N GLU A 68 2.11 -10.37 -8.75
CA GLU A 68 3.14 -9.95 -9.75
C GLU A 68 2.45 -9.49 -11.03
N HIS A 69 1.15 -9.37 -10.98
CA HIS A 69 0.38 -8.92 -12.18
C HIS A 69 0.75 -9.78 -13.39
N HIS A 70 0.55 -11.06 -13.26
CA HIS A 70 0.86 -12.00 -14.38
C HIS A 70 2.24 -11.70 -14.97
N HIS A 71 2.63 -12.47 -15.95
CA HIS A 71 3.95 -12.28 -16.59
C HIS A 71 4.05 -10.86 -17.15
N HIS A 72 3.46 -10.63 -18.30
CA HIS A 72 3.50 -9.28 -18.94
C HIS A 72 4.87 -8.64 -18.73
N HIS A 73 5.81 -8.99 -19.56
CA HIS A 73 7.19 -8.44 -19.45
C HIS A 73 7.15 -6.94 -19.77
N HIS A 74 6.39 -6.58 -20.76
CA HIS A 74 6.28 -5.14 -21.15
C HIS A 74 5.01 -4.93 -21.97
N MET A 1 -1.81 -7.59 10.76
CA MET A 1 -0.54 -7.22 10.08
C MET A 1 -0.86 -6.85 8.63
N LYS A 2 -1.68 -7.65 8.00
CA LYS A 2 -2.05 -7.39 6.58
C LYS A 2 -3.30 -6.54 6.51
N GLY A 3 -3.74 -6.23 5.33
CA GLY A 3 -4.96 -5.38 5.16
C GLY A 3 -5.40 -5.38 3.70
N LYS A 4 -6.29 -4.48 3.37
CA LYS A 4 -6.80 -4.39 1.97
C LYS A 4 -6.82 -2.93 1.50
N VAL A 5 -6.42 -2.72 0.27
CA VAL A 5 -6.40 -1.35 -0.29
C VAL A 5 -7.83 -0.89 -0.59
N VAL A 6 -8.20 0.23 -0.06
CA VAL A 6 -9.59 0.75 -0.29
C VAL A 6 -9.58 1.71 -1.48
N SER A 7 -8.59 2.57 -1.55
CA SER A 7 -8.52 3.53 -2.69
C SER A 7 -7.07 3.94 -2.97
N TYR A 8 -6.81 4.32 -4.19
CA TYR A 8 -5.44 4.74 -4.58
C TYR A 8 -5.51 5.56 -5.87
N LEU A 9 -5.12 6.81 -5.79
CA LEU A 9 -5.13 7.70 -7.00
C LEU A 9 -3.71 8.17 -7.29
N ALA A 10 -3.16 7.69 -8.37
CA ALA A 10 -1.77 8.08 -8.77
C ALA A 10 -1.75 9.55 -9.18
N ALA A 11 -2.82 10.01 -9.77
CA ALA A 11 -2.90 11.42 -10.23
C ALA A 11 -2.78 12.36 -9.02
N LYS A 12 -3.30 11.94 -7.90
CA LYS A 12 -3.24 12.79 -6.67
C LYS A 12 -2.04 12.37 -5.81
N LYS A 13 -1.31 11.37 -6.27
CA LYS A 13 -0.11 10.89 -5.54
C LYS A 13 -0.50 10.48 -4.12
N TYR A 14 -1.77 10.48 -3.85
CA TYR A 14 -2.28 10.09 -2.50
C TYR A 14 -3.27 8.94 -2.62
N GLY A 15 -3.47 8.25 -1.53
CA GLY A 15 -4.42 7.09 -1.53
C GLY A 15 -4.77 6.71 -0.09
N PHE A 16 -5.43 5.60 0.07
CA PHE A 16 -5.83 5.14 1.43
C PHE A 16 -5.75 3.61 1.50
N ILE A 17 -5.44 3.10 2.66
CA ILE A 17 -5.34 1.62 2.85
C ILE A 17 -6.07 1.20 4.12
N GLN A 18 -6.88 0.17 4.02
CA GLN A 18 -7.66 -0.31 5.19
C GLN A 18 -6.94 -1.48 5.85
N GLY A 19 -6.47 -1.27 7.05
CA GLY A 19 -5.75 -2.34 7.80
C GLY A 19 -6.73 -3.37 8.34
N ASP A 20 -6.23 -4.52 8.68
CA ASP A 20 -7.10 -5.60 9.22
C ASP A 20 -7.70 -5.17 10.55
N ASP A 21 -6.95 -4.44 11.34
CA ASP A 21 -7.46 -3.99 12.67
C ASP A 21 -8.31 -2.72 12.48
N GLY A 22 -8.60 -2.38 11.25
CA GLY A 22 -9.42 -1.18 10.97
C GLY A 22 -8.57 0.08 11.07
N GLU A 23 -7.27 -0.07 10.94
CA GLU A 23 -6.35 1.10 11.04
C GLU A 23 -6.03 1.63 9.64
N SER A 24 -6.46 2.83 9.38
CA SER A 24 -6.21 3.46 8.06
C SER A 24 -4.77 3.95 7.98
N TYR A 25 -4.21 3.89 6.80
CA TYR A 25 -2.80 4.34 6.60
C TYR A 25 -2.72 5.18 5.32
N PHE A 26 -2.00 6.28 5.40
CA PHE A 26 -1.85 7.17 4.22
C PHE A 26 -0.77 6.63 3.30
N LEU A 27 -0.98 6.77 2.01
CA LEU A 27 0.01 6.28 1.02
C LEU A 27 0.67 7.46 0.31
N HIS A 28 1.97 7.53 0.42
CA HIS A 28 2.73 8.64 -0.23
C HIS A 28 4.01 8.09 -0.85
N PHE A 29 4.64 8.89 -1.66
CA PHE A 29 5.90 8.48 -2.33
C PHE A 29 6.97 8.17 -1.29
N SER A 30 6.99 8.96 -0.25
CA SER A 30 8.01 8.78 0.82
C SER A 30 7.84 7.39 1.45
N GLU A 31 6.68 6.80 1.31
CA GLU A 31 6.44 5.46 1.92
C GLU A 31 6.79 4.37 0.91
N LEU A 32 7.03 4.72 -0.32
CA LEU A 32 7.39 3.69 -1.36
C LEU A 32 8.91 3.64 -1.51
N LEU A 33 9.51 2.59 -0.98
CA LEU A 33 10.99 2.42 -1.07
C LEU A 33 11.40 2.25 -2.52
N ASP A 34 10.64 1.47 -3.24
CA ASP A 34 10.94 1.21 -4.68
C ASP A 34 9.87 1.89 -5.53
N LYS A 35 10.11 3.11 -5.89
CA LYS A 35 9.13 3.89 -6.71
C LYS A 35 8.68 3.05 -7.90
N LYS A 36 9.46 2.05 -8.24
CA LYS A 36 9.10 1.17 -9.38
C LYS A 36 7.83 0.39 -9.02
N ASP A 37 7.70 0.02 -7.77
CA ASP A 37 6.51 -0.77 -7.32
C ASP A 37 5.26 0.11 -7.37
N GLU A 38 5.45 1.40 -7.52
CA GLU A 38 4.30 2.35 -7.57
C GLU A 38 3.46 2.08 -8.82
N GLY A 39 4.11 1.71 -9.89
CA GLY A 39 3.39 1.44 -11.16
C GLY A 39 2.83 0.02 -11.17
N LYS A 40 3.20 -0.76 -10.19
CA LYS A 40 2.72 -2.18 -10.11
C LYS A 40 1.70 -2.32 -8.99
N LEU A 41 1.18 -1.23 -8.50
CA LEU A 41 0.18 -1.27 -7.39
C LEU A 41 -1.13 -1.87 -7.90
N VAL A 42 -1.86 -2.50 -7.01
CA VAL A 42 -3.16 -3.14 -7.41
C VAL A 42 -4.28 -2.56 -6.56
N LYS A 43 -5.36 -2.20 -7.22
CA LYS A 43 -6.52 -1.61 -6.52
C LYS A 43 -7.62 -2.67 -6.31
N GLY A 44 -8.14 -2.72 -5.12
CA GLY A 44 -9.24 -3.67 -4.79
C GLY A 44 -8.66 -4.95 -4.20
N SER A 45 -7.42 -5.26 -4.49
CA SER A 45 -6.80 -6.51 -3.97
C SER A 45 -6.11 -6.24 -2.63
N MET A 46 -5.51 -7.28 -2.09
CA MET A 46 -4.81 -7.16 -0.78
C MET A 46 -3.41 -6.60 -0.97
N VAL A 47 -2.95 -5.87 0.02
CA VAL A 47 -1.59 -5.28 -0.03
C VAL A 47 -0.87 -5.53 1.29
N HIS A 48 0.43 -5.45 1.28
CA HIS A 48 1.22 -5.68 2.53
C HIS A 48 2.06 -4.45 2.86
N PHE A 49 1.89 -3.97 4.08
CA PHE A 49 2.65 -2.78 4.54
C PHE A 49 3.11 -3.01 5.98
N ASP A 50 4.21 -2.40 6.35
CA ASP A 50 4.74 -2.57 7.73
C ASP A 50 4.42 -1.31 8.57
N PRO A 51 3.88 -1.48 9.74
CA PRO A 51 3.55 -0.34 10.65
C PRO A 51 4.69 0.65 10.81
N THR A 52 4.37 1.92 10.87
CA THR A 52 5.40 2.97 11.02
C THR A 52 4.97 3.97 12.11
N PRO A 53 5.92 4.57 12.77
CA PRO A 53 5.65 5.58 13.84
C PRO A 53 5.13 6.91 13.28
N THR A 54 4.06 7.40 13.87
CA THR A 54 3.47 8.69 13.40
C THR A 54 2.80 9.39 14.60
N PRO A 55 2.77 10.70 14.60
CA PRO A 55 2.15 11.49 15.69
C PRO A 55 0.63 11.33 15.72
N LYS A 56 0.01 11.45 14.57
CA LYS A 56 -1.47 11.31 14.49
C LYS A 56 -1.90 11.27 13.02
N GLY A 57 -2.37 10.14 12.56
CA GLY A 57 -2.83 10.00 11.14
C GLY A 57 -2.37 8.65 10.60
N LEU A 58 -1.43 8.03 11.27
CA LEU A 58 -0.90 6.71 10.82
C LEU A 58 -0.28 6.83 9.44
N ALA A 59 0.52 5.86 9.07
CA ALA A 59 1.17 5.89 7.74
C ALA A 59 1.63 4.49 7.36
N ALA A 60 1.73 4.22 6.07
CA ALA A 60 2.16 2.89 5.59
C ALA A 60 3.64 2.93 5.23
N LYS A 61 4.31 1.81 5.35
CA LYS A 61 5.76 1.74 5.04
C LYS A 61 6.07 0.41 4.32
N ALA A 62 6.91 0.50 3.31
CA ALA A 62 7.31 -0.70 2.53
C ALA A 62 6.08 -1.41 1.98
N ILE A 63 5.38 -0.76 1.08
CA ILE A 63 4.16 -1.36 0.47
C ILE A 63 4.57 -2.33 -0.64
N SER A 64 4.03 -3.51 -0.60
CA SER A 64 4.36 -4.54 -1.63
C SER A 64 3.07 -5.15 -2.17
N LEU A 65 3.19 -5.83 -3.28
CA LEU A 65 2.00 -6.49 -3.91
C LEU A 65 2.23 -8.01 -4.00
N PRO A 66 2.03 -8.70 -2.92
CA PRO A 66 2.21 -10.19 -2.87
C PRO A 66 1.02 -10.93 -3.48
N LEU A 67 0.20 -10.22 -4.22
CA LEU A 67 -1.01 -10.85 -4.83
C LEU A 67 -0.61 -11.79 -5.97
N GLU A 68 -0.90 -13.05 -5.82
CA GLU A 68 -0.57 -14.04 -6.86
C GLU A 68 -1.50 -13.89 -8.04
N HIS A 69 -0.95 -13.89 -9.23
CA HIS A 69 -1.78 -13.74 -10.45
C HIS A 69 -1.19 -14.57 -11.60
N HIS A 70 -1.91 -15.58 -12.03
CA HIS A 70 -1.42 -16.46 -13.13
C HIS A 70 -2.61 -16.99 -13.93
N HIS A 71 -2.34 -17.50 -15.11
CA HIS A 71 -3.41 -18.04 -15.99
C HIS A 71 -4.03 -19.28 -15.33
N HIS A 72 -3.21 -20.09 -14.69
CA HIS A 72 -3.74 -21.31 -14.03
C HIS A 72 -4.44 -20.94 -12.73
N HIS A 73 -5.20 -19.88 -12.76
CA HIS A 73 -5.94 -19.42 -11.55
C HIS A 73 -6.97 -20.48 -11.14
N HIS A 74 -7.67 -21.01 -12.11
CA HIS A 74 -8.71 -22.06 -11.85
C HIS A 74 -9.69 -21.57 -10.78
N MET A 1 -2.69 -8.44 10.68
CA MET A 1 -1.33 -7.89 10.45
C MET A 1 -1.25 -7.33 9.02
N LYS A 2 -2.38 -7.08 8.42
CA LYS A 2 -2.38 -6.54 7.02
C LYS A 2 -3.71 -5.85 6.73
N GLY A 3 -4.01 -5.62 5.49
CA GLY A 3 -5.30 -4.96 5.15
C GLY A 3 -5.52 -4.98 3.63
N LYS A 4 -6.48 -4.22 3.15
CA LYS A 4 -6.76 -4.19 1.68
C LYS A 4 -6.75 -2.75 1.18
N VAL A 5 -6.26 -2.53 0.00
CA VAL A 5 -6.22 -1.14 -0.54
C VAL A 5 -7.64 -0.71 -0.97
N VAL A 6 -8.24 0.18 -0.22
CA VAL A 6 -9.60 0.66 -0.58
C VAL A 6 -9.53 1.50 -1.87
N SER A 7 -8.52 2.32 -2.02
CA SER A 7 -8.43 3.14 -3.26
C SER A 7 -6.99 3.63 -3.50
N TYR A 8 -6.71 4.10 -4.68
CA TYR A 8 -5.35 4.61 -5.01
C TYR A 8 -5.47 5.59 -6.17
N LEU A 9 -5.17 6.85 -5.94
CA LEU A 9 -5.26 7.87 -7.03
C LEU A 9 -3.88 8.41 -7.36
N ALA A 10 -3.39 8.10 -8.53
CA ALA A 10 -2.05 8.57 -8.96
C ALA A 10 -2.08 10.10 -9.12
N ALA A 11 -3.18 10.64 -9.56
CA ALA A 11 -3.27 12.10 -9.76
C ALA A 11 -3.02 12.81 -8.42
N LYS A 12 -3.45 12.23 -7.36
CA LYS A 12 -3.24 12.86 -6.01
C LYS A 12 -1.94 12.31 -5.44
N LYS A 13 -1.32 11.38 -6.12
CA LYS A 13 -0.05 10.79 -5.62
C LYS A 13 -0.25 10.27 -4.20
N TYR A 14 -1.46 10.29 -3.72
CA TYR A 14 -1.75 9.78 -2.34
C TYR A 14 -2.96 8.85 -2.41
N GLY A 15 -2.81 7.64 -1.95
CA GLY A 15 -3.95 6.67 -2.01
C GLY A 15 -4.51 6.45 -0.60
N PHE A 16 -5.29 5.42 -0.42
CA PHE A 16 -5.87 5.13 0.91
C PHE A 16 -5.89 3.62 1.14
N ILE A 17 -5.68 3.20 2.37
CA ILE A 17 -5.65 1.73 2.68
C ILE A 17 -6.54 1.45 3.89
N GLN A 18 -7.32 0.40 3.83
CA GLN A 18 -8.21 0.06 4.99
C GLN A 18 -7.56 -1.07 5.80
N GLY A 19 -7.12 -0.77 6.99
CA GLY A 19 -6.46 -1.80 7.84
C GLY A 19 -7.46 -2.86 8.31
N ASP A 20 -6.99 -4.03 8.62
CA ASP A 20 -7.89 -5.12 9.09
C ASP A 20 -8.49 -4.73 10.44
N ASP A 21 -7.76 -4.02 11.26
CA ASP A 21 -8.31 -3.62 12.59
C ASP A 21 -9.10 -2.32 12.42
N GLY A 22 -9.36 -1.92 11.21
CA GLY A 22 -10.12 -0.66 10.98
C GLY A 22 -9.17 0.53 11.06
N GLU A 23 -7.89 0.30 10.99
CA GLU A 23 -6.92 1.43 11.07
C GLU A 23 -6.54 1.89 9.66
N SER A 24 -6.98 3.05 9.26
CA SER A 24 -6.65 3.54 7.89
C SER A 24 -5.20 3.98 7.84
N TYR A 25 -4.51 3.73 6.74
CA TYR A 25 -3.08 4.14 6.62
C TYR A 25 -2.90 5.01 5.38
N PHE A 26 -2.18 6.08 5.50
CA PHE A 26 -1.96 6.98 4.33
C PHE A 26 -0.90 6.38 3.41
N LEU A 27 -1.05 6.56 2.12
CA LEU A 27 -0.06 6.01 1.15
C LEU A 27 0.73 7.16 0.55
N HIS A 28 2.04 7.15 0.68
CA HIS A 28 2.89 8.24 0.12
C HIS A 28 3.99 7.66 -0.76
N PHE A 29 4.41 8.39 -1.75
CA PHE A 29 5.48 7.92 -2.65
C PHE A 29 6.77 7.77 -1.85
N SER A 30 7.01 8.67 -0.93
CA SER A 30 8.25 8.58 -0.12
C SER A 30 8.25 7.28 0.68
N GLU A 31 7.09 6.75 0.96
CA GLU A 31 7.01 5.49 1.74
C GLU A 31 7.24 4.28 0.82
N LEU A 32 7.44 4.51 -0.45
CA LEU A 32 7.67 3.36 -1.38
C LEU A 32 9.17 3.09 -1.55
N LEU A 33 9.60 1.90 -1.21
CA LEU A 33 11.03 1.55 -1.34
C LEU A 33 11.44 1.56 -2.81
N ASP A 34 10.61 1.04 -3.67
CA ASP A 34 10.93 1.00 -5.13
C ASP A 34 9.90 1.83 -5.91
N LYS A 35 10.29 2.97 -6.43
CA LYS A 35 9.33 3.82 -7.18
C LYS A 35 8.91 3.06 -8.45
N LYS A 36 9.64 2.05 -8.81
CA LYS A 36 9.29 1.27 -10.03
C LYS A 36 7.95 0.57 -9.81
N ASP A 37 7.72 0.08 -8.63
CA ASP A 37 6.44 -0.62 -8.34
C ASP A 37 5.29 0.39 -8.31
N GLU A 38 5.60 1.65 -8.30
CA GLU A 38 4.53 2.69 -8.28
C GLU A 38 3.61 2.50 -9.47
N GLY A 39 4.14 2.05 -10.57
CA GLY A 39 3.30 1.84 -11.79
C GLY A 39 2.52 0.53 -11.62
N LYS A 40 2.99 -0.34 -10.78
CA LYS A 40 2.28 -1.64 -10.58
C LYS A 40 1.27 -1.50 -9.45
N LEU A 41 1.68 -1.75 -8.24
CA LEU A 41 0.76 -1.66 -7.07
C LEU A 41 -0.56 -2.35 -7.42
N VAL A 42 -1.54 -2.30 -6.55
CA VAL A 42 -2.84 -3.00 -6.86
C VAL A 42 -4.00 -2.22 -6.25
N LYS A 43 -5.19 -2.44 -6.75
CA LYS A 43 -6.40 -1.72 -6.22
C LYS A 43 -7.44 -2.73 -5.72
N GLY A 44 -7.85 -2.60 -4.48
CA GLY A 44 -8.90 -3.51 -3.93
C GLY A 44 -8.29 -4.85 -3.47
N SER A 45 -7.09 -5.16 -3.86
CA SER A 45 -6.50 -6.47 -3.43
C SER A 45 -5.81 -6.33 -2.07
N MET A 46 -5.26 -7.41 -1.57
CA MET A 46 -4.58 -7.38 -0.24
C MET A 46 -3.17 -6.81 -0.37
N VAL A 47 -2.73 -6.09 0.64
CA VAL A 47 -1.35 -5.49 0.61
C VAL A 47 -0.66 -5.77 1.95
N HIS A 48 0.64 -5.66 1.99
CA HIS A 48 1.39 -5.93 3.25
C HIS A 48 2.28 -4.73 3.58
N PHE A 49 2.24 -4.25 4.80
CA PHE A 49 3.08 -3.09 5.19
C PHE A 49 3.48 -3.22 6.65
N ASP A 50 4.60 -2.63 7.02
CA ASP A 50 5.06 -2.72 8.44
C ASP A 50 4.63 -1.45 9.20
N PRO A 51 4.65 -1.46 10.52
CA PRO A 51 4.24 -0.26 11.33
C PRO A 51 5.06 0.99 10.98
N THR A 52 4.44 2.15 10.99
CA THR A 52 5.17 3.41 10.67
C THR A 52 4.49 4.59 11.35
N PRO A 53 4.83 4.90 12.58
CA PRO A 53 4.21 6.03 13.31
C PRO A 53 4.77 7.39 12.85
N THR A 54 4.11 8.02 11.92
CA THR A 54 4.60 9.33 11.40
C THR A 54 3.83 10.46 12.09
N PRO A 55 4.38 11.66 12.12
CA PRO A 55 3.70 12.83 12.76
C PRO A 55 2.24 12.96 12.30
N LYS A 56 1.90 12.42 11.16
CA LYS A 56 0.50 12.54 10.66
C LYS A 56 -0.41 11.55 11.41
N GLY A 57 0.17 10.71 12.23
CA GLY A 57 -0.64 9.72 13.01
C GLY A 57 -0.36 8.30 12.52
N LEU A 58 -1.07 7.86 11.51
CA LEU A 58 -0.88 6.48 10.98
C LEU A 58 -0.26 6.54 9.58
N ALA A 59 0.62 5.62 9.26
CA ALA A 59 1.24 5.64 7.91
C ALA A 59 1.69 4.22 7.54
N ALA A 60 1.81 3.95 6.27
CA ALA A 60 2.24 2.59 5.80
C ALA A 60 3.67 2.66 5.27
N LYS A 61 4.47 1.65 5.54
CA LYS A 61 5.88 1.65 5.03
C LYS A 61 6.23 0.27 4.50
N ALA A 62 7.13 0.22 3.56
CA ALA A 62 7.53 -1.10 2.97
C ALA A 62 6.29 -1.80 2.41
N ILE A 63 5.52 -1.08 1.63
CA ILE A 63 4.30 -1.69 1.03
C ILE A 63 4.72 -2.72 -0.01
N SER A 64 4.08 -3.87 -0.01
CA SER A 64 4.45 -4.94 -0.99
C SER A 64 3.19 -5.53 -1.60
N LEU A 65 3.31 -6.00 -2.81
CA LEU A 65 2.15 -6.63 -3.52
C LEU A 65 2.46 -8.13 -3.70
N PRO A 66 1.99 -8.97 -2.82
CA PRO A 66 2.24 -10.44 -2.90
C PRO A 66 1.90 -10.99 -4.30
N LEU A 67 0.86 -10.47 -4.90
CA LEU A 67 0.45 -10.95 -6.24
C LEU A 67 1.57 -10.68 -7.26
N GLU A 68 1.40 -11.16 -8.47
CA GLU A 68 2.43 -10.94 -9.53
C GLU A 68 3.78 -11.42 -9.01
N HIS A 69 3.78 -12.39 -8.15
CA HIS A 69 5.06 -12.91 -7.59
C HIS A 69 5.86 -13.62 -8.69
N HIS A 70 7.11 -13.89 -8.42
CA HIS A 70 7.97 -14.59 -9.42
C HIS A 70 8.03 -13.81 -10.73
N HIS A 71 8.95 -14.17 -11.58
CA HIS A 71 9.12 -13.46 -12.87
C HIS A 71 7.93 -13.75 -13.81
N HIS A 72 7.52 -12.78 -14.58
CA HIS A 72 6.37 -13.00 -15.50
C HIS A 72 6.86 -13.77 -16.74
N HIS A 73 7.36 -14.95 -16.54
CA HIS A 73 7.85 -15.76 -17.69
C HIS A 73 6.65 -16.16 -18.57
N HIS A 74 5.57 -16.53 -17.95
CA HIS A 74 4.37 -16.93 -18.74
C HIS A 74 3.16 -17.03 -17.80
N MET A 1 0.00 -3.28 9.50
CA MET A 1 -0.69 -4.58 9.69
C MET A 1 -1.21 -5.10 8.34
N LYS A 2 -2.16 -6.00 8.38
CA LYS A 2 -2.71 -6.56 7.11
C LYS A 2 -4.09 -5.94 6.82
N GLY A 3 -4.42 -5.81 5.57
CA GLY A 3 -5.74 -5.20 5.21
C GLY A 3 -5.92 -5.22 3.69
N LYS A 4 -6.77 -4.36 3.20
CA LYS A 4 -7.02 -4.30 1.72
C LYS A 4 -6.95 -2.85 1.23
N VAL A 5 -6.44 -2.66 0.05
CA VAL A 5 -6.31 -1.28 -0.50
C VAL A 5 -7.66 -0.82 -1.08
N VAL A 6 -8.25 0.16 -0.46
CA VAL A 6 -9.55 0.69 -0.95
C VAL A 6 -9.31 1.58 -2.18
N SER A 7 -8.22 2.30 -2.20
CA SER A 7 -7.95 3.18 -3.36
C SER A 7 -6.53 3.76 -3.25
N TYR A 8 -5.95 4.04 -4.38
CA TYR A 8 -4.57 4.63 -4.40
C TYR A 8 -4.67 6.12 -4.77
N LEU A 9 -5.62 6.45 -5.61
CA LEU A 9 -5.81 7.86 -6.05
C LEU A 9 -4.44 8.47 -6.42
N ALA A 10 -3.92 8.10 -7.56
CA ALA A 10 -2.61 8.65 -8.01
C ALA A 10 -2.75 10.17 -8.21
N ALA A 11 -3.94 10.62 -8.47
CA ALA A 11 -4.18 12.08 -8.67
C ALA A 11 -3.85 12.84 -7.38
N LYS A 12 -4.13 12.25 -6.26
CA LYS A 12 -3.85 12.92 -4.96
C LYS A 12 -2.47 12.45 -4.46
N LYS A 13 -1.84 11.61 -5.24
CA LYS A 13 -0.48 11.09 -4.86
C LYS A 13 -0.54 10.46 -3.47
N TYR A 14 -1.72 10.35 -2.91
CA TYR A 14 -1.87 9.72 -1.57
C TYR A 14 -2.85 8.56 -1.66
N GLY A 15 -2.43 7.39 -1.24
CA GLY A 15 -3.31 6.20 -1.31
C GLY A 15 -3.94 5.91 0.05
N PHE A 16 -4.96 5.09 0.07
CA PHE A 16 -5.64 4.74 1.36
C PHE A 16 -5.82 3.23 1.46
N ILE A 17 -5.65 2.71 2.65
CA ILE A 17 -5.80 1.24 2.89
C ILE A 17 -6.67 1.01 4.13
N GLN A 18 -7.58 0.08 4.03
CA GLN A 18 -8.49 -0.22 5.18
C GLN A 18 -7.90 -1.34 6.03
N GLY A 19 -7.35 -0.99 7.16
CA GLY A 19 -6.75 -2.01 8.07
C GLY A 19 -7.85 -2.85 8.71
N ASP A 20 -7.49 -3.99 9.25
CA ASP A 20 -8.50 -4.87 9.91
C ASP A 20 -9.12 -4.15 11.11
N ASP A 21 -8.32 -3.41 11.83
CA ASP A 21 -8.85 -2.67 13.03
C ASP A 21 -9.49 -1.37 12.56
N GLY A 22 -9.54 -1.16 11.27
CA GLY A 22 -10.16 0.09 10.72
C GLY A 22 -9.13 1.22 10.74
N GLU A 23 -7.87 0.89 10.81
CA GLU A 23 -6.81 1.96 10.84
C GLU A 23 -6.40 2.31 9.40
N SER A 24 -6.61 3.54 9.02
CA SER A 24 -6.25 3.98 7.65
C SER A 24 -4.75 4.24 7.55
N TYR A 25 -4.22 4.17 6.36
CA TYR A 25 -2.76 4.42 6.15
C TYR A 25 -2.56 5.31 4.93
N PHE A 26 -1.64 6.23 5.02
CA PHE A 26 -1.36 7.15 3.89
C PHE A 26 -0.18 6.63 3.07
N LEU A 27 -0.38 6.45 1.80
CA LEU A 27 0.73 5.94 0.94
C LEU A 27 1.31 7.10 0.13
N HIS A 28 2.56 7.40 0.35
CA HIS A 28 3.24 8.50 -0.39
C HIS A 28 4.40 7.93 -1.22
N PHE A 29 4.86 8.69 -2.17
CA PHE A 29 5.98 8.23 -3.02
C PHE A 29 7.22 8.02 -2.15
N SER A 30 7.39 8.87 -1.17
CA SER A 30 8.57 8.74 -0.27
C SER A 30 8.50 7.42 0.50
N GLU A 31 7.34 6.82 0.54
CA GLU A 31 7.20 5.52 1.26
C GLU A 31 7.46 4.36 0.30
N LEU A 32 7.61 4.66 -0.97
CA LEU A 32 7.87 3.57 -1.97
C LEU A 32 9.38 3.44 -2.19
N LEU A 33 9.91 2.30 -1.86
CA LEU A 33 11.37 2.06 -2.05
C LEU A 33 11.71 2.13 -3.54
N ASP A 34 10.87 1.57 -4.36
CA ASP A 34 11.11 1.57 -5.84
C ASP A 34 9.96 2.29 -6.53
N LYS A 35 10.26 3.41 -7.14
CA LYS A 35 9.22 4.20 -7.86
C LYS A 35 8.64 3.35 -9.00
N LYS A 36 9.47 2.58 -9.63
CA LYS A 36 9.00 1.70 -10.75
C LYS A 36 7.97 0.70 -10.23
N ASP A 37 8.11 0.26 -9.03
CA ASP A 37 7.13 -0.73 -8.45
C ASP A 37 5.78 -0.03 -8.25
N GLU A 38 5.73 1.26 -8.49
CA GLU A 38 4.44 2.02 -8.32
C GLU A 38 3.39 1.48 -9.30
N GLY A 39 3.82 1.14 -10.48
CA GLY A 39 2.87 0.60 -11.51
C GLY A 39 2.66 -0.89 -11.27
N LYS A 40 3.37 -1.45 -10.34
CA LYS A 40 3.23 -2.91 -10.04
C LYS A 40 2.26 -3.10 -8.86
N LEU A 41 1.70 -2.02 -8.38
CA LEU A 41 0.76 -2.11 -7.22
C LEU A 41 -0.53 -2.81 -7.64
N VAL A 42 -1.15 -3.52 -6.74
CA VAL A 42 -2.41 -4.24 -7.05
C VAL A 42 -3.58 -3.54 -6.33
N LYS A 43 -4.46 -2.97 -7.12
CA LYS A 43 -5.63 -2.24 -6.54
C LYS A 43 -6.86 -3.17 -6.50
N GLY A 44 -7.64 -3.06 -5.46
CA GLY A 44 -8.86 -3.90 -5.35
C GLY A 44 -8.51 -5.28 -4.79
N SER A 45 -7.43 -5.40 -4.06
CA SER A 45 -7.04 -6.73 -3.51
C SER A 45 -6.34 -6.57 -2.16
N MET A 46 -5.69 -7.62 -1.73
CA MET A 46 -4.96 -7.59 -0.42
C MET A 46 -3.58 -6.96 -0.59
N VAL A 47 -3.13 -6.27 0.42
CA VAL A 47 -1.78 -5.62 0.36
C VAL A 47 -1.05 -5.86 1.67
N HIS A 48 0.25 -5.74 1.65
CA HIS A 48 1.06 -5.96 2.88
C HIS A 48 1.88 -4.70 3.20
N PHE A 49 1.84 -4.28 4.43
CA PHE A 49 2.59 -3.05 4.82
C PHE A 49 2.94 -3.10 6.31
N ASP A 50 3.94 -2.36 6.70
CA ASP A 50 4.36 -2.32 8.13
C ASP A 50 3.83 -1.03 8.78
N PRO A 51 3.56 -1.06 10.07
CA PRO A 51 3.06 0.13 10.80
C PRO A 51 4.14 1.19 10.97
N THR A 52 3.74 2.42 11.17
CA THR A 52 4.73 3.52 11.33
C THR A 52 4.23 4.49 12.42
N PRO A 53 5.10 5.04 13.22
CA PRO A 53 4.73 6.01 14.29
C PRO A 53 3.67 7.00 13.80
N THR A 54 4.06 7.88 12.90
CA THR A 54 3.14 8.91 12.34
C THR A 54 2.12 9.35 13.42
N PRO A 55 2.46 10.32 14.22
CA PRO A 55 1.57 10.81 15.30
C PRO A 55 0.46 11.70 14.76
N LYS A 56 -0.70 11.14 14.57
CA LYS A 56 -1.86 11.89 14.04
C LYS A 56 -1.72 12.08 12.52
N GLY A 57 -1.80 11.00 11.79
CA GLY A 57 -1.67 11.08 10.31
C GLY A 57 -1.64 9.66 9.75
N LEU A 58 -1.06 8.74 10.48
CA LEU A 58 -0.97 7.31 10.03
C LEU A 58 -0.21 7.22 8.71
N ALA A 59 0.64 6.24 8.59
CA ALA A 59 1.42 6.08 7.33
C ALA A 59 1.94 4.65 7.21
N ALA A 60 2.54 4.33 6.10
CA ALA A 60 3.07 2.95 5.90
C ALA A 60 4.46 3.02 5.27
N LYS A 61 5.35 2.18 5.72
CA LYS A 61 6.74 2.15 5.18
C LYS A 61 7.08 0.72 4.77
N ALA A 62 7.90 0.58 3.76
CA ALA A 62 8.29 -0.77 3.27
C ALA A 62 7.03 -1.54 2.88
N ILE A 63 6.25 -0.97 2.01
CA ILE A 63 4.99 -1.65 1.56
C ILE A 63 5.32 -2.74 0.54
N SER A 64 4.76 -3.91 0.72
CA SER A 64 5.01 -5.04 -0.23
C SER A 64 3.76 -5.28 -1.07
N LEU A 65 3.92 -5.25 -2.36
CA LEU A 65 2.77 -5.46 -3.27
C LEU A 65 2.71 -6.95 -3.67
N PRO A 66 1.70 -7.66 -3.25
CA PRO A 66 1.56 -9.11 -3.58
C PRO A 66 1.01 -9.34 -4.99
N LEU A 67 0.66 -10.57 -5.28
CA LEU A 67 0.11 -10.91 -6.62
C LEU A 67 0.87 -10.16 -7.72
N GLU A 68 1.84 -10.82 -8.29
CA GLU A 68 2.65 -10.19 -9.36
C GLU A 68 1.99 -10.46 -10.73
N HIS A 69 2.49 -11.45 -11.43
CA HIS A 69 1.92 -11.81 -12.75
C HIS A 69 2.56 -13.12 -13.22
N HIS A 70 2.01 -14.22 -12.79
CA HIS A 70 2.58 -15.54 -13.18
C HIS A 70 1.49 -16.60 -13.11
N HIS A 71 1.58 -17.61 -13.95
CA HIS A 71 0.58 -18.72 -13.96
C HIS A 71 -0.83 -18.14 -13.76
N HIS A 72 -1.24 -17.29 -14.66
CA HIS A 72 -2.59 -16.67 -14.54
C HIS A 72 -3.08 -16.24 -15.93
N HIS A 73 -4.36 -16.00 -16.06
CA HIS A 73 -4.92 -15.58 -17.37
C HIS A 73 -6.20 -14.78 -17.16
N HIS A 74 -6.57 -14.00 -18.13
CA HIS A 74 -7.81 -13.19 -18.01
C HIS A 74 -8.15 -12.58 -19.37
N MET A 1 -1.55 -7.22 10.67
CA MET A 1 -0.37 -6.56 10.06
C MET A 1 -0.66 -6.29 8.58
N LYS A 2 -1.66 -6.95 8.05
CA LYS A 2 -2.03 -6.76 6.62
C LYS A 2 -3.34 -5.98 6.52
N GLY A 3 -3.78 -5.70 5.33
CA GLY A 3 -5.06 -4.93 5.18
C GLY A 3 -5.47 -4.91 3.71
N LYS A 4 -6.31 -3.97 3.35
CA LYS A 4 -6.78 -3.87 1.94
C LYS A 4 -6.67 -2.41 1.47
N VAL A 5 -6.16 -2.21 0.29
CA VAL A 5 -6.03 -0.83 -0.25
C VAL A 5 -7.35 -0.39 -0.85
N VAL A 6 -8.06 0.46 -0.17
CA VAL A 6 -9.37 0.95 -0.68
C VAL A 6 -9.15 1.86 -1.88
N SER A 7 -8.11 2.64 -1.88
CA SER A 7 -7.85 3.55 -3.03
C SER A 7 -6.36 3.79 -3.18
N TYR A 8 -5.90 3.90 -4.40
CA TYR A 8 -4.46 4.16 -4.67
C TYR A 8 -4.34 5.41 -5.54
N LEU A 9 -4.78 5.32 -6.75
CA LEU A 9 -4.69 6.48 -7.69
C LEU A 9 -3.23 6.93 -7.82
N ALA A 10 -2.65 6.68 -8.97
CA ALA A 10 -1.23 7.09 -9.21
C ALA A 10 -1.21 8.54 -9.68
N ALA A 11 -2.31 9.00 -10.23
CA ALA A 11 -2.37 10.41 -10.72
C ALA A 11 -2.13 11.38 -9.56
N LYS A 12 -2.69 11.08 -8.42
CA LYS A 12 -2.49 11.97 -7.23
C LYS A 12 -1.37 11.39 -6.36
N LYS A 13 -0.86 10.25 -6.75
CA LYS A 13 0.25 9.61 -5.97
C LYS A 13 -0.14 9.48 -4.50
N TYR A 14 -1.38 9.76 -4.17
CA TYR A 14 -1.83 9.66 -2.75
C TYR A 14 -3.14 8.88 -2.68
N GLY A 15 -3.34 8.15 -1.62
CA GLY A 15 -4.59 7.35 -1.49
C GLY A 15 -4.78 6.95 -0.02
N PHE A 16 -5.57 5.95 0.22
CA PHE A 16 -5.81 5.49 1.62
C PHE A 16 -5.82 3.96 1.68
N ILE A 17 -5.52 3.43 2.83
CA ILE A 17 -5.50 1.94 3.00
C ILE A 17 -6.29 1.56 4.24
N GLN A 18 -7.12 0.55 4.15
CA GLN A 18 -7.94 0.14 5.32
C GLN A 18 -7.32 -1.10 5.97
N GLY A 19 -6.92 -0.97 7.21
CA GLY A 19 -6.30 -2.11 7.93
C GLY A 19 -7.33 -3.20 8.24
N ASP A 20 -6.88 -4.40 8.44
CA ASP A 20 -7.80 -5.53 8.76
C ASP A 20 -8.41 -5.31 10.15
N ASP A 21 -7.71 -4.61 11.01
CA ASP A 21 -8.24 -4.37 12.39
C ASP A 21 -9.07 -3.08 12.38
N GLY A 22 -9.32 -2.53 11.23
CA GLY A 22 -10.13 -1.27 11.16
C GLY A 22 -9.20 -0.06 11.30
N GLU A 23 -7.91 -0.28 11.19
CA GLU A 23 -6.94 0.86 11.32
C GLU A 23 -6.58 1.39 9.93
N SER A 24 -6.96 2.61 9.66
CA SER A 24 -6.64 3.21 8.34
C SER A 24 -5.19 3.69 8.32
N TYR A 25 -4.55 3.63 7.18
CA TYR A 25 -3.13 4.08 7.08
C TYR A 25 -2.96 5.01 5.88
N PHE A 26 -2.15 6.04 6.03
CA PHE A 26 -1.93 6.99 4.92
C PHE A 26 -1.00 6.38 3.88
N LEU A 27 -1.24 6.68 2.63
CA LEU A 27 -0.39 6.13 1.54
C LEU A 27 0.37 7.28 0.86
N HIS A 28 1.68 7.19 0.86
CA HIS A 28 2.52 8.25 0.22
C HIS A 28 3.67 7.61 -0.54
N PHE A 29 4.25 8.33 -1.46
CA PHE A 29 5.38 7.79 -2.27
C PHE A 29 6.69 8.01 -1.51
N SER A 30 6.63 8.79 -0.47
CA SER A 30 7.87 9.05 0.34
C SER A 30 8.31 7.76 1.02
N GLU A 31 7.48 6.76 1.02
CA GLU A 31 7.84 5.46 1.68
C GLU A 31 8.11 4.40 0.60
N LEU A 32 7.56 4.56 -0.57
CA LEU A 32 7.79 3.55 -1.63
C LEU A 32 9.29 3.39 -1.89
N LEU A 33 9.75 2.17 -1.86
CA LEU A 33 11.20 1.91 -2.10
C LEU A 33 11.55 2.33 -3.53
N ASP A 34 10.68 2.05 -4.47
CA ASP A 34 10.94 2.43 -5.88
C ASP A 34 9.69 3.12 -6.47
N LYS A 35 9.89 4.25 -7.06
CA LYS A 35 8.75 5.01 -7.67
C LYS A 35 8.13 4.19 -8.81
N LYS A 36 8.96 3.49 -9.53
CA LYS A 36 8.46 2.66 -10.67
C LYS A 36 7.52 1.56 -10.16
N ASP A 37 7.80 1.03 -9.01
CA ASP A 37 6.94 -0.05 -8.44
C ASP A 37 5.52 0.48 -8.22
N GLU A 38 5.31 1.75 -8.42
CA GLU A 38 3.95 2.33 -8.22
C GLU A 38 2.97 1.71 -9.23
N GLY A 39 3.44 1.45 -10.41
CA GLY A 39 2.55 0.86 -11.46
C GLY A 39 2.31 -0.62 -11.17
N LYS A 40 3.00 -1.15 -10.20
CA LYS A 40 2.81 -2.60 -9.85
C LYS A 40 1.82 -2.70 -8.69
N LEU A 41 1.32 -1.58 -8.25
CA LEU A 41 0.33 -1.58 -7.12
C LEU A 41 -0.99 -2.17 -7.60
N VAL A 42 -1.80 -2.63 -6.68
CA VAL A 42 -3.11 -3.23 -7.05
C VAL A 42 -4.24 -2.49 -6.33
N LYS A 43 -5.32 -2.24 -7.03
CA LYS A 43 -6.47 -1.52 -6.43
C LYS A 43 -7.63 -2.50 -6.20
N GLY A 44 -8.18 -2.49 -5.00
CA GLY A 44 -9.31 -3.41 -4.70
C GLY A 44 -8.79 -4.79 -4.30
N SER A 45 -7.58 -4.86 -3.81
CA SER A 45 -7.02 -6.18 -3.40
C SER A 45 -6.22 -6.06 -2.10
N MET A 46 -5.78 -7.18 -1.57
CA MET A 46 -5.01 -7.17 -0.29
C MET A 46 -3.56 -6.76 -0.53
N VAL A 47 -2.99 -6.05 0.41
CA VAL A 47 -1.57 -5.61 0.29
C VAL A 47 -0.85 -5.86 1.62
N HIS A 48 0.46 -5.82 1.62
CA HIS A 48 1.24 -6.06 2.87
C HIS A 48 2.03 -4.81 3.27
N PHE A 49 1.90 -4.39 4.49
CA PHE A 49 2.64 -3.18 4.95
C PHE A 49 2.98 -3.32 6.43
N ASP A 50 3.91 -2.53 6.92
CA ASP A 50 4.30 -2.61 8.35
C ASP A 50 3.69 -1.41 9.12
N PRO A 51 2.74 -1.65 9.99
CA PRO A 51 2.10 -0.55 10.78
C PRO A 51 3.12 0.38 11.44
N THR A 52 2.87 1.66 11.40
CA THR A 52 3.83 2.61 12.03
C THR A 52 3.07 3.88 12.47
N PRO A 53 3.29 4.36 13.67
CA PRO A 53 2.61 5.58 14.19
C PRO A 53 3.17 6.87 13.57
N THR A 54 2.46 7.95 13.71
CA THR A 54 2.96 9.23 13.15
C THR A 54 2.03 10.36 13.62
N PRO A 55 2.54 11.57 13.78
CA PRO A 55 1.72 12.75 14.22
C PRO A 55 0.42 12.85 13.40
N LYS A 56 0.45 12.44 12.16
CA LYS A 56 -0.78 12.52 11.32
C LYS A 56 -1.72 11.37 11.68
N GLY A 57 -1.34 10.58 12.66
CA GLY A 57 -2.20 9.43 13.11
C GLY A 57 -1.49 8.10 12.85
N LEU A 58 -1.67 7.54 11.68
CA LEU A 58 -1.02 6.23 11.36
C LEU A 58 -0.29 6.33 10.02
N ALA A 59 0.78 5.58 9.86
CA ALA A 59 1.56 5.64 8.58
C ALA A 59 1.97 4.23 8.13
N ALA A 60 1.99 4.01 6.83
CA ALA A 60 2.35 2.65 6.30
C ALA A 60 3.78 2.65 5.74
N LYS A 61 4.63 2.15 6.60
CA LYS A 61 6.10 2.04 6.41
C LYS A 61 6.52 0.80 5.59
N ALA A 62 7.55 0.92 4.77
CA ALA A 62 8.02 -0.26 3.96
C ALA A 62 6.82 -1.03 3.41
N ILE A 63 6.11 -0.40 2.51
CA ILE A 63 4.92 -1.07 1.91
C ILE A 63 5.38 -2.11 0.90
N SER A 64 4.76 -3.26 0.90
CA SER A 64 5.16 -4.36 -0.04
C SER A 64 3.96 -4.79 -0.88
N LEU A 65 4.21 -5.19 -2.10
CA LEU A 65 3.11 -5.65 -3.02
C LEU A 65 3.45 -7.06 -3.51
N PRO A 66 3.20 -8.07 -2.70
CA PRO A 66 3.49 -9.49 -3.06
C PRO A 66 2.38 -10.09 -3.93
N LEU A 67 1.27 -9.39 -4.02
CA LEU A 67 0.10 -9.87 -4.83
C LEU A 67 0.00 -11.40 -4.81
N GLU A 68 -0.53 -11.96 -5.85
CA GLU A 68 -0.67 -13.44 -5.92
C GLU A 68 -0.95 -13.83 -7.38
N HIS A 69 -0.51 -13.02 -8.30
CA HIS A 69 -0.75 -13.33 -9.75
C HIS A 69 -0.07 -14.65 -10.09
N HIS A 70 1.16 -14.82 -9.69
CA HIS A 70 1.88 -16.09 -10.00
C HIS A 70 2.93 -16.34 -8.90
N HIS A 71 3.13 -17.57 -8.54
CA HIS A 71 4.14 -17.90 -7.49
C HIS A 71 5.50 -18.09 -8.16
N HIS A 72 5.58 -17.86 -9.44
CA HIS A 72 6.87 -18.03 -10.16
C HIS A 72 7.82 -16.86 -9.86
N HIS A 73 9.09 -17.13 -9.82
CA HIS A 73 10.09 -16.05 -9.53
C HIS A 73 9.70 -15.35 -8.22
N HIS A 74 8.75 -15.90 -7.51
CA HIS A 74 8.31 -15.29 -6.23
C HIS A 74 9.51 -15.17 -5.27
#